data_7RM8
#
_entry.id   7RM8
#
_entity_poly.entity_id   1
_entity_poly.type   'polypeptide(L)'
_entity_poly.pdbx_seq_one_letter_code
;GPMDSFKVVLEGPAPWGFRLQGGKDFNVPLSISRLTPGGKAAQAGVAVGDWVLSIDGENAGSLTHIEAQNKIRACGERLS
LGLSRAGASAGASAGASAHGNFAFEGIGDEDL
;
_entity_poly.pdbx_strand_id   A
#
# COMPACT_ATOMS: atom_id res chain seq x y z
N MET A 3 1.97 -6.07 -19.19
CA MET A 3 1.01 -5.87 -18.11
C MET A 3 0.43 -4.46 -18.16
N ASP A 4 -0.86 -4.34 -17.86
CA ASP A 4 -1.54 -3.05 -17.88
C ASP A 4 -1.41 -2.36 -16.52
N SER A 5 -0.80 -1.17 -16.52
CA SER A 5 -0.61 -0.41 -15.29
C SER A 5 -1.79 0.52 -15.04
N PHE A 6 -1.88 1.03 -13.82
CA PHE A 6 -2.96 1.94 -13.44
C PHE A 6 -2.59 2.74 -12.21
N LYS A 7 -3.46 3.68 -11.84
CA LYS A 7 -3.23 4.54 -10.68
C LYS A 7 -4.45 4.56 -9.77
N VAL A 8 -4.23 4.89 -8.50
CA VAL A 8 -5.32 4.96 -7.52
C VAL A 8 -5.03 5.98 -6.44
N VAL A 9 -5.87 7.01 -6.36
CA VAL A 9 -5.71 8.06 -5.37
C VAL A 9 -6.73 7.93 -4.25
N LEU A 10 -6.25 7.90 -3.01
CA LEU A 10 -7.13 7.77 -1.85
C LEU A 10 -7.14 9.06 -1.04
N GLU A 11 -8.27 9.77 -1.06
CA GLU A 11 -8.40 11.02 -0.32
C GLU A 11 -9.53 10.92 0.70
N GLY A 12 -9.20 11.15 1.96
CA GLY A 12 -10.20 11.09 3.02
C GLY A 12 -9.71 11.69 4.32
N PRO A 13 -10.64 11.94 5.24
CA PRO A 13 -10.33 12.53 6.55
C PRO A 13 -9.55 11.57 7.44
N ALA A 14 -10.04 10.34 7.54
CA ALA A 14 -9.39 9.32 8.36
C ALA A 14 -8.11 8.82 7.70
N PRO A 15 -7.25 8.18 8.49
CA PRO A 15 -5.98 7.62 8.00
C PRO A 15 -6.18 6.42 7.10
N TRP A 16 -5.08 5.87 6.60
CA TRP A 16 -5.13 4.71 5.72
C TRP A 16 -5.12 3.41 6.53
N GLY A 17 -5.33 2.29 5.84
CA GLY A 17 -5.34 1.01 6.50
C GLY A 17 -4.52 -0.04 5.76
N PHE A 18 -3.39 0.39 5.20
CA PHE A 18 -2.52 -0.53 4.45
C PHE A 18 -1.07 -0.30 4.83
N ARG A 19 -0.21 -1.22 4.39
CA ARG A 19 1.22 -1.14 4.68
C ARG A 19 2.04 -1.26 3.41
N LEU A 20 3.35 -1.05 3.53
CA LEU A 20 4.25 -1.14 2.38
C LEU A 20 5.53 -1.88 2.75
N GLN A 21 6.25 -2.36 1.74
CA GLN A 21 7.49 -3.08 1.96
C GLN A 21 8.40 -2.99 0.74
N GLY A 22 9.57 -3.62 0.82
CA GLY A 22 10.52 -3.58 -0.27
C GLY A 22 11.70 -2.68 0.01
N GLY A 23 12.16 -1.95 -1.01
CA GLY A 23 13.29 -1.07 -0.84
C GLY A 23 14.07 -0.88 -2.12
N LYS A 24 13.84 0.24 -2.80
CA LYS A 24 14.52 0.54 -4.05
C LYS A 24 16.04 0.50 -3.86
N ASP A 25 16.52 1.18 -2.81
CA ASP A 25 17.94 1.22 -2.51
C ASP A 25 18.53 -0.18 -2.44
N PHE A 26 17.72 -1.12 -1.96
CA PHE A 26 18.15 -2.51 -1.83
C PHE A 26 17.77 -3.32 -3.07
N ASN A 27 17.67 -2.65 -4.21
CA ASN A 27 17.32 -3.31 -5.46
C ASN A 27 16.05 -4.14 -5.29
N VAL A 28 15.17 -3.69 -4.40
CA VAL A 28 13.92 -4.39 -4.14
C VAL A 28 12.71 -3.51 -4.47
N PRO A 29 11.75 -4.09 -5.20
CA PRO A 29 10.53 -3.38 -5.60
C PRO A 29 9.61 -3.10 -4.42
N LEU A 30 8.82 -2.03 -4.54
CA LEU A 30 7.89 -1.66 -3.47
C LEU A 30 6.51 -2.28 -3.71
N SER A 31 5.87 -2.70 -2.63
CA SER A 31 4.54 -3.32 -2.72
C SER A 31 3.81 -3.21 -1.39
N ILE A 32 2.52 -3.53 -1.41
CA ILE A 32 1.70 -3.48 -0.20
C ILE A 32 1.92 -4.71 0.66
N SER A 33 2.14 -4.48 1.95
CA SER A 33 2.36 -5.58 2.90
C SER A 33 1.04 -6.12 3.42
N ARG A 34 0.17 -5.22 3.86
CA ARG A 34 -1.14 -5.61 4.39
C ARG A 34 -2.21 -4.61 3.99
N LEU A 35 -3.45 -5.08 3.90
CA LEU A 35 -4.56 -4.22 3.53
C LEU A 35 -5.86 -4.68 4.21
N THR A 36 -6.31 -3.89 5.19
CA THR A 36 -7.53 -4.21 5.91
C THR A 36 -8.72 -4.33 4.97
N PRO A 37 -9.64 -5.26 5.28
CA PRO A 37 -10.84 -5.48 4.47
C PRO A 37 -11.83 -4.33 4.57
N GLY A 38 -12.21 -3.78 3.42
CA GLY A 38 -13.15 -2.67 3.40
C GLY A 38 -12.58 -1.41 4.01
N GLY A 39 -11.26 -1.35 4.11
CA GLY A 39 -10.61 -0.19 4.68
C GLY A 39 -10.60 0.99 3.74
N LYS A 40 -9.79 2.00 4.05
CA LYS A 40 -9.69 3.20 3.23
C LYS A 40 -9.10 2.87 1.86
N ALA A 41 -7.90 2.29 1.87
CA ALA A 41 -7.22 1.92 0.63
C ALA A 41 -8.10 1.02 -0.23
N ALA A 42 -8.87 0.16 0.43
CA ALA A 42 -9.76 -0.77 -0.28
C ALA A 42 -10.80 0.00 -1.10
N GLN A 43 -11.26 1.12 -0.56
CA GLN A 43 -12.25 1.93 -1.25
C GLN A 43 -11.79 2.29 -2.66
N ALA A 44 -10.53 2.68 -2.79
CA ALA A 44 -9.97 3.05 -4.08
C ALA A 44 -9.85 1.82 -4.99
N GLY A 45 -9.68 0.66 -4.38
CA GLY A 45 -9.56 -0.57 -5.14
C GLY A 45 -8.17 -1.18 -5.04
N VAL A 46 -7.49 -0.91 -3.94
CA VAL A 46 -6.14 -1.44 -3.73
C VAL A 46 -6.19 -2.77 -3.01
N ALA A 47 -5.26 -3.66 -3.37
CA ALA A 47 -5.19 -4.98 -2.76
C ALA A 47 -3.74 -5.36 -2.44
N VAL A 48 -3.53 -5.88 -1.23
CA VAL A 48 -2.20 -6.28 -0.79
C VAL A 48 -1.53 -7.19 -1.82
N GLY A 49 -0.29 -6.85 -2.18
CA GLY A 49 0.43 -7.64 -3.16
C GLY A 49 0.80 -6.85 -4.39
N ASP A 50 -0.03 -5.86 -4.74
CA ASP A 50 0.22 -5.03 -5.90
C ASP A 50 1.63 -4.45 -5.87
N TRP A 51 2.12 -4.03 -7.03
CA TRP A 51 3.46 -3.47 -7.14
C TRP A 51 3.40 -1.94 -7.22
N VAL A 52 3.92 -1.28 -6.19
CA VAL A 52 3.93 0.17 -6.15
C VAL A 52 4.92 0.76 -7.16
N LEU A 53 4.50 1.81 -7.85
CA LEU A 53 5.35 2.45 -8.85
C LEU A 53 5.67 3.88 -8.44
N SER A 54 4.72 4.55 -7.80
CA SER A 54 4.92 5.92 -7.35
C SER A 54 4.01 6.24 -6.17
N ILE A 55 4.41 7.24 -5.38
CA ILE A 55 3.63 7.64 -4.21
C ILE A 55 3.38 9.15 -4.21
N ASP A 56 2.18 9.54 -3.84
CA ASP A 56 1.81 10.95 -3.79
C ASP A 56 2.08 11.62 -5.13
N GLY A 57 1.95 10.85 -6.21
CA GLY A 57 2.17 11.40 -7.54
C GLY A 57 3.64 11.57 -7.85
N GLU A 58 4.50 10.84 -7.13
CA GLU A 58 5.93 10.92 -7.33
C GLU A 58 6.56 9.53 -7.44
N ASN A 59 7.30 9.30 -8.52
CA ASN A 59 7.94 8.00 -8.74
C ASN A 59 8.70 7.56 -7.50
N ALA A 60 8.44 6.33 -7.07
CA ALA A 60 9.12 5.77 -5.89
C ALA A 60 10.34 4.97 -6.29
N GLY A 61 10.92 5.28 -7.45
CA GLY A 61 12.09 4.58 -7.92
C GLY A 61 13.38 5.20 -7.42
N SER A 62 13.25 6.28 -6.65
CA SER A 62 14.42 6.97 -6.11
C SER A 62 14.39 6.97 -4.58
N LEU A 63 13.26 6.57 -4.02
CA LEU A 63 13.11 6.51 -2.57
C LEU A 63 13.25 5.10 -2.05
N THR A 64 13.55 4.96 -0.77
CA THR A 64 13.72 3.65 -0.15
C THR A 64 12.45 3.22 0.57
N HIS A 65 12.52 2.08 1.27
CA HIS A 65 11.38 1.56 2.01
C HIS A 65 10.91 2.57 3.06
N ILE A 66 11.82 2.94 3.96
CA ILE A 66 11.49 3.89 5.01
C ILE A 66 11.01 5.21 4.43
N GLU A 67 11.64 5.64 3.34
CA GLU A 67 11.27 6.90 2.69
C GLU A 67 9.88 6.81 2.10
N ALA A 68 9.57 5.67 1.48
CA ALA A 68 8.26 5.46 0.88
C ALA A 68 7.14 5.78 1.86
N GLN A 69 7.33 5.41 3.12
CA GLN A 69 6.34 5.65 4.15
C GLN A 69 6.13 7.15 4.36
N ASN A 70 7.23 7.87 4.60
CA ASN A 70 7.16 9.31 4.82
C ASN A 70 6.41 10.00 3.69
N LYS A 71 6.54 9.46 2.49
CA LYS A 71 5.86 10.02 1.33
C LYS A 71 4.34 9.97 1.49
N ILE A 72 3.86 8.90 2.12
CA ILE A 72 2.43 8.73 2.35
C ILE A 72 1.96 9.56 3.54
N ARG A 73 2.60 9.37 4.69
CA ARG A 73 2.24 10.10 5.89
C ARG A 73 2.30 11.60 5.65
N ALA A 74 3.19 12.02 4.77
CA ALA A 74 3.35 13.44 4.44
C ALA A 74 2.09 13.98 3.76
N CYS A 75 1.30 13.07 3.19
CA CYS A 75 0.08 13.47 2.51
C CYS A 75 -0.73 14.45 3.35
N GLY A 76 -1.34 15.43 2.70
CA GLY A 76 -2.14 16.42 3.40
C GLY A 76 -3.54 16.53 2.85
N GLU A 77 -3.65 16.67 1.53
CA GLU A 77 -4.94 16.79 0.87
C GLU A 77 -5.41 15.45 0.32
N ARG A 78 -4.55 14.83 -0.50
CA ARG A 78 -4.88 13.54 -1.09
C ARG A 78 -3.61 12.76 -1.42
N LEU A 79 -3.73 11.44 -1.45
CA LEU A 79 -2.59 10.57 -1.76
C LEU A 79 -2.82 9.81 -3.06
N SER A 80 -1.93 10.02 -4.02
CA SER A 80 -2.02 9.35 -5.31
C SER A 80 -0.93 8.31 -5.47
N LEU A 81 -1.32 7.04 -5.50
CA LEU A 81 -0.36 5.95 -5.65
C LEU A 81 -0.60 5.19 -6.96
N GLY A 82 0.47 4.62 -7.50
CA GLY A 82 0.36 3.88 -8.74
C GLY A 82 0.72 2.42 -8.57
N LEU A 83 -0.15 1.54 -9.06
CA LEU A 83 0.07 0.10 -8.97
C LEU A 83 0.05 -0.55 -10.35
N SER A 84 0.49 -1.81 -10.42
CA SER A 84 0.51 -2.54 -11.67
C SER A 84 -0.02 -3.95 -11.49
N ARG A 85 -0.35 -4.61 -12.59
CA ARG A 85 -0.87 -5.97 -12.56
C ARG A 85 0.24 -6.97 -12.28
N ALA A 86 0.25 -7.50 -11.05
CA ALA A 86 1.27 -8.47 -10.66
C ALA A 86 0.84 -9.89 -11.03
N GLY A 87 1.80 -10.80 -11.10
CA GLY A 87 1.52 -12.18 -11.44
C GLY A 87 1.66 -13.11 -10.26
N ALA A 88 0.55 -13.70 -9.84
CA ALA A 88 0.56 -14.63 -8.71
C ALA A 88 1.08 -13.95 -7.45
N SER A 89 0.73 -12.68 -7.28
CA SER A 89 1.18 -11.91 -6.12
C SER A 89 0.76 -12.60 -4.82
N ALA A 90 -0.53 -12.50 -4.50
CA ALA A 90 -1.06 -13.12 -3.30
C ALA A 90 -2.59 -13.04 -3.26
N GLY A 91 -3.18 -13.48 -2.16
CA GLY A 91 -4.62 -13.45 -2.03
C GLY A 91 -5.07 -13.11 -0.61
N ALA A 92 -6.30 -13.47 -0.28
CA ALA A 92 -6.85 -13.20 1.05
C ALA A 92 -8.21 -13.85 1.22
N SER A 93 -8.83 -13.61 2.37
CA SER A 93 -10.14 -14.18 2.66
C SER A 93 -11.06 -13.12 3.25
N ALA A 94 -12.33 -13.16 2.85
CA ALA A 94 -13.33 -12.20 3.35
C ALA A 94 -14.13 -12.79 4.50
N GLY A 95 -14.59 -14.03 4.32
CA GLY A 95 -15.37 -14.69 5.35
C GLY A 95 -14.66 -14.70 6.69
N ALA A 96 -13.33 -14.79 6.67
CA ALA A 96 -12.54 -14.80 7.89
C ALA A 96 -12.90 -13.63 8.79
N SER A 97 -13.21 -12.49 8.18
CA SER A 97 -13.56 -11.29 8.93
C SER A 97 -14.67 -11.59 9.93
N ALA A 98 -15.61 -12.45 9.53
CA ALA A 98 -16.72 -12.81 10.39
C ALA A 98 -16.23 -13.31 11.74
N HIS A 99 -15.14 -14.06 11.73
CA HIS A 99 -14.56 -14.61 12.96
C HIS A 99 -13.63 -13.59 13.61
N GLY A 100 -13.14 -12.64 12.82
CA GLY A 100 -12.25 -11.62 13.35
C GLY A 100 -10.80 -11.87 12.97
N ASN A 101 -10.59 -12.51 11.82
CA ASN A 101 -9.25 -12.81 11.33
C ASN A 101 -8.52 -11.53 10.95
N PHE A 102 -7.68 -11.03 11.87
CA PHE A 102 -6.91 -9.81 11.62
C PHE A 102 -5.42 -10.06 11.83
N ALA A 103 -4.63 -9.02 11.59
CA ALA A 103 -3.18 -9.12 11.77
C ALA A 103 -2.57 -7.76 12.10
N PHE A 104 -3.32 -6.95 12.85
CA PHE A 104 -2.86 -5.62 13.23
C PHE A 104 -2.56 -5.57 14.73
N GLU A 105 -1.28 -5.49 15.07
CA GLU A 105 -0.87 -5.43 16.47
C GLU A 105 0.64 -5.21 16.59
N GLY A 106 1.03 -4.21 17.36
CA GLY A 106 2.44 -3.92 17.54
C GLY A 106 3.11 -3.44 16.26
N ILE A 107 2.31 -2.88 15.37
CA ILE A 107 2.82 -2.38 14.09
C ILE A 107 2.66 -0.86 14.00
N GLY A 108 3.18 -0.29 12.92
CA GLY A 108 3.09 1.14 12.72
C GLY A 108 4.32 1.72 12.04
N ASP A 109 5.47 1.10 12.29
CA ASP A 109 6.72 1.55 11.69
C ASP A 109 6.60 1.63 10.18
N GLU A 110 5.86 0.69 9.59
CA GLU A 110 5.67 0.65 8.16
C GLU A 110 4.21 0.92 7.79
N ASP A 111 3.31 0.63 8.72
CA ASP A 111 1.88 0.85 8.50
C ASP A 111 1.61 2.25 7.98
N LEU A 112 0.53 2.40 7.22
CA LEU A 112 0.17 3.69 6.66
C LEU A 112 -1.32 3.99 6.87
N MET A 3 1.76 -5.87 -18.41
CA MET A 3 0.84 -5.54 -17.32
C MET A 3 0.30 -4.13 -17.48
N ASP A 4 -1.01 -3.98 -17.30
CA ASP A 4 -1.65 -2.67 -17.41
C ASP A 4 -1.36 -1.81 -16.18
N SER A 5 -0.74 -0.66 -16.39
CA SER A 5 -0.41 0.25 -15.30
C SER A 5 -1.45 1.35 -15.16
N PHE A 6 -1.50 1.97 -13.98
CA PHE A 6 -2.46 3.03 -13.73
C PHE A 6 -2.07 3.82 -12.48
N LYS A 7 -2.82 4.88 -12.19
CA LYS A 7 -2.56 5.71 -11.02
C LYS A 7 -3.84 5.93 -10.22
N VAL A 8 -3.73 5.82 -8.90
CA VAL A 8 -4.87 6.01 -8.02
C VAL A 8 -4.56 7.01 -6.92
N VAL A 9 -5.28 8.12 -6.91
CA VAL A 9 -5.07 9.16 -5.91
C VAL A 9 -6.20 9.16 -4.88
N LEU A 10 -5.83 9.01 -3.61
CA LEU A 10 -6.81 9.00 -2.53
C LEU A 10 -6.72 10.27 -1.69
N GLU A 11 -7.78 11.08 -1.75
CA GLU A 11 -7.82 12.33 -0.99
C GLU A 11 -8.99 12.34 -0.03
N GLY A 12 -8.70 12.46 1.26
CA GLY A 12 -9.75 12.48 2.26
C GLY A 12 -9.24 12.94 3.62
N PRO A 13 -10.18 13.32 4.51
CA PRO A 13 -9.84 13.79 5.85
C PRO A 13 -9.32 12.67 6.74
N ALA A 14 -10.03 11.55 6.76
CA ALA A 14 -9.64 10.40 7.56
C ALA A 14 -8.38 9.75 7.01
N PRO A 15 -7.71 8.94 7.85
CA PRO A 15 -6.48 8.23 7.46
C PRO A 15 -6.75 7.13 6.45
N TRP A 16 -5.67 6.51 5.96
CA TRP A 16 -5.79 5.44 4.98
C TRP A 16 -5.99 4.09 5.67
N GLY A 17 -6.26 3.06 4.88
CA GLY A 17 -6.48 1.74 5.43
C GLY A 17 -5.70 0.66 4.69
N PHE A 18 -4.49 1.01 4.25
CA PHE A 18 -3.66 0.07 3.51
C PHE A 18 -2.21 0.14 4.00
N ARG A 19 -1.40 -0.84 3.59
CA ARG A 19 0.00 -0.89 3.99
C ARG A 19 0.90 -1.10 2.77
N LEU A 20 2.20 -1.03 2.99
CA LEU A 20 3.17 -1.22 1.91
C LEU A 20 4.31 -2.11 2.36
N GLN A 21 5.04 -2.66 1.39
CA GLN A 21 6.16 -3.55 1.69
C GLN A 21 7.19 -3.51 0.57
N GLY A 22 8.26 -4.28 0.72
CA GLY A 22 9.31 -4.31 -0.29
C GLY A 22 10.55 -3.56 0.14
N GLY A 23 11.19 -2.89 -0.81
CA GLY A 23 12.39 -2.13 -0.52
C GLY A 23 13.29 -1.97 -1.72
N LYS A 24 13.21 -0.81 -2.36
CA LYS A 24 14.03 -0.53 -3.55
C LYS A 24 15.51 -0.68 -3.23
N ASP A 25 15.94 -0.10 -2.11
CA ASP A 25 17.33 -0.18 -1.71
C ASP A 25 17.81 -1.63 -1.64
N PHE A 26 16.89 -2.52 -1.28
CA PHE A 26 17.20 -3.95 -1.18
C PHE A 26 16.86 -4.67 -2.47
N ASN A 27 16.94 -3.96 -3.59
CA ASN A 27 16.64 -4.53 -4.89
C ASN A 27 15.29 -5.26 -4.87
N VAL A 28 14.38 -4.77 -4.04
CA VAL A 28 13.05 -5.37 -3.91
C VAL A 28 11.96 -4.38 -4.30
N PRO A 29 11.02 -4.83 -5.15
CA PRO A 29 9.90 -4.00 -5.60
C PRO A 29 8.91 -3.69 -4.48
N LEU A 30 8.26 -2.54 -4.59
CA LEU A 30 7.27 -2.13 -3.59
C LEU A 30 5.87 -2.58 -3.98
N SER A 31 5.06 -2.92 -2.99
CA SER A 31 3.70 -3.37 -3.23
C SER A 31 2.83 -3.19 -2.00
N ILE A 32 1.53 -3.37 -2.15
CA ILE A 32 0.59 -3.23 -1.05
C ILE A 32 0.62 -4.45 -0.14
N SER A 33 0.88 -4.22 1.15
CA SER A 33 0.94 -5.30 2.12
C SER A 33 -0.46 -5.77 2.50
N ARG A 34 -1.29 -4.83 2.94
CA ARG A 34 -2.66 -5.14 3.34
C ARG A 34 -3.62 -4.03 2.92
N LEU A 35 -4.87 -4.39 2.71
CA LEU A 35 -5.90 -3.43 2.30
C LEU A 35 -7.26 -3.81 2.85
N THR A 36 -7.84 -2.91 3.66
CA THR A 36 -9.15 -3.16 4.24
C THR A 36 -10.25 -3.09 3.20
N PRO A 37 -11.27 -3.95 3.35
CA PRO A 37 -12.40 -4.02 2.42
C PRO A 37 -13.30 -2.79 2.52
N GLY A 38 -13.53 -2.14 1.39
CA GLY A 38 -14.38 -0.95 1.38
C GLY A 38 -13.76 0.21 2.13
N GLY A 39 -12.44 0.15 2.34
CA GLY A 39 -11.75 1.21 3.05
C GLY A 39 -11.47 2.40 2.16
N LYS A 40 -10.66 3.33 2.66
CA LYS A 40 -10.30 4.53 1.92
C LYS A 40 -9.53 4.16 0.65
N ALA A 41 -8.40 3.49 0.83
CA ALA A 41 -7.56 3.08 -0.29
C ALA A 41 -8.39 2.35 -1.35
N ALA A 42 -9.37 1.58 -0.89
CA ALA A 42 -10.24 0.83 -1.80
C ALA A 42 -11.06 1.78 -2.68
N GLN A 43 -11.52 2.87 -2.09
CA GLN A 43 -12.32 3.85 -2.81
C GLN A 43 -11.63 4.27 -4.10
N ALA A 44 -10.32 4.51 -4.02
CA ALA A 44 -9.55 4.91 -5.18
C ALA A 44 -9.45 3.78 -6.20
N GLY A 45 -9.51 2.54 -5.72
CA GLY A 45 -9.43 1.40 -6.59
C GLY A 45 -8.17 0.59 -6.37
N VAL A 46 -7.64 0.65 -5.16
CA VAL A 46 -6.43 -0.08 -4.81
C VAL A 46 -6.75 -1.48 -4.27
N ALA A 47 -5.83 -2.42 -4.46
CA ALA A 47 -6.03 -3.78 -3.99
C ALA A 47 -4.71 -4.41 -3.57
N VAL A 48 -4.70 -5.05 -2.40
CA VAL A 48 -3.50 -5.68 -1.88
C VAL A 48 -2.88 -6.61 -2.93
N GLY A 49 -1.58 -6.43 -3.17
CA GLY A 49 -0.90 -7.26 -4.15
C GLY A 49 -0.31 -6.45 -5.29
N ASP A 50 -1.00 -5.38 -5.66
CA ASP A 50 -0.55 -4.52 -6.75
C ASP A 50 0.89 -4.07 -6.52
N TRP A 51 1.55 -3.65 -7.60
CA TRP A 51 2.93 -3.20 -7.53
C TRP A 51 3.01 -1.68 -7.50
N VAL A 52 3.63 -1.13 -6.47
CA VAL A 52 3.78 0.31 -6.33
C VAL A 52 4.86 0.84 -7.26
N LEU A 53 4.58 1.97 -7.91
CA LEU A 53 5.53 2.58 -8.84
C LEU A 53 5.97 3.95 -8.32
N SER A 54 5.05 4.67 -7.69
CA SER A 54 5.35 6.00 -7.16
C SER A 54 4.39 6.35 -6.02
N ILE A 55 4.83 7.27 -5.17
CA ILE A 55 4.01 7.70 -4.04
C ILE A 55 3.92 9.22 -3.97
N ASP A 56 2.72 9.73 -3.70
CA ASP A 56 2.50 11.17 -3.60
C ASP A 56 2.93 11.87 -4.89
N GLY A 57 2.80 11.16 -6.01
CA GLY A 57 3.18 11.73 -7.29
C GLY A 57 4.68 11.78 -7.49
N GLU A 58 5.39 10.93 -6.74
CA GLU A 58 6.85 10.88 -6.84
C GLU A 58 7.34 9.43 -6.98
N ASN A 59 8.14 9.18 -8.00
CA ASN A 59 8.66 7.84 -8.25
C ASN A 59 9.27 7.26 -6.96
N ALA A 60 8.86 6.03 -6.63
CA ALA A 60 9.36 5.36 -5.44
C ALA A 60 10.51 4.43 -5.78
N GLY A 61 11.21 4.73 -6.87
CA GLY A 61 12.33 3.90 -7.29
C GLY A 61 13.64 4.34 -6.66
N SER A 62 13.58 5.39 -5.84
CA SER A 62 14.76 5.91 -5.18
C SER A 62 14.61 5.86 -3.66
N LEU A 63 13.39 5.57 -3.20
CA LEU A 63 13.11 5.49 -1.78
C LEU A 63 13.04 4.03 -1.32
N THR A 64 13.24 3.81 -0.02
CA THR A 64 13.20 2.47 0.54
C THR A 64 11.84 2.18 1.16
N HIS A 65 11.74 1.02 1.81
CA HIS A 65 10.49 0.62 2.45
C HIS A 65 10.06 1.63 3.51
N ILE A 66 10.93 1.86 4.49
CA ILE A 66 10.65 2.79 5.56
C ILE A 66 10.37 4.19 5.01
N GLU A 67 11.12 4.58 3.98
CA GLU A 67 10.94 5.89 3.37
C GLU A 67 9.58 5.98 2.67
N ALA A 68 9.20 4.91 1.97
CA ALA A 68 7.93 4.88 1.26
C ALA A 68 6.78 5.26 2.19
N GLN A 69 6.85 4.80 3.44
CA GLN A 69 5.81 5.09 4.41
C GLN A 69 5.74 6.59 4.70
N ASN A 70 6.88 7.19 5.01
CA ASN A 70 6.94 8.62 5.30
C ASN A 70 6.36 9.43 4.15
N LYS A 71 6.55 8.94 2.93
CA LYS A 71 6.04 9.61 1.74
C LYS A 71 4.52 9.74 1.79
N ILE A 72 3.87 8.72 2.33
CA ILE A 72 2.41 8.72 2.43
C ILE A 72 1.94 9.57 3.62
N ARG A 73 2.48 9.26 4.80
CA ARG A 73 2.11 9.99 6.01
C ARG A 73 2.34 11.48 5.83
N ALA A 74 3.35 11.82 5.03
CA ALA A 74 3.68 13.23 4.77
C ALA A 74 2.55 13.92 4.02
N CYS A 75 1.70 13.14 3.37
CA CYS A 75 0.58 13.69 2.62
C CYS A 75 -0.17 14.72 3.45
N GLY A 76 -0.62 15.79 2.78
CA GLY A 76 -1.35 16.84 3.46
C GLY A 76 -2.69 17.13 2.83
N GLU A 77 -2.69 17.32 1.51
CA GLU A 77 -3.92 17.61 0.78
C GLU A 77 -4.47 16.35 0.14
N ARG A 78 -3.64 15.68 -0.65
CA ARG A 78 -4.05 14.46 -1.34
C ARG A 78 -2.85 13.55 -1.59
N LEU A 79 -3.11 12.25 -1.72
CA LEU A 79 -2.06 11.27 -1.96
C LEU A 79 -2.25 10.58 -3.30
N SER A 80 -1.27 10.74 -4.19
CA SER A 80 -1.33 10.14 -5.52
C SER A 80 -0.32 8.99 -5.63
N LEU A 81 -0.83 7.77 -5.71
CA LEU A 81 0.04 6.59 -5.83
C LEU A 81 -0.19 5.90 -7.17
N GLY A 82 0.86 5.24 -7.66
CA GLY A 82 0.77 4.53 -8.93
C GLY A 82 0.90 3.03 -8.77
N LEU A 83 -0.11 2.29 -9.22
CA LEU A 83 -0.09 0.84 -9.13
C LEU A 83 -0.18 0.21 -10.51
N SER A 84 0.19 -1.07 -10.59
CA SER A 84 0.15 -1.79 -11.85
C SER A 84 -0.50 -3.17 -11.67
N ARG A 85 -0.94 -3.75 -12.78
CA ARG A 85 -1.57 -5.07 -12.75
C ARG A 85 -0.57 -6.15 -12.40
N ALA A 86 -0.58 -6.58 -11.13
CA ALA A 86 0.33 -7.62 -10.67
C ALA A 86 -0.08 -8.98 -11.21
N GLY A 87 0.93 -9.81 -11.49
CA GLY A 87 0.65 -11.14 -12.02
C GLY A 87 0.84 -12.22 -10.98
N ALA A 88 1.94 -12.15 -10.25
CA ALA A 88 2.24 -13.14 -9.21
C ALA A 88 1.92 -12.59 -7.82
N SER A 89 0.72 -12.04 -7.67
CA SER A 89 0.29 -11.48 -6.40
C SER A 89 -0.01 -12.57 -5.38
N ALA A 90 0.47 -12.39 -4.16
CA ALA A 90 0.25 -13.36 -3.09
C ALA A 90 -1.07 -13.11 -2.37
N GLY A 91 -1.74 -14.18 -1.99
CA GLY A 91 -3.01 -14.05 -1.30
C GLY A 91 -2.84 -13.90 0.21
N ALA A 92 -3.96 -13.82 0.92
CA ALA A 92 -3.93 -13.68 2.37
C ALA A 92 -3.44 -14.95 3.04
N SER A 93 -3.02 -14.84 4.30
CA SER A 93 -2.53 -15.98 5.05
C SER A 93 -3.61 -16.53 5.98
N ALA A 94 -3.80 -17.84 5.95
CA ALA A 94 -4.81 -18.49 6.79
C ALA A 94 -4.24 -18.82 8.17
N GLY A 95 -2.98 -19.27 8.19
CA GLY A 95 -2.34 -19.62 9.44
C GLY A 95 -2.28 -18.45 10.40
N ALA A 96 -2.05 -17.25 9.86
CA ALA A 96 -1.98 -16.05 10.68
C ALA A 96 -3.23 -15.88 11.53
N SER A 97 -4.39 -16.11 10.93
CA SER A 97 -5.66 -15.97 11.63
C SER A 97 -6.23 -17.34 12.00
N ALA A 98 -6.16 -17.68 13.28
CA ALA A 98 -6.66 -18.95 13.77
C ALA A 98 -8.14 -18.87 14.11
N HIS A 99 -8.54 -17.74 14.69
CA HIS A 99 -9.93 -17.52 15.07
C HIS A 99 -10.64 -16.62 14.08
N GLY A 100 -9.86 -15.83 13.34
CA GLY A 100 -10.44 -14.93 12.36
C GLY A 100 -11.25 -13.83 12.99
N ASN A 101 -10.91 -13.46 14.21
CA ASN A 101 -11.61 -12.40 14.93
C ASN A 101 -11.06 -11.02 14.57
N PHE A 102 -9.75 -10.96 14.37
CA PHE A 102 -9.10 -9.70 14.03
C PHE A 102 -7.83 -9.96 13.20
N ALA A 103 -7.15 -8.88 12.83
CA ALA A 103 -5.93 -8.98 12.05
C ALA A 103 -4.96 -7.86 12.40
N PHE A 104 -4.95 -7.45 13.67
CA PHE A 104 -4.08 -6.40 14.13
C PHE A 104 -3.00 -6.94 15.06
N GLU A 105 -1.76 -6.96 14.58
CA GLU A 105 -0.64 -7.48 15.36
C GLU A 105 0.67 -7.28 14.62
N GLY A 106 1.65 -6.68 15.30
CA GLY A 106 2.95 -6.44 14.70
C GLY A 106 2.88 -5.45 13.56
N ILE A 107 1.86 -4.58 13.59
CA ILE A 107 1.69 -3.58 12.55
C ILE A 107 1.86 -2.18 13.12
N GLY A 108 1.79 -1.18 12.24
CA GLY A 108 1.94 0.20 12.66
C GLY A 108 3.07 0.92 11.94
N ASP A 109 4.16 0.20 11.69
CA ASP A 109 5.31 0.78 11.01
C ASP A 109 5.04 0.90 9.51
N GLU A 110 4.34 -0.09 8.95
CA GLU A 110 4.02 -0.08 7.53
C GLU A 110 2.60 0.44 7.29
N ASP A 111 1.76 0.30 8.30
CA ASP A 111 0.37 0.75 8.21
C ASP A 111 0.30 2.19 7.71
N LEU A 112 -0.54 2.44 6.72
CA LEU A 112 -0.70 3.77 6.16
C LEU A 112 -2.12 4.28 6.34
N MET A 3 1.77 -6.36 -18.65
CA MET A 3 0.83 -6.20 -17.55
C MET A 3 0.15 -4.83 -17.61
N ASP A 4 -1.12 -4.78 -17.23
CA ASP A 4 -1.87 -3.53 -17.24
C ASP A 4 -1.68 -2.77 -15.93
N SER A 5 -1.16 -1.55 -16.03
CA SER A 5 -0.92 -0.73 -14.85
C SER A 5 -2.06 0.26 -14.64
N PHE A 6 -2.20 0.75 -13.41
CA PHE A 6 -3.25 1.70 -13.08
C PHE A 6 -2.84 2.58 -11.91
N LYS A 7 -3.70 3.53 -11.54
CA LYS A 7 -3.43 4.44 -10.44
C LYS A 7 -4.66 4.59 -9.55
N VAL A 8 -4.42 4.70 -8.25
CA VAL A 8 -5.51 4.86 -7.29
C VAL A 8 -5.17 5.91 -6.23
N VAL A 9 -5.97 6.98 -6.20
CA VAL A 9 -5.75 8.05 -5.23
C VAL A 9 -6.76 7.99 -4.10
N LEU A 10 -6.26 7.88 -2.88
CA LEU A 10 -7.13 7.81 -1.69
C LEU A 10 -7.10 9.12 -0.93
N GLU A 11 -8.22 9.84 -0.94
CA GLU A 11 -8.32 11.12 -0.24
C GLU A 11 -9.44 11.07 0.80
N GLY A 12 -9.07 11.31 2.06
CA GLY A 12 -10.04 11.30 3.13
C GLY A 12 -9.50 11.91 4.41
N PRO A 13 -10.41 12.23 5.34
CA PRO A 13 -10.04 12.84 6.63
C PRO A 13 -9.31 11.86 7.54
N ALA A 14 -9.87 10.67 7.69
CA ALA A 14 -9.26 9.64 8.53
C ALA A 14 -8.00 9.07 7.88
N PRO A 15 -7.16 8.41 8.70
CA PRO A 15 -5.91 7.81 8.23
C PRO A 15 -6.15 6.61 7.33
N TRP A 16 -5.06 6.04 6.80
CA TRP A 16 -5.15 4.89 5.94
C TRP A 16 -5.17 3.59 6.75
N GLY A 17 -5.40 2.47 6.07
CA GLY A 17 -5.44 1.19 6.75
C GLY A 17 -4.65 0.12 6.01
N PHE A 18 -3.53 0.52 5.43
CA PHE A 18 -2.67 -0.41 4.70
C PHE A 18 -1.20 -0.20 5.05
N ARG A 19 -0.36 -1.13 4.62
CA ARG A 19 1.07 -1.06 4.89
C ARG A 19 1.87 -1.23 3.61
N LEU A 20 3.18 -1.03 3.71
CA LEU A 20 4.07 -1.17 2.56
C LEU A 20 5.36 -1.90 2.94
N GLN A 21 6.05 -2.42 1.93
CA GLN A 21 7.29 -3.15 2.17
C GLN A 21 8.20 -3.09 0.93
N GLY A 22 9.36 -3.73 1.03
CA GLY A 22 10.29 -3.73 -0.09
C GLY A 22 11.49 -2.84 0.16
N GLY A 23 11.94 -2.16 -0.90
CA GLY A 23 13.09 -1.28 -0.77
C GLY A 23 13.85 -1.13 -2.07
N LYS A 24 13.61 -0.02 -2.77
CA LYS A 24 14.28 0.25 -4.04
C LYS A 24 15.80 0.21 -3.87
N ASP A 25 16.29 0.89 -2.85
CA ASP A 25 17.73 0.94 -2.59
C ASP A 25 18.30 -0.47 -2.49
N PHE A 26 17.50 -1.39 -1.99
CA PHE A 26 17.93 -2.78 -1.84
C PHE A 26 17.52 -3.62 -3.05
N ASN A 27 17.41 -2.96 -4.20
CA ASN A 27 17.02 -3.64 -5.43
C ASN A 27 15.75 -4.46 -5.21
N VAL A 28 14.89 -3.99 -4.31
CA VAL A 28 13.64 -4.68 -4.02
C VAL A 28 12.44 -3.80 -4.35
N PRO A 29 11.45 -4.38 -5.05
CA PRO A 29 10.24 -3.67 -5.44
C PRO A 29 9.33 -3.37 -4.25
N LEU A 30 8.56 -2.29 -4.35
CA LEU A 30 7.65 -1.89 -3.29
C LEU A 30 6.27 -2.49 -3.51
N SER A 31 5.62 -2.88 -2.41
CA SER A 31 4.29 -3.47 -2.48
C SER A 31 3.57 -3.33 -1.14
N ILE A 32 2.28 -3.64 -1.14
CA ILE A 32 1.47 -3.56 0.07
C ILE A 32 1.68 -4.78 0.96
N SER A 33 1.89 -4.54 2.24
CA SER A 33 2.11 -5.63 3.20
C SER A 33 0.79 -6.12 3.77
N ARG A 34 -0.09 -5.19 4.12
CA ARG A 34 -1.39 -5.53 4.68
C ARG A 34 -2.44 -4.51 4.27
N LEU A 35 -3.69 -4.97 4.17
CA LEU A 35 -4.80 -4.09 3.79
C LEU A 35 -6.10 -4.51 4.46
N THR A 36 -6.55 -3.71 5.41
CA THR A 36 -7.79 -4.00 6.14
C THR A 36 -8.97 -4.12 5.18
N PRO A 37 -9.89 -5.03 5.51
CA PRO A 37 -11.09 -5.27 4.70
C PRO A 37 -12.07 -4.10 4.76
N GLY A 38 -12.43 -3.58 3.59
CA GLY A 38 -13.37 -2.47 3.52
C GLY A 38 -12.79 -1.20 4.11
N GLY A 39 -11.46 -1.15 4.22
CA GLY A 39 -10.81 0.02 4.77
C GLY A 39 -10.72 1.16 3.77
N LYS A 40 -9.97 2.20 4.11
CA LYS A 40 -9.81 3.35 3.24
C LYS A 40 -9.19 2.95 1.91
N ALA A 41 -7.99 2.38 1.97
CA ALA A 41 -7.29 1.95 0.77
C ALA A 41 -8.17 1.04 -0.09
N ALA A 42 -9.00 0.24 0.57
CA ALA A 42 -9.90 -0.67 -0.13
C ALA A 42 -10.94 0.10 -0.94
N GLN A 43 -11.40 1.22 -0.38
CA GLN A 43 -12.41 2.05 -1.05
C GLN A 43 -11.97 2.38 -2.48
N ALA A 44 -10.71 2.76 -2.64
CA ALA A 44 -10.16 3.10 -3.94
C ALA A 44 -10.07 1.87 -4.84
N GLY A 45 -9.90 0.70 -4.21
CA GLY A 45 -9.79 -0.53 -4.97
C GLY A 45 -8.42 -1.15 -4.86
N VAL A 46 -7.73 -0.89 -3.76
CA VAL A 46 -6.40 -1.44 -3.53
C VAL A 46 -6.47 -2.76 -2.79
N ALA A 47 -5.52 -3.65 -3.08
CA ALA A 47 -5.47 -4.95 -2.44
C ALA A 47 -4.03 -5.36 -2.11
N VAL A 48 -3.83 -5.88 -0.91
CA VAL A 48 -2.50 -6.30 -0.48
C VAL A 48 -1.86 -7.21 -1.51
N GLY A 49 -0.61 -6.90 -1.88
CA GLY A 49 0.10 -7.71 -2.85
C GLY A 49 0.47 -6.92 -4.09
N ASP A 50 -0.34 -5.93 -4.43
CA ASP A 50 -0.09 -5.11 -5.60
C ASP A 50 1.34 -4.56 -5.59
N TRP A 51 1.82 -4.16 -6.76
CA TRP A 51 3.18 -3.63 -6.88
C TRP A 51 3.16 -2.11 -6.98
N VAL A 52 3.68 -1.44 -5.96
CA VAL A 52 3.72 0.01 -5.93
C VAL A 52 4.72 0.56 -6.95
N LEU A 53 4.32 1.61 -7.66
CA LEU A 53 5.17 2.22 -8.66
C LEU A 53 5.52 3.66 -8.28
N SER A 54 4.56 4.34 -7.66
CA SER A 54 4.77 5.72 -7.24
C SER A 54 3.88 6.07 -6.05
N ILE A 55 4.29 7.08 -5.29
CA ILE A 55 3.53 7.51 -4.12
C ILE A 55 3.31 9.02 -4.13
N ASP A 56 2.11 9.44 -3.73
CA ASP A 56 1.77 10.85 -3.69
C ASP A 56 2.01 11.51 -5.06
N GLY A 57 1.81 10.74 -6.12
CA GLY A 57 2.01 11.25 -7.46
C GLY A 57 3.48 11.42 -7.81
N GLU A 58 4.34 10.70 -7.10
CA GLU A 58 5.77 10.78 -7.33
C GLU A 58 6.39 9.38 -7.43
N ASN A 59 7.12 9.13 -8.52
CA ASN A 59 7.76 7.83 -8.72
C ASN A 59 8.52 7.39 -7.48
N ALA A 60 8.28 6.16 -7.05
CA ALA A 60 8.95 5.62 -5.88
C ALA A 60 10.15 4.75 -6.28
N GLY A 61 10.71 5.04 -7.45
CA GLY A 61 11.85 4.28 -7.93
C GLY A 61 13.17 4.86 -7.45
N SER A 62 13.09 5.96 -6.69
CA SER A 62 14.28 6.61 -6.18
C SER A 62 14.28 6.63 -4.65
N LEU A 63 13.14 6.30 -4.07
CA LEU A 63 13.00 6.27 -2.62
C LEU A 63 13.12 4.86 -2.08
N THR A 64 13.45 4.74 -0.79
CA THR A 64 13.59 3.44 -0.16
C THR A 64 12.33 3.05 0.61
N HIS A 65 12.40 1.94 1.33
CA HIS A 65 11.26 1.45 2.10
C HIS A 65 10.82 2.50 3.13
N ILE A 66 11.75 2.87 4.02
CA ILE A 66 11.46 3.85 5.06
C ILE A 66 10.99 5.17 4.44
N GLU A 67 11.61 5.56 3.33
CA GLU A 67 11.26 6.80 2.65
C GLU A 67 9.84 6.71 2.09
N ALA A 68 9.52 5.58 1.48
CA ALA A 68 8.20 5.38 0.89
C ALA A 68 7.10 5.72 1.90
N GLN A 69 7.31 5.35 3.15
CA GLN A 69 6.33 5.62 4.20
C GLN A 69 6.15 7.12 4.40
N ASN A 70 7.25 7.82 4.63
CA ASN A 70 7.21 9.25 4.84
C ASN A 70 6.44 9.95 3.72
N LYS A 71 6.55 9.40 2.52
CA LYS A 71 5.86 9.97 1.36
C LYS A 71 4.34 9.93 1.54
N ILE A 72 3.87 8.87 2.19
CA ILE A 72 2.44 8.72 2.45
C ILE A 72 1.98 9.58 3.62
N ARG A 73 2.63 9.39 4.77
CA ARG A 73 2.31 10.15 5.97
C ARG A 73 2.38 11.65 5.70
N ALA A 74 3.28 12.04 4.80
CA ALA A 74 3.44 13.44 4.45
C ALA A 74 2.20 14.00 3.77
N CYS A 75 1.38 13.09 3.23
CA CYS A 75 0.17 13.49 2.54
C CYS A 75 -0.62 14.50 3.36
N GLY A 76 -1.22 15.48 2.69
CA GLY A 76 -1.99 16.51 3.37
C GLY A 76 -3.39 16.64 2.81
N GLU A 77 -3.49 16.75 1.49
CA GLU A 77 -4.79 16.89 0.85
C GLU A 77 -5.29 15.54 0.32
N ARG A 78 -4.46 14.89 -0.49
CA ARG A 78 -4.81 13.59 -1.06
C ARG A 78 -3.55 12.78 -1.36
N LEU A 79 -3.71 11.46 -1.38
CA LEU A 79 -2.60 10.56 -1.66
C LEU A 79 -2.83 9.78 -2.94
N SER A 80 -1.94 9.95 -3.91
CA SER A 80 -2.06 9.25 -5.19
C SER A 80 -1.00 8.16 -5.31
N LEU A 81 -1.46 6.91 -5.36
CA LEU A 81 -0.56 5.76 -5.47
C LEU A 81 -0.77 5.04 -6.80
N GLY A 82 0.29 4.41 -7.29
CA GLY A 82 0.21 3.69 -8.55
C GLY A 82 0.54 2.22 -8.39
N LEU A 83 -0.39 1.35 -8.81
CA LEU A 83 -0.18 -0.08 -8.72
C LEU A 83 -0.25 -0.74 -10.10
N SER A 84 0.18 -2.00 -10.18
CA SER A 84 0.16 -2.73 -11.44
C SER A 84 -0.35 -4.15 -11.23
N ARG A 85 -0.67 -4.83 -12.32
CA ARG A 85 -1.17 -6.20 -12.26
C ARG A 85 -0.05 -7.17 -11.93
N ALA A 86 -0.06 -7.69 -10.70
CA ALA A 86 0.96 -8.64 -10.27
C ALA A 86 0.60 -10.06 -10.67
N GLY A 87 1.62 -10.90 -10.85
CA GLY A 87 1.38 -12.28 -11.24
C GLY A 87 1.00 -13.15 -10.05
N ALA A 88 1.98 -13.54 -9.26
CA ALA A 88 1.73 -14.38 -8.09
C ALA A 88 1.72 -13.56 -6.81
N SER A 89 1.15 -12.36 -6.89
CA SER A 89 1.09 -11.47 -5.75
C SER A 89 -0.31 -10.86 -5.61
N ALA A 90 -1.22 -11.60 -4.98
CA ALA A 90 -2.58 -11.14 -4.78
C ALA A 90 -3.01 -11.29 -3.32
N GLY A 91 -2.12 -10.91 -2.41
CA GLY A 91 -2.43 -11.02 -0.99
C GLY A 91 -2.88 -12.40 -0.60
N ALA A 92 -3.85 -12.47 0.32
CA ALA A 92 -4.37 -13.75 0.78
C ALA A 92 -5.89 -13.80 0.66
N SER A 93 -6.48 -14.85 1.21
CA SER A 93 -7.93 -15.02 1.17
C SER A 93 -8.64 -13.81 1.78
N ALA A 94 -9.79 -13.45 1.21
CA ALA A 94 -10.56 -12.32 1.71
C ALA A 94 -11.67 -12.79 2.64
N GLY A 95 -12.25 -13.94 2.34
CA GLY A 95 -13.32 -14.48 3.16
C GLY A 95 -12.94 -14.54 4.63
N ALA A 96 -11.67 -14.79 4.90
CA ALA A 96 -11.18 -14.89 6.28
C ALA A 96 -11.59 -13.66 7.08
N SER A 97 -11.60 -12.50 6.42
CA SER A 97 -11.96 -11.25 7.08
C SER A 97 -13.31 -11.38 7.80
N ALA A 98 -14.21 -12.15 7.19
CA ALA A 98 -15.54 -12.36 7.77
C ALA A 98 -15.43 -12.86 9.21
N HIS A 99 -14.44 -13.71 9.46
CA HIS A 99 -14.24 -14.26 10.79
C HIS A 99 -13.56 -13.25 11.70
N GLY A 100 -12.88 -12.28 11.10
CA GLY A 100 -12.19 -11.26 11.88
C GLY A 100 -10.69 -11.48 11.92
N ASN A 101 -10.15 -12.10 10.88
CA ASN A 101 -8.72 -12.37 10.80
C ASN A 101 -7.94 -11.07 10.61
N PHE A 102 -7.40 -10.55 11.71
CA PHE A 102 -6.62 -9.31 11.66
C PHE A 102 -5.16 -9.58 12.00
N ALA A 103 -4.31 -8.57 11.77
CA ALA A 103 -2.89 -8.69 12.04
C ALA A 103 -2.27 -7.33 12.34
N PHE A 104 -3.04 -6.46 12.99
CA PHE A 104 -2.56 -5.12 13.32
C PHE A 104 -2.36 -4.98 14.82
N GLU A 105 -1.10 -4.91 15.25
CA GLU A 105 -0.78 -4.77 16.67
C GLU A 105 0.72 -4.59 16.86
N GLY A 106 1.10 -3.56 17.61
CA GLY A 106 2.50 -3.30 17.87
C GLY A 106 3.26 -2.92 16.60
N ILE A 107 2.53 -2.39 15.62
CA ILE A 107 3.15 -1.99 14.36
C ILE A 107 3.06 -0.48 14.16
N GLY A 108 3.64 0.01 13.08
CA GLY A 108 3.62 1.43 12.80
C GLY A 108 4.76 1.87 11.89
N ASP A 109 5.90 1.20 12.02
CA ASP A 109 7.06 1.52 11.21
C ASP A 109 6.71 1.54 9.72
N GLU A 110 5.82 0.64 9.32
CA GLU A 110 5.40 0.57 7.93
C GLU A 110 3.91 0.89 7.79
N ASP A 111 3.16 0.69 8.86
CA ASP A 111 1.73 0.95 8.86
C ASP A 111 1.44 2.36 8.34
N LEU A 112 0.48 2.45 7.43
CA LEU A 112 0.11 3.74 6.85
C LEU A 112 -1.37 4.04 7.09
N MET A 3 2.68 -5.30 -18.08
CA MET A 3 1.35 -5.42 -17.50
C MET A 3 0.65 -4.06 -17.45
N ASP A 4 -0.67 -4.06 -17.59
CA ASP A 4 -1.44 -2.83 -17.55
C ASP A 4 -1.19 -2.07 -16.26
N SER A 5 -0.89 -0.78 -16.38
CA SER A 5 -0.62 0.05 -15.21
C SER A 5 -1.68 1.14 -15.07
N PHE A 6 -1.76 1.73 -13.88
CA PHE A 6 -2.73 2.77 -13.61
C PHE A 6 -2.33 3.59 -12.38
N LYS A 7 -3.16 4.56 -12.02
CA LYS A 7 -2.89 5.42 -10.87
C LYS A 7 -4.15 5.60 -10.03
N VAL A 8 -4.00 5.47 -8.71
CA VAL A 8 -5.14 5.62 -7.80
C VAL A 8 -4.82 6.63 -6.71
N VAL A 9 -5.58 7.72 -6.67
CA VAL A 9 -5.38 8.77 -5.68
C VAL A 9 -6.47 8.72 -4.62
N LEU A 10 -6.06 8.57 -3.36
CA LEU A 10 -7.00 8.51 -2.25
C LEU A 10 -6.94 9.78 -1.41
N GLU A 11 -8.02 10.55 -1.42
CA GLU A 11 -8.08 11.79 -0.66
C GLU A 11 -9.23 11.75 0.35
N GLY A 12 -8.88 11.86 1.63
CA GLY A 12 -9.89 11.84 2.68
C GLY A 12 -9.34 12.29 4.01
N PRO A 13 -10.24 12.63 4.95
CA PRO A 13 -9.87 13.09 6.29
C PRO A 13 -9.28 11.97 7.14
N ALA A 14 -9.95 10.83 7.17
CA ALA A 14 -9.49 9.69 7.95
C ALA A 14 -8.22 9.09 7.33
N PRO A 15 -7.49 8.29 8.12
CA PRO A 15 -6.26 7.64 7.69
C PRO A 15 -6.52 6.54 6.65
N TRP A 16 -5.44 5.98 6.12
CA TRP A 16 -5.55 4.91 5.12
C TRP A 16 -5.70 3.56 5.80
N GLY A 17 -5.96 2.53 4.99
CA GLY A 17 -6.12 1.20 5.52
C GLY A 17 -5.32 0.16 4.74
N PHE A 18 -4.17 0.58 4.21
CA PHE A 18 -3.32 -0.32 3.44
C PHE A 18 -1.87 -0.23 3.91
N ARG A 19 -1.05 -1.18 3.48
CA ARG A 19 0.35 -1.21 3.85
C ARG A 19 1.24 -1.36 2.63
N LEU A 20 2.54 -1.22 2.83
CA LEU A 20 3.51 -1.34 1.73
C LEU A 20 4.71 -2.16 2.15
N GLN A 21 5.45 -2.67 1.18
CA GLN A 21 6.63 -3.48 1.45
C GLN A 21 7.63 -3.39 0.29
N GLY A 22 8.74 -4.11 0.43
CA GLY A 22 9.76 -4.10 -0.62
C GLY A 22 10.97 -3.27 -0.25
N GLY A 23 11.52 -2.58 -1.23
CA GLY A 23 12.69 -1.75 -0.98
C GLY A 23 13.54 -1.55 -2.23
N LYS A 24 13.41 -0.37 -2.83
CA LYS A 24 14.17 -0.05 -4.04
C LYS A 24 15.67 -0.13 -3.78
N ASP A 25 16.11 0.45 -2.68
CA ASP A 25 17.53 0.44 -2.31
C ASP A 25 18.06 -0.99 -2.28
N PHE A 26 17.21 -1.93 -1.92
CA PHE A 26 17.60 -3.33 -1.85
C PHE A 26 17.25 -4.06 -3.15
N ASN A 27 17.25 -3.32 -4.25
CA ASN A 27 16.93 -3.90 -5.55
C ASN A 27 15.64 -4.70 -5.49
N VAL A 28 14.72 -4.28 -4.62
CA VAL A 28 13.44 -4.96 -4.47
C VAL A 28 12.29 -4.02 -4.79
N PRO A 29 11.34 -4.51 -5.60
CA PRO A 29 10.16 -3.74 -6.00
C PRO A 29 9.20 -3.52 -4.85
N LEU A 30 8.46 -2.41 -4.90
CA LEU A 30 7.50 -2.08 -3.86
C LEU A 30 6.11 -2.59 -4.23
N SER A 31 5.34 -2.98 -3.21
CA SER A 31 3.99 -3.49 -3.43
C SER A 31 3.16 -3.36 -2.16
N ILE A 32 1.85 -3.56 -2.29
CA ILE A 32 0.94 -3.47 -1.15
C ILE A 32 1.05 -4.70 -0.26
N SER A 33 1.22 -4.48 1.04
CA SER A 33 1.34 -5.57 1.99
C SER A 33 -0.04 -6.10 2.38
N ARG A 34 -0.96 -5.18 2.68
CA ARG A 34 -2.30 -5.55 3.07
C ARG A 34 -3.30 -4.45 2.71
N LEU A 35 -4.57 -4.82 2.57
CA LEU A 35 -5.61 -3.87 2.23
C LEU A 35 -6.95 -4.27 2.85
N THR A 36 -7.36 -3.54 3.88
CA THR A 36 -8.61 -3.82 4.56
C THR A 36 -9.79 -3.82 3.58
N PRO A 37 -10.77 -4.69 3.82
CA PRO A 37 -11.96 -4.81 2.97
C PRO A 37 -12.88 -3.60 3.10
N GLY A 38 -13.19 -2.98 1.97
CA GLY A 38 -14.07 -1.82 1.97
C GLY A 38 -13.44 -0.63 2.66
N GLY A 39 -12.11 -0.65 2.79
CA GLY A 39 -11.41 0.44 3.43
C GLY A 39 -11.20 1.63 2.50
N LYS A 40 -10.47 2.63 2.98
CA LYS A 40 -10.21 3.82 2.18
C LYS A 40 -9.45 3.46 0.90
N ALA A 41 -8.31 2.79 1.05
CA ALA A 41 -7.51 2.38 -0.10
C ALA A 41 -8.35 1.61 -1.11
N ALA A 42 -9.30 0.83 -0.61
CA ALA A 42 -10.16 0.02 -1.46
C ALA A 42 -11.09 0.91 -2.28
N GLN A 43 -11.54 2.01 -1.69
CA GLN A 43 -12.43 2.94 -2.36
C GLN A 43 -11.86 3.35 -3.71
N ALA A 44 -10.56 3.66 -3.73
CA ALA A 44 -9.90 4.06 -4.97
C ALA A 44 -9.84 2.91 -5.97
N GLY A 45 -9.82 1.68 -5.45
CA GLY A 45 -9.75 0.52 -6.31
C GLY A 45 -8.44 -0.22 -6.19
N VAL A 46 -7.79 -0.09 -5.03
CA VAL A 46 -6.51 -0.76 -4.79
C VAL A 46 -6.72 -2.13 -4.17
N ALA A 47 -5.79 -3.05 -4.45
CA ALA A 47 -5.86 -4.40 -3.91
C ALA A 47 -4.48 -4.93 -3.55
N VAL A 48 -4.38 -5.56 -2.39
CA VAL A 48 -3.11 -6.11 -1.92
C VAL A 48 -2.46 -6.98 -3.00
N GLY A 49 -1.19 -6.75 -3.26
CA GLY A 49 -0.47 -7.52 -4.25
C GLY A 49 0.05 -6.65 -5.39
N ASP A 50 -0.69 -5.60 -5.72
CA ASP A 50 -0.30 -4.70 -6.79
C ASP A 50 1.13 -4.21 -6.59
N TRP A 51 1.74 -3.72 -7.67
CA TRP A 51 3.12 -3.23 -7.61
C TRP A 51 3.14 -1.70 -7.58
N VAL A 52 3.75 -1.14 -6.54
CA VAL A 52 3.84 0.31 -6.39
C VAL A 52 4.86 0.89 -7.37
N LEU A 53 4.50 2.01 -7.98
CA LEU A 53 5.38 2.67 -8.93
C LEU A 53 5.78 4.06 -8.43
N SER A 54 4.85 4.72 -7.77
CA SER A 54 5.10 6.07 -7.25
C SER A 54 4.18 6.36 -6.06
N ILE A 55 4.60 7.32 -5.22
CA ILE A 55 3.82 7.69 -4.05
C ILE A 55 3.64 9.20 -3.97
N ASP A 56 2.43 9.64 -3.68
CA ASP A 56 2.13 11.06 -3.57
C ASP A 56 2.46 11.79 -4.86
N GLY A 57 2.32 11.09 -5.98
CA GLY A 57 2.60 11.69 -7.27
C GLY A 57 4.09 11.80 -7.54
N GLU A 58 4.88 11.00 -6.84
CA GLU A 58 6.33 11.03 -7.00
C GLU A 58 6.89 9.62 -7.16
N ASN A 59 7.68 9.42 -8.22
CA ASN A 59 8.27 8.11 -8.49
C ASN A 59 8.94 7.55 -7.24
N ALA A 60 8.61 6.30 -6.91
CA ALA A 60 9.18 5.65 -5.74
C ALA A 60 10.35 4.77 -6.12
N GLY A 61 11.00 5.10 -7.24
CA GLY A 61 12.14 4.32 -7.70
C GLY A 61 13.44 4.80 -7.11
N SER A 62 13.38 5.84 -6.28
CA SER A 62 14.56 6.40 -5.66
C SER A 62 14.46 6.33 -4.13
N LEU A 63 13.27 6.00 -3.65
CA LEU A 63 13.04 5.90 -2.21
C LEU A 63 13.04 4.45 -1.76
N THR A 64 13.30 4.22 -0.47
CA THR A 64 13.33 2.88 0.09
C THR A 64 12.02 2.53 0.77
N HIS A 65 11.97 1.36 1.39
CA HIS A 65 10.77 0.91 2.09
C HIS A 65 10.39 1.88 3.20
N ILE A 66 11.31 2.10 4.13
CA ILE A 66 11.08 3.01 5.25
C ILE A 66 10.72 4.40 4.75
N GLU A 67 11.40 4.85 3.70
CA GLU A 67 11.14 6.16 3.14
C GLU A 67 9.73 6.25 2.56
N ALA A 68 9.35 5.24 1.80
CA ALA A 68 8.04 5.19 1.17
C ALA A 68 6.94 5.50 2.20
N GLN A 69 7.11 4.99 3.41
CA GLN A 69 6.15 5.21 4.48
C GLN A 69 6.01 6.69 4.79
N ASN A 70 7.13 7.39 4.86
CA ASN A 70 7.13 8.82 5.14
C ASN A 70 6.46 9.61 4.02
N LYS A 71 6.58 9.10 2.80
CA LYS A 71 5.98 9.75 1.64
C LYS A 71 4.45 9.75 1.75
N ILE A 72 3.90 8.68 2.32
CA ILE A 72 2.46 8.58 2.49
C ILE A 72 1.98 9.41 3.67
N ARG A 73 2.54 9.13 4.84
CA ARG A 73 2.16 9.86 6.05
C ARG A 73 2.32 11.36 5.86
N ALA A 74 3.30 11.75 5.03
CA ALA A 74 3.54 13.15 4.75
C ALA A 74 2.35 13.80 4.05
N CYS A 75 1.51 12.98 3.42
CA CYS A 75 0.35 13.46 2.72
C CYS A 75 -0.44 14.45 3.58
N GLY A 76 -0.95 15.50 2.94
CA GLY A 76 -1.71 16.51 3.67
C GLY A 76 -3.08 16.74 3.07
N GLU A 77 -3.12 16.96 1.76
CA GLU A 77 -4.38 17.20 1.06
C GLU A 77 -4.90 15.92 0.42
N ARG A 78 -4.05 15.29 -0.40
CA ARG A 78 -4.43 14.06 -1.09
C ARG A 78 -3.19 13.20 -1.36
N LEU A 79 -3.41 11.89 -1.54
CA LEU A 79 -2.33 10.97 -1.81
C LEU A 79 -2.52 10.26 -3.15
N SER A 80 -1.58 10.47 -4.07
CA SER A 80 -1.65 9.86 -5.39
C SER A 80 -0.62 8.74 -5.53
N LEU A 81 -1.11 7.51 -5.60
CA LEU A 81 -0.22 6.35 -5.75
C LEU A 81 -0.43 5.67 -7.09
N GLY A 82 0.62 5.04 -7.60
CA GLY A 82 0.53 4.35 -8.87
C GLY A 82 0.75 2.86 -8.74
N LEU A 83 -0.26 2.08 -9.15
CA LEU A 83 -0.16 0.63 -9.07
C LEU A 83 -0.30 0.00 -10.46
N SER A 84 0.16 -1.23 -10.59
CA SER A 84 0.09 -1.95 -11.86
C SER A 84 -0.49 -3.34 -11.67
N ARG A 85 -0.87 -3.98 -12.77
CA ARG A 85 -1.43 -5.32 -12.73
C ARG A 85 -0.35 -6.35 -12.39
N ALA A 86 -0.33 -6.77 -11.13
CA ALA A 86 0.65 -7.75 -10.68
C ALA A 86 0.32 -9.14 -11.21
N GLY A 87 1.32 -10.02 -11.21
CA GLY A 87 1.11 -11.38 -11.70
C GLY A 87 1.27 -12.42 -10.61
N ALA A 88 2.23 -12.19 -9.71
CA ALA A 88 2.47 -13.12 -8.62
C ALA A 88 2.10 -12.49 -7.28
N SER A 89 0.86 -12.02 -7.17
CA SER A 89 0.38 -11.39 -5.95
C SER A 89 0.14 -12.43 -4.86
N ALA A 90 0.26 -12.01 -3.61
CA ALA A 90 0.06 -12.91 -2.48
C ALA A 90 0.16 -12.16 -1.15
N GLY A 91 -0.02 -12.89 -0.06
CA GLY A 91 0.05 -12.27 1.26
C GLY A 91 -0.22 -13.26 2.38
N ALA A 92 -0.19 -12.78 3.61
CA ALA A 92 -0.44 -13.63 4.77
C ALA A 92 -1.87 -14.13 4.79
N SER A 93 -2.24 -14.80 5.88
CA SER A 93 -3.60 -15.34 6.02
C SER A 93 -4.27 -14.77 7.27
N ALA A 94 -4.00 -13.50 7.55
CA ALA A 94 -4.58 -12.84 8.71
C ALA A 94 -5.80 -12.01 8.32
N GLY A 95 -5.68 -11.30 7.21
CA GLY A 95 -6.78 -10.47 6.73
C GLY A 95 -8.08 -11.25 6.59
N ALA A 96 -7.96 -12.53 6.24
CA ALA A 96 -9.12 -13.39 6.07
C ALA A 96 -10.02 -13.32 7.30
N SER A 97 -9.40 -13.26 8.48
CA SER A 97 -10.16 -13.20 9.73
C SER A 97 -11.18 -14.33 9.81
N ALA A 98 -10.68 -15.57 9.81
CA ALA A 98 -11.55 -16.74 9.89
C ALA A 98 -12.36 -16.73 11.17
N HIS A 99 -11.75 -16.26 12.25
CA HIS A 99 -12.41 -16.21 13.55
C HIS A 99 -13.19 -14.91 13.71
N GLY A 100 -12.79 -13.89 12.94
CA GLY A 100 -13.45 -12.60 13.02
C GLY A 100 -13.29 -11.93 14.37
N ASN A 101 -12.18 -12.24 15.05
CA ASN A 101 -11.91 -11.66 16.36
C ASN A 101 -11.25 -10.30 16.23
N PHE A 102 -10.05 -10.27 15.68
CA PHE A 102 -9.31 -9.03 15.50
C PHE A 102 -8.36 -9.13 14.30
N ALA A 103 -7.64 -8.05 14.03
CA ALA A 103 -6.70 -8.00 12.92
C ALA A 103 -5.52 -7.09 13.23
N PHE A 104 -5.12 -7.05 14.50
CA PHE A 104 -4.01 -6.21 14.92
C PHE A 104 -2.80 -7.06 15.32
N GLU A 105 -1.77 -7.03 14.49
CA GLU A 105 -0.55 -7.80 14.75
C GLU A 105 0.51 -7.50 13.70
N GLY A 106 1.71 -7.16 14.16
CA GLY A 106 2.80 -6.87 13.25
C GLY A 106 2.54 -5.61 12.42
N ILE A 107 1.70 -4.73 12.94
CA ILE A 107 1.37 -3.49 12.26
C ILE A 107 1.87 -2.28 13.03
N GLY A 108 1.80 -1.11 12.40
CA GLY A 108 2.25 0.10 13.04
C GLY A 108 3.45 0.72 12.35
N ASP A 109 4.28 -0.13 11.76
CA ASP A 109 5.49 0.33 11.07
C ASP A 109 5.22 0.47 9.58
N GLU A 110 4.50 -0.49 9.02
CA GLU A 110 4.18 -0.47 7.59
C GLU A 110 2.76 0.05 7.35
N ASP A 111 1.91 -0.10 8.37
CA ASP A 111 0.53 0.35 8.27
C ASP A 111 0.46 1.81 7.82
N LEU A 112 -0.29 2.05 6.75
CA LEU A 112 -0.43 3.40 6.21
C LEU A 112 -1.85 3.92 6.42
N MET A 3 2.06 -5.99 -17.76
CA MET A 3 0.61 -5.85 -17.80
C MET A 3 0.21 -4.38 -17.89
N ASP A 4 -1.09 -4.12 -17.84
CA ASP A 4 -1.60 -2.75 -17.91
C ASP A 4 -1.46 -2.04 -16.57
N SER A 5 -0.76 -0.91 -16.58
CA SER A 5 -0.54 -0.15 -15.37
C SER A 5 -1.59 0.97 -15.23
N PHE A 6 -1.69 1.53 -14.04
CA PHE A 6 -2.65 2.59 -13.77
C PHE A 6 -2.25 3.39 -12.52
N LYS A 7 -3.03 4.42 -12.22
CA LYS A 7 -2.76 5.26 -11.06
C LYS A 7 -4.03 5.50 -10.25
N VAL A 8 -3.87 5.83 -8.97
CA VAL A 8 -5.01 6.08 -8.10
C VAL A 8 -4.64 7.08 -7.00
N VAL A 9 -5.32 8.23 -7.00
CA VAL A 9 -5.07 9.26 -6.00
C VAL A 9 -6.17 9.29 -4.95
N LEU A 10 -5.80 9.12 -3.69
CA LEU A 10 -6.76 9.13 -2.59
C LEU A 10 -6.63 10.41 -1.77
N GLU A 11 -7.63 11.28 -1.89
CA GLU A 11 -7.64 12.55 -1.16
C GLU A 11 -8.85 12.62 -0.23
N GLY A 12 -8.58 12.83 1.06
CA GLY A 12 -9.65 12.92 2.03
C GLY A 12 -9.18 13.45 3.36
N PRO A 13 -10.14 13.86 4.22
CA PRO A 13 -9.83 14.41 5.55
C PRO A 13 -9.29 13.35 6.50
N ALA A 14 -9.97 12.21 6.56
CA ALA A 14 -9.56 11.12 7.43
C ALA A 14 -8.32 10.42 6.89
N PRO A 15 -7.63 9.67 7.76
CA PRO A 15 -6.41 8.95 7.39
C PRO A 15 -6.70 7.77 6.46
N TRP A 16 -5.65 7.09 6.04
CA TRP A 16 -5.79 5.94 5.15
C TRP A 16 -6.00 4.66 5.94
N GLY A 17 -6.30 3.57 5.24
CA GLY A 17 -6.52 2.30 5.89
C GLY A 17 -5.79 1.15 5.21
N PHE A 18 -4.57 1.42 4.77
CA PHE A 18 -3.77 0.41 4.09
C PHE A 18 -2.31 0.47 4.56
N ARG A 19 -1.54 -0.54 4.17
CA ARG A 19 -0.13 -0.61 4.56
C ARG A 19 0.75 -0.88 3.34
N LEU A 20 2.06 -0.83 3.54
CA LEU A 20 3.01 -1.07 2.46
C LEU A 20 4.15 -1.97 2.92
N GLN A 21 4.85 -2.57 1.97
CA GLN A 21 5.97 -3.46 2.29
C GLN A 21 6.97 -3.49 1.14
N GLY A 22 8.03 -4.28 1.31
CA GLY A 22 9.04 -4.40 0.28
C GLY A 22 10.32 -3.66 0.63
N GLY A 23 10.94 -3.03 -0.35
CA GLY A 23 12.17 -2.30 -0.12
C GLY A 23 13.04 -2.21 -1.36
N LYS A 24 13.00 -1.08 -2.03
CA LYS A 24 13.78 -0.87 -3.24
C LYS A 24 15.27 -1.08 -2.97
N ASP A 25 15.76 -0.47 -1.89
CA ASP A 25 17.16 -0.60 -1.51
C ASP A 25 17.57 -2.07 -1.41
N PHE A 26 16.63 -2.90 -1.00
CA PHE A 26 16.89 -4.34 -0.85
C PHE A 26 16.48 -5.09 -2.11
N ASN A 27 16.54 -4.41 -3.25
CA ASN A 27 16.18 -5.02 -4.52
C ASN A 27 14.82 -5.70 -4.43
N VAL A 28 13.94 -5.14 -3.60
CA VAL A 28 12.60 -5.68 -3.42
C VAL A 28 11.53 -4.67 -3.82
N PRO A 29 10.55 -5.12 -4.60
CA PRO A 29 9.45 -4.27 -5.08
C PRO A 29 8.51 -3.87 -3.95
N LEU A 30 7.87 -2.72 -4.10
CA LEU A 30 6.93 -2.22 -3.09
C LEU A 30 5.50 -2.66 -3.42
N SER A 31 4.74 -2.97 -2.39
CA SER A 31 3.35 -3.40 -2.56
C SER A 31 2.54 -3.16 -1.29
N ILE A 32 1.23 -3.33 -1.39
CA ILE A 32 0.34 -3.14 -0.25
C ILE A 32 0.34 -4.36 0.66
N SER A 33 0.53 -4.13 1.95
CA SER A 33 0.55 -5.22 2.93
C SER A 33 -0.87 -5.59 3.37
N ARG A 34 -1.65 -4.58 3.73
CA ARG A 34 -3.02 -4.79 4.17
C ARG A 34 -3.94 -3.68 3.66
N LEU A 35 -5.20 -4.00 3.49
CA LEU A 35 -6.19 -3.02 3.01
C LEU A 35 -7.57 -3.31 3.60
N THR A 36 -7.99 -2.47 4.53
CA THR A 36 -9.29 -2.63 5.16
C THR A 36 -10.41 -2.60 4.13
N PRO A 37 -11.47 -3.41 4.37
CA PRO A 37 -12.62 -3.49 3.49
C PRO A 37 -13.47 -2.22 3.51
N GLY A 38 -13.70 -1.65 2.32
CA GLY A 38 -14.50 -0.44 2.24
C GLY A 38 -13.81 0.75 2.88
N GLY A 39 -12.50 0.65 3.07
CA GLY A 39 -11.75 1.73 3.69
C GLY A 39 -11.51 2.89 2.74
N LYS A 40 -10.62 3.79 3.12
CA LYS A 40 -10.30 4.95 2.29
C LYS A 40 -9.68 4.52 0.98
N ALA A 41 -8.55 3.82 1.06
CA ALA A 41 -7.85 3.34 -0.13
C ALA A 41 -8.78 2.54 -1.03
N ALA A 42 -9.69 1.79 -0.41
CA ALA A 42 -10.64 0.97 -1.17
C ALA A 42 -11.51 1.84 -2.07
N GLN A 43 -11.89 3.01 -1.58
CA GLN A 43 -12.72 3.93 -2.35
C GLN A 43 -12.12 4.18 -3.73
N ALA A 44 -10.81 4.39 -3.77
CA ALA A 44 -10.12 4.65 -5.03
C ALA A 44 -10.10 3.39 -5.90
N GLY A 45 -10.13 2.22 -5.26
CA GLY A 45 -10.12 0.98 -5.99
C GLY A 45 -8.82 0.21 -5.80
N VAL A 46 -8.18 0.42 -4.66
CA VAL A 46 -6.92 -0.27 -4.35
C VAL A 46 -7.18 -1.57 -3.61
N ALA A 47 -6.34 -2.58 -3.90
CA ALA A 47 -6.47 -3.88 -3.25
C ALA A 47 -5.11 -4.41 -2.82
N VAL A 48 -5.05 -4.94 -1.61
CA VAL A 48 -3.81 -5.48 -1.07
C VAL A 48 -3.19 -6.48 -2.05
N GLY A 49 -1.90 -6.30 -2.33
CA GLY A 49 -1.20 -7.18 -3.24
C GLY A 49 -0.66 -6.46 -4.45
N ASP A 50 -1.35 -5.40 -4.86
CA ASP A 50 -0.92 -4.62 -6.02
C ASP A 50 0.55 -4.22 -5.90
N TRP A 51 1.16 -3.89 -7.03
CA TRP A 51 2.56 -3.49 -7.06
C TRP A 51 2.70 -1.98 -7.14
N VAL A 52 3.25 -1.37 -6.08
CA VAL A 52 3.44 0.07 -6.04
C VAL A 52 4.56 0.50 -6.98
N LEU A 53 4.33 1.59 -7.70
CA LEU A 53 5.33 2.11 -8.63
C LEU A 53 5.81 3.50 -8.20
N SER A 54 4.91 4.28 -7.62
CA SER A 54 5.24 5.63 -7.16
C SER A 54 4.31 6.06 -6.04
N ILE A 55 4.77 7.01 -5.22
CA ILE A 55 3.97 7.51 -4.11
C ILE A 55 3.94 9.04 -4.12
N ASP A 56 2.77 9.59 -3.80
CA ASP A 56 2.60 11.04 -3.76
C ASP A 56 3.00 11.68 -5.09
N GLY A 57 2.86 10.92 -6.17
CA GLY A 57 3.22 11.42 -7.48
C GLY A 57 4.71 11.40 -7.72
N GLU A 58 5.42 10.58 -6.96
CA GLU A 58 6.87 10.47 -7.09
C GLU A 58 7.31 9.01 -7.16
N ASN A 59 8.09 8.68 -8.17
CA ASN A 59 8.58 7.32 -8.35
C ASN A 59 9.19 6.78 -7.06
N ALA A 60 8.76 5.60 -6.65
CA ALA A 60 9.26 4.97 -5.44
C ALA A 60 10.42 4.02 -5.74
N GLY A 61 11.11 4.28 -6.85
CA GLY A 61 12.23 3.44 -7.24
C GLY A 61 13.53 3.91 -6.63
N SER A 62 13.48 5.00 -5.86
CA SER A 62 14.66 5.56 -5.24
C SER A 62 14.52 5.56 -3.72
N LEU A 63 13.31 5.30 -3.25
CA LEU A 63 13.05 5.27 -1.81
C LEU A 63 12.98 3.83 -1.30
N THR A 64 13.19 3.66 0.01
CA THR A 64 13.14 2.34 0.62
C THR A 64 11.79 2.08 1.27
N HIS A 65 11.68 0.96 1.97
CA HIS A 65 10.43 0.59 2.64
C HIS A 65 10.03 1.66 3.65
N ILE A 66 10.88 1.89 4.64
CA ILE A 66 10.60 2.89 5.68
C ILE A 66 10.32 4.25 5.05
N GLU A 67 11.08 4.58 4.00
CA GLU A 67 10.90 5.86 3.32
C GLU A 67 9.55 5.93 2.63
N ALA A 68 9.14 4.81 2.04
CA ALA A 68 7.86 4.75 1.34
C ALA A 68 6.72 5.24 2.24
N GLN A 69 6.78 4.88 3.51
CA GLN A 69 5.76 5.28 4.47
C GLN A 69 5.73 6.79 4.64
N ASN A 70 6.88 7.36 4.97
CA ASN A 70 7.00 8.80 5.17
C ASN A 70 6.43 9.56 3.97
N LYS A 71 6.60 8.99 2.78
CA LYS A 71 6.11 9.60 1.56
C LYS A 71 4.59 9.78 1.62
N ILE A 72 3.90 8.81 2.20
CA ILE A 72 2.45 8.86 2.32
C ILE A 72 2.03 9.77 3.46
N ARG A 73 2.55 9.51 4.65
CA ARG A 73 2.23 10.30 5.82
C ARG A 73 2.52 11.77 5.58
N ALA A 74 3.53 12.04 4.75
CA ALA A 74 3.90 13.42 4.43
C ALA A 74 2.80 14.12 3.65
N CYS A 75 1.92 13.33 3.04
CA CYS A 75 0.81 13.88 2.26
C CYS A 75 0.10 15.00 3.02
N GLY A 76 -0.28 16.05 2.30
CA GLY A 76 -0.96 17.17 2.93
C GLY A 76 -2.29 17.48 2.27
N GLU A 77 -2.29 17.60 0.95
CA GLU A 77 -3.51 17.89 0.22
C GLU A 77 -4.12 16.62 -0.35
N ARG A 78 -3.32 15.87 -1.11
CA ARG A 78 -3.80 14.62 -1.71
C ARG A 78 -2.62 13.65 -1.91
N LEU A 79 -2.95 12.36 -1.96
CA LEU A 79 -1.94 11.33 -2.16
C LEU A 79 -2.16 10.59 -3.47
N SER A 80 -1.15 10.63 -4.34
CA SER A 80 -1.25 9.96 -5.64
C SER A 80 -0.33 8.73 -5.68
N LEU A 81 -0.94 7.56 -5.78
CA LEU A 81 -0.18 6.32 -5.83
C LEU A 81 -0.36 5.62 -7.17
N GLY A 82 0.65 4.85 -7.58
CA GLY A 82 0.58 4.15 -8.84
C GLY A 82 0.72 2.65 -8.68
N LEU A 83 -0.28 1.91 -9.16
CA LEU A 83 -0.27 0.45 -9.05
C LEU A 83 -0.35 -0.19 -10.44
N SER A 84 -0.04 -1.49 -10.49
CA SER A 84 -0.06 -2.22 -11.75
C SER A 84 -0.73 -3.58 -11.58
N ARG A 85 -1.07 -4.22 -12.69
CA ARG A 85 -1.71 -5.52 -12.66
C ARG A 85 -0.69 -6.63 -12.46
N ALA A 86 -0.57 -7.12 -11.23
CA ALA A 86 0.37 -8.19 -10.92
C ALA A 86 0.05 -9.45 -11.70
N GLY A 87 1.08 -10.23 -12.00
CA GLY A 87 0.89 -11.47 -12.75
C GLY A 87 1.11 -12.69 -11.88
N ALA A 88 2.19 -12.68 -11.11
CA ALA A 88 2.52 -13.81 -10.24
C ALA A 88 1.96 -13.59 -8.83
N SER A 89 0.77 -13.03 -8.75
CA SER A 89 0.12 -12.76 -7.46
C SER A 89 -0.43 -14.05 -6.86
N ALA A 90 -0.10 -14.30 -5.59
CA ALA A 90 -0.56 -15.49 -4.89
C ALA A 90 -1.49 -15.12 -3.75
N GLY A 91 -2.40 -14.17 -4.01
CA GLY A 91 -3.34 -13.75 -2.99
C GLY A 91 -2.66 -13.09 -1.81
N ALA A 92 -3.02 -13.50 -0.60
CA ALA A 92 -2.44 -12.94 0.61
C ALA A 92 -1.85 -14.04 1.49
N SER A 93 -0.94 -13.65 2.38
CA SER A 93 -0.30 -14.60 3.28
C SER A 93 -1.33 -15.29 4.17
N ALA A 94 -1.49 -16.59 3.98
CA ALA A 94 -2.44 -17.37 4.77
C ALA A 94 -2.00 -17.47 6.23
N GLY A 95 -0.70 -17.59 6.44
CA GLY A 95 -0.16 -17.68 7.78
C GLY A 95 -0.62 -16.54 8.68
N ALA A 96 -0.77 -15.37 8.08
CA ALA A 96 -1.21 -14.19 8.82
C ALA A 96 -2.49 -14.48 9.61
N SER A 97 -3.45 -15.10 8.94
CA SER A 97 -4.73 -15.41 9.57
C SER A 97 -4.72 -16.84 10.11
N ALA A 98 -4.27 -16.99 11.36
CA ALA A 98 -4.20 -18.30 11.99
C ALA A 98 -5.56 -18.71 12.55
N HIS A 99 -6.31 -17.72 13.05
CA HIS A 99 -7.63 -17.98 13.62
C HIS A 99 -8.72 -17.51 12.67
N GLY A 100 -8.37 -16.58 11.78
CA GLY A 100 -9.34 -16.07 10.82
C GLY A 100 -10.33 -15.12 11.47
N ASN A 101 -9.91 -14.44 12.53
CA ASN A 101 -10.77 -13.50 13.23
C ASN A 101 -10.31 -12.06 13.00
N PHE A 102 -9.00 -11.88 12.93
CA PHE A 102 -8.43 -10.54 12.71
C PHE A 102 -7.02 -10.64 12.13
N ALA A 103 -6.40 -9.50 11.88
CA ALA A 103 -5.05 -9.45 11.33
C ALA A 103 -4.28 -8.25 11.86
N PHE A 104 -4.55 -7.88 13.11
CA PHE A 104 -3.89 -6.74 13.73
C PHE A 104 -2.94 -7.20 14.84
N GLU A 105 -1.65 -7.08 14.58
CA GLU A 105 -0.64 -7.49 15.56
C GLU A 105 0.77 -7.14 15.08
N GLY A 106 1.52 -6.46 15.93
CA GLY A 106 2.89 -6.08 15.57
C GLY A 106 2.91 -5.07 14.44
N ILE A 107 1.82 -4.32 14.28
CA ILE A 107 1.73 -3.31 13.23
C ILE A 107 1.64 -1.91 13.81
N GLY A 108 1.72 -0.91 12.95
CA GLY A 108 1.64 0.47 13.39
C GLY A 108 2.62 1.37 12.67
N ASP A 109 3.78 0.84 12.34
CA ASP A 109 4.81 1.60 11.64
C ASP A 109 4.51 1.68 10.15
N GLU A 110 4.16 0.54 9.57
CA GLU A 110 3.84 0.48 8.15
C GLU A 110 2.43 0.99 7.87
N ASP A 111 1.57 0.91 8.89
CA ASP A 111 0.19 1.36 8.76
C ASP A 111 0.13 2.78 8.19
N LEU A 112 -0.64 2.95 7.13
CA LEU A 112 -0.78 4.24 6.47
C LEU A 112 -2.20 4.75 6.60
N MET A 3 1.98 -6.24 -18.42
CA MET A 3 1.19 -5.90 -17.25
C MET A 3 0.53 -4.53 -17.41
N ASP A 4 -0.71 -4.42 -16.96
CA ASP A 4 -1.45 -3.16 -17.06
C ASP A 4 -1.15 -2.26 -15.86
N SER A 5 -0.64 -1.07 -16.13
CA SER A 5 -0.31 -0.12 -15.07
C SER A 5 -1.36 0.98 -14.98
N PHE A 6 -1.43 1.63 -13.82
CA PHE A 6 -2.40 2.71 -13.61
C PHE A 6 -2.01 3.54 -12.39
N LYS A 7 -2.83 4.54 -12.09
CA LYS A 7 -2.58 5.42 -10.95
C LYS A 7 -3.85 5.65 -10.14
N VAL A 8 -3.74 5.58 -8.83
CA VAL A 8 -4.88 5.77 -7.94
C VAL A 8 -4.58 6.81 -6.87
N VAL A 9 -5.32 7.91 -6.90
CA VAL A 9 -5.14 8.99 -5.93
C VAL A 9 -6.24 8.98 -4.89
N LEU A 10 -5.86 8.91 -3.62
CA LEU A 10 -6.81 8.90 -2.53
C LEU A 10 -6.75 10.20 -1.73
N GLU A 11 -7.81 11.00 -1.81
CA GLU A 11 -7.87 12.27 -1.10
C GLU A 11 -9.05 12.29 -0.14
N GLY A 12 -8.75 12.46 1.15
CA GLY A 12 -9.80 12.50 2.15
C GLY A 12 -9.31 13.01 3.49
N PRO A 13 -10.25 13.40 4.37
CA PRO A 13 -9.92 13.91 5.70
C PRO A 13 -9.35 12.84 6.62
N ALA A 14 -10.03 11.70 6.67
CA ALA A 14 -9.59 10.59 7.52
C ALA A 14 -8.32 9.95 6.96
N PRO A 15 -7.62 9.19 7.82
CA PRO A 15 -6.38 8.51 7.43
C PRO A 15 -6.63 7.36 6.46
N TRP A 16 -5.55 6.71 6.04
CA TRP A 16 -5.66 5.59 5.10
C TRP A 16 -5.83 4.27 5.85
N GLY A 17 -6.08 3.20 5.10
CA GLY A 17 -6.26 1.90 5.72
C GLY A 17 -5.49 0.81 5.00
N PHE A 18 -4.31 1.16 4.50
CA PHE A 18 -3.48 0.19 3.79
C PHE A 18 -2.03 0.26 4.27
N ARG A 19 -1.24 -0.75 3.92
CA ARG A 19 0.16 -0.80 4.31
C ARG A 19 1.05 -0.99 3.09
N LEU A 20 2.37 -0.92 3.32
CA LEU A 20 3.33 -1.08 2.24
C LEU A 20 4.49 -1.96 2.68
N GLN A 21 5.23 -2.51 1.71
CA GLN A 21 6.37 -3.36 2.01
C GLN A 21 7.39 -3.33 0.87
N GLY A 22 8.46 -4.08 1.02
CA GLY A 22 9.49 -4.13 0.00
C GLY A 22 10.73 -3.35 0.40
N GLY A 23 11.37 -2.71 -0.58
CA GLY A 23 12.57 -1.94 -0.31
C GLY A 23 13.45 -1.79 -1.52
N LYS A 24 13.34 -0.66 -2.20
CA LYS A 24 14.14 -0.40 -3.40
C LYS A 24 15.63 -0.52 -3.10
N ASP A 25 16.06 0.11 -2.01
CA ASP A 25 17.46 0.06 -1.61
C ASP A 25 17.95 -1.38 -1.51
N PHE A 26 17.05 -2.28 -1.11
CA PHE A 26 17.39 -3.69 -0.98
C PHE A 26 17.05 -4.46 -2.24
N ASN A 27 17.10 -3.78 -3.37
CA ASN A 27 16.79 -4.39 -4.66
C ASN A 27 15.45 -5.14 -4.59
N VAL A 28 14.54 -4.64 -3.77
CA VAL A 28 13.23 -5.24 -3.62
C VAL A 28 12.11 -4.28 -4.02
N PRO A 29 11.17 -4.76 -4.83
CA PRO A 29 10.04 -3.95 -5.31
C PRO A 29 9.06 -3.64 -4.19
N LEU A 30 8.38 -2.49 -4.31
CA LEU A 30 7.42 -2.06 -3.31
C LEU A 30 6.01 -2.53 -3.68
N SER A 31 5.23 -2.89 -2.66
CA SER A 31 3.86 -3.36 -2.88
C SER A 31 3.01 -3.17 -1.63
N ILE A 32 1.71 -3.31 -1.77
CA ILE A 32 0.79 -3.17 -0.65
C ILE A 32 0.82 -4.40 0.25
N SER A 33 1.03 -4.16 1.54
CA SER A 33 1.09 -5.25 2.52
C SER A 33 -0.31 -5.70 2.92
N ARG A 34 -1.10 -4.75 3.39
CA ARG A 34 -2.47 -5.05 3.81
C ARG A 34 -3.43 -3.95 3.37
N LEU A 35 -4.70 -4.31 3.18
CA LEU A 35 -5.70 -3.35 2.75
C LEU A 35 -7.08 -3.71 3.33
N THR A 36 -7.60 -2.84 4.18
CA THR A 36 -8.90 -3.07 4.79
C THR A 36 -10.02 -3.05 3.76
N PRO A 37 -11.03 -3.90 3.95
CA PRO A 37 -12.18 -4.00 3.04
C PRO A 37 -13.08 -2.77 3.11
N GLY A 38 -13.32 -2.15 1.96
CA GLY A 38 -14.16 -0.97 1.92
C GLY A 38 -13.55 0.22 2.63
N GLY A 39 -12.23 0.17 2.84
CA GLY A 39 -11.54 1.25 3.51
C GLY A 39 -11.34 2.46 2.61
N LYS A 40 -10.48 3.37 3.04
CA LYS A 40 -10.20 4.57 2.27
C LYS A 40 -9.51 4.23 0.95
N ALA A 41 -8.39 3.54 1.03
CA ALA A 41 -7.64 3.14 -0.15
C ALA A 41 -8.52 2.34 -1.11
N ALA A 42 -9.35 1.47 -0.54
CA ALA A 42 -10.25 0.64 -1.35
C ALA A 42 -11.15 1.49 -2.22
N GLN A 43 -11.57 2.64 -1.70
CA GLN A 43 -12.45 3.54 -2.43
C GLN A 43 -11.87 3.86 -3.81
N ALA A 44 -10.57 4.15 -3.83
CA ALA A 44 -9.89 4.48 -5.08
C ALA A 44 -9.84 3.28 -6.01
N GLY A 45 -9.84 2.09 -5.44
CA GLY A 45 -9.80 0.87 -6.23
C GLY A 45 -8.49 0.12 -6.06
N VAL A 46 -7.86 0.28 -4.90
CA VAL A 46 -6.60 -0.40 -4.62
C VAL A 46 -6.83 -1.76 -3.96
N ALA A 47 -5.89 -2.66 -4.14
CA ALA A 47 -6.00 -4.00 -3.56
C ALA A 47 -4.63 -4.53 -3.15
N VAL A 48 -4.55 -5.10 -1.95
CA VAL A 48 -3.29 -5.64 -1.45
C VAL A 48 -2.66 -6.59 -2.45
N GLY A 49 -1.37 -6.40 -2.71
CA GLY A 49 -0.66 -7.24 -3.65
C GLY A 49 -0.10 -6.46 -4.82
N ASP A 50 -0.81 -5.41 -5.22
CA ASP A 50 -0.38 -4.57 -6.34
C ASP A 50 1.06 -4.11 -6.15
N TRP A 51 1.70 -3.71 -7.25
CA TRP A 51 3.08 -3.25 -7.20
C TRP A 51 3.15 -1.72 -7.24
N VAL A 52 3.76 -1.14 -6.22
CA VAL A 52 3.89 0.31 -6.13
C VAL A 52 4.95 0.82 -7.10
N LEU A 53 4.66 1.92 -7.77
CA LEU A 53 5.58 2.52 -8.73
C LEU A 53 6.00 3.92 -8.28
N SER A 54 5.06 4.65 -7.69
CA SER A 54 5.33 6.00 -7.22
C SER A 54 4.39 6.37 -6.08
N ILE A 55 4.80 7.36 -5.28
CA ILE A 55 4.00 7.81 -4.16
C ILE A 55 3.88 9.33 -4.14
N ASP A 56 2.68 9.82 -3.87
CA ASP A 56 2.43 11.26 -3.83
C ASP A 56 2.80 11.92 -5.14
N GLY A 57 2.66 11.17 -6.24
CA GLY A 57 3.00 11.71 -7.54
C GLY A 57 4.49 11.76 -7.79
N GLU A 58 5.24 10.97 -7.03
CA GLU A 58 6.70 10.95 -7.15
C GLU A 58 7.21 9.51 -7.22
N ASN A 59 8.00 9.22 -8.25
CA ASN A 59 8.55 7.89 -8.44
C ASN A 59 9.20 7.38 -7.16
N ALA A 60 8.85 6.17 -6.76
CA ALA A 60 9.41 5.57 -5.55
C ALA A 60 10.52 4.59 -5.89
N GLY A 61 11.21 4.84 -7.00
CA GLY A 61 12.29 3.96 -7.41
C GLY A 61 13.62 4.36 -6.81
N SER A 62 13.61 5.42 -5.99
CA SER A 62 14.83 5.91 -5.37
C SER A 62 14.67 5.97 -3.84
N LEU A 63 13.50 5.55 -3.37
CA LEU A 63 13.22 5.55 -1.94
C LEU A 63 13.17 4.12 -1.39
N THR A 64 13.36 3.99 -0.09
CA THR A 64 13.34 2.68 0.57
C THR A 64 11.98 2.41 1.20
N HIS A 65 11.89 1.29 1.92
CA HIS A 65 10.64 0.92 2.58
C HIS A 65 10.22 1.99 3.59
N ILE A 66 11.08 2.23 4.58
CA ILE A 66 10.79 3.23 5.60
C ILE A 66 10.49 4.59 4.99
N GLU A 67 11.21 4.92 3.92
CA GLU A 67 11.03 6.19 3.23
C GLU A 67 9.67 6.23 2.53
N ALA A 68 9.31 5.12 1.89
CA ALA A 68 8.04 5.03 1.18
C ALA A 68 6.88 5.44 2.09
N GLN A 69 6.95 5.05 3.35
CA GLN A 69 5.90 5.37 4.30
C GLN A 69 5.81 6.88 4.53
N ASN A 70 6.94 7.48 4.89
CA ASN A 70 6.99 8.92 5.14
C ASN A 70 6.41 9.69 3.96
N LYS A 71 6.59 9.16 2.76
CA LYS A 71 6.09 9.79 1.55
C LYS A 71 4.57 9.92 1.60
N ILE A 72 3.92 8.91 2.18
CA ILE A 72 2.46 8.91 2.30
C ILE A 72 2.00 9.76 3.48
N ARG A 73 2.56 9.48 4.65
CA ARG A 73 2.20 10.22 5.86
C ARG A 73 2.41 11.72 5.65
N ALA A 74 3.38 12.07 4.84
CA ALA A 74 3.68 13.47 4.56
C ALA A 74 2.53 14.14 3.80
N CYS A 75 1.69 13.32 3.19
CA CYS A 75 0.54 13.84 2.44
C CYS A 75 -0.21 14.89 3.24
N GLY A 76 -0.68 15.93 2.55
CA GLY A 76 -1.41 17.00 3.22
C GLY A 76 -2.78 17.22 2.62
N GLU A 77 -2.82 17.40 1.30
CA GLU A 77 -4.08 17.63 0.60
C GLU A 77 -4.61 16.34 -0.01
N ARG A 78 -3.76 15.69 -0.82
CA ARG A 78 -4.15 14.45 -1.48
C ARG A 78 -2.93 13.55 -1.69
N LEU A 79 -3.18 12.26 -1.90
CA LEU A 79 -2.10 11.30 -2.11
C LEU A 79 -2.30 10.55 -3.43
N SER A 80 -1.33 10.71 -4.33
CA SER A 80 -1.39 10.04 -5.63
C SER A 80 -0.36 8.92 -5.72
N LEU A 81 -0.84 7.68 -5.74
CA LEU A 81 0.03 6.53 -5.82
C LEU A 81 -0.18 5.77 -7.13
N GLY A 82 0.87 5.11 -7.61
CA GLY A 82 0.77 4.36 -8.85
C GLY A 82 0.93 2.87 -8.64
N LEU A 83 -0.05 2.10 -9.08
CA LEU A 83 -0.02 0.64 -8.93
C LEU A 83 -0.11 -0.04 -10.29
N SER A 84 0.28 -1.31 -10.33
CA SER A 84 0.24 -2.09 -11.57
C SER A 84 -0.41 -3.45 -11.34
N ARG A 85 -0.83 -4.08 -12.42
CA ARG A 85 -1.47 -5.39 -12.35
C ARG A 85 -0.46 -6.46 -11.92
N ALA A 86 -0.50 -6.82 -10.65
CA ALA A 86 0.40 -7.83 -10.11
C ALA A 86 -0.03 -9.23 -10.55
N GLY A 87 0.95 -10.10 -10.79
CA GLY A 87 0.66 -11.46 -11.21
C GLY A 87 0.74 -12.45 -10.06
N ALA A 88 1.67 -12.21 -9.13
CA ALA A 88 1.84 -13.09 -7.99
C ALA A 88 1.24 -12.47 -6.73
N SER A 89 0.05 -11.91 -6.87
CA SER A 89 -0.64 -11.29 -5.73
C SER A 89 -1.20 -12.34 -4.78
N ALA A 90 -1.92 -11.88 -3.77
CA ALA A 90 -2.51 -12.78 -2.78
C ALA A 90 -4.03 -12.67 -2.77
N GLY A 91 -4.67 -13.41 -1.87
CA GLY A 91 -6.12 -13.38 -1.78
C GLY A 91 -6.62 -13.78 -0.41
N ALA A 92 -7.56 -14.72 -0.37
CA ALA A 92 -8.12 -15.19 0.89
C ALA A 92 -7.02 -15.67 1.84
N SER A 93 -7.41 -16.01 3.06
CA SER A 93 -6.46 -16.47 4.06
C SER A 93 -7.18 -17.17 5.21
N ALA A 94 -6.85 -18.44 5.43
CA ALA A 94 -7.47 -19.21 6.50
C ALA A 94 -6.77 -18.95 7.83
N GLY A 95 -5.46 -18.75 7.79
CA GLY A 95 -4.70 -18.49 9.00
C GLY A 95 -5.29 -17.37 9.82
N ALA A 96 -5.86 -16.38 9.14
CA ALA A 96 -6.46 -15.24 9.81
C ALA A 96 -7.44 -15.68 10.89
N SER A 97 -8.29 -16.65 10.55
CA SER A 97 -9.28 -17.17 11.48
C SER A 97 -8.63 -17.57 12.80
N ALA A 98 -7.42 -18.14 12.71
CA ALA A 98 -6.69 -18.57 13.89
C ALA A 98 -6.47 -17.41 14.86
N HIS A 99 -6.26 -16.22 14.30
CA HIS A 99 -6.04 -15.03 15.11
C HIS A 99 -7.34 -14.26 15.31
N GLY A 100 -8.46 -14.96 15.19
CA GLY A 100 -9.75 -14.32 15.36
C GLY A 100 -10.27 -13.70 14.08
N ASN A 101 -9.87 -14.28 12.95
CA ASN A 101 -10.29 -13.77 11.65
C ASN A 101 -9.78 -12.36 11.41
N PHE A 102 -8.57 -12.09 11.87
CA PHE A 102 -7.96 -10.77 11.72
C PHE A 102 -6.53 -10.89 11.18
N ALA A 103 -5.89 -9.75 11.00
CA ALA A 103 -4.51 -9.72 10.49
C ALA A 103 -3.75 -8.53 11.07
N PHE A 104 -4.06 -8.16 12.31
CA PHE A 104 -3.40 -7.04 12.96
C PHE A 104 -2.50 -7.53 14.09
N GLU A 105 -1.19 -7.42 13.88
CA GLU A 105 -0.22 -7.86 14.88
C GLU A 105 1.20 -7.52 14.45
N GLY A 106 1.94 -6.86 15.33
CA GLY A 106 3.31 -6.49 15.01
C GLY A 106 3.40 -5.48 13.89
N ILE A 107 2.32 -4.71 13.71
CA ILE A 107 2.28 -3.69 12.66
C ILE A 107 2.19 -2.29 13.25
N GLY A 108 2.34 -1.29 12.40
CA GLY A 108 2.27 0.09 12.85
C GLY A 108 3.25 0.99 12.14
N ASP A 109 4.42 0.46 11.81
CA ASP A 109 5.45 1.23 11.11
C ASP A 109 5.13 1.33 9.62
N GLU A 110 4.60 0.24 9.06
CA GLU A 110 4.25 0.22 7.64
C GLU A 110 2.84 0.75 7.41
N ASP A 111 2.02 0.65 8.45
CA ASP A 111 0.64 1.12 8.36
C ASP A 111 0.58 2.56 7.84
N LEU A 112 -0.34 2.80 6.92
CA LEU A 112 -0.49 4.13 6.33
C LEU A 112 -1.94 4.62 6.47
N MET A 3 1.50 -6.59 -18.44
CA MET A 3 0.62 -6.33 -17.30
C MET A 3 0.00 -4.94 -17.41
N ASP A 4 -1.26 -4.83 -17.03
CA ASP A 4 -1.98 -3.56 -17.08
C ASP A 4 -1.76 -2.77 -15.80
N SER A 5 -1.20 -1.57 -15.94
CA SER A 5 -0.93 -0.70 -14.80
C SER A 5 -2.05 0.31 -14.60
N PHE A 6 -2.11 0.90 -13.41
CA PHE A 6 -3.14 1.89 -13.10
C PHE A 6 -2.71 2.75 -11.91
N LYS A 7 -3.58 3.68 -11.53
CA LYS A 7 -3.30 4.58 -10.42
C LYS A 7 -4.52 4.71 -9.50
N VAL A 8 -4.28 4.61 -8.20
CA VAL A 8 -5.36 4.72 -7.22
C VAL A 8 -5.06 5.81 -6.20
N VAL A 9 -5.90 6.84 -6.17
CA VAL A 9 -5.73 7.95 -5.24
C VAL A 9 -6.75 7.87 -4.11
N LEU A 10 -6.26 7.80 -2.87
CA LEU A 10 -7.13 7.74 -1.71
C LEU A 10 -7.12 9.05 -0.94
N GLU A 11 -8.26 9.74 -0.94
CA GLU A 11 -8.38 11.01 -0.24
C GLU A 11 -9.48 10.96 0.81
N GLY A 12 -9.11 11.18 2.07
CA GLY A 12 -10.07 11.15 3.15
C GLY A 12 -9.53 11.73 4.43
N PRO A 13 -10.44 12.05 5.37
CA PRO A 13 -10.05 12.63 6.67
C PRO A 13 -9.32 11.63 7.56
N ALA A 14 -9.88 10.44 7.69
CA ALA A 14 -9.28 9.39 8.50
C ALA A 14 -8.01 8.85 7.86
N PRO A 15 -7.17 8.18 8.67
CA PRO A 15 -5.92 7.60 8.19
C PRO A 15 -6.14 6.41 7.27
N TRP A 16 -5.05 5.86 6.74
CA TRP A 16 -5.13 4.72 5.84
C TRP A 16 -5.12 3.41 6.63
N GLY A 17 -5.33 2.29 5.92
CA GLY A 17 -5.34 1.00 6.57
C GLY A 17 -4.53 -0.03 5.81
N PHE A 18 -3.42 0.41 5.22
CA PHE A 18 -2.55 -0.48 4.46
C PHE A 18 -1.09 -0.26 4.83
N ARG A 19 -0.23 -1.19 4.42
CA ARG A 19 1.19 -1.11 4.70
C ARG A 19 2.01 -1.26 3.42
N LEU A 20 3.31 -1.05 3.54
CA LEU A 20 4.21 -1.17 2.39
C LEU A 20 5.49 -1.92 2.77
N GLN A 21 6.20 -2.42 1.76
CA GLN A 21 7.43 -3.16 1.99
C GLN A 21 8.34 -3.07 0.78
N GLY A 22 9.50 -3.71 0.87
CA GLY A 22 10.46 -3.69 -0.23
C GLY A 22 11.63 -2.77 0.04
N GLY A 23 12.09 -2.09 -1.00
CA GLY A 23 13.22 -1.19 -0.85
C GLY A 23 13.99 -0.98 -2.15
N LYS A 24 13.75 0.14 -2.80
CA LYS A 24 14.42 0.46 -4.06
C LYS A 24 15.94 0.37 -3.90
N ASP A 25 16.46 1.02 -2.87
CA ASP A 25 17.89 1.02 -2.61
C ASP A 25 18.43 -0.40 -2.54
N PHE A 26 17.59 -1.32 -2.05
CA PHE A 26 17.99 -2.72 -1.92
C PHE A 26 17.55 -3.52 -3.14
N ASN A 27 17.47 -2.84 -4.29
CA ASN A 27 17.06 -3.49 -5.53
C ASN A 27 15.79 -4.30 -5.33
N VAL A 28 14.92 -3.81 -4.44
CA VAL A 28 13.66 -4.49 -4.15
C VAL A 28 12.47 -3.59 -4.49
N PRO A 29 11.54 -4.12 -5.31
CA PRO A 29 10.35 -3.39 -5.72
C PRO A 29 9.37 -3.19 -4.57
N LEU A 30 8.83 -1.98 -4.45
CA LEU A 30 7.88 -1.66 -3.40
C LEU A 30 6.52 -2.31 -3.67
N SER A 31 5.85 -2.74 -2.60
CA SER A 31 4.55 -3.38 -2.73
C SER A 31 3.77 -3.28 -1.42
N ILE A 32 2.48 -3.59 -1.49
CA ILE A 32 1.62 -3.53 -0.31
C ILE A 32 1.84 -4.74 0.59
N SER A 33 2.09 -4.48 1.87
CA SER A 33 2.32 -5.55 2.83
C SER A 33 1.00 -6.10 3.36
N ARG A 34 0.15 -5.21 3.84
CA ARG A 34 -1.15 -5.61 4.37
C ARG A 34 -2.24 -4.60 4.00
N LEU A 35 -3.47 -5.07 3.91
CA LEU A 35 -4.59 -4.20 3.56
C LEU A 35 -5.87 -4.67 4.23
N THR A 36 -6.37 -3.88 5.18
CA THR A 36 -7.59 -4.21 5.91
C THR A 36 -8.78 -4.29 4.95
N PRO A 37 -9.70 -5.23 5.24
CA PRO A 37 -10.90 -5.43 4.43
C PRO A 37 -11.89 -4.28 4.57
N GLY A 38 -12.27 -3.71 3.43
CA GLY A 38 -13.21 -2.59 3.44
C GLY A 38 -12.63 -1.34 4.08
N GLY A 39 -11.31 -1.29 4.17
CA GLY A 39 -10.65 -0.14 4.78
C GLY A 39 -10.65 1.06 3.86
N LYS A 40 -9.83 2.05 4.20
CA LYS A 40 -9.74 3.27 3.41
C LYS A 40 -9.12 2.98 2.04
N ALA A 41 -7.97 2.32 2.05
CA ALA A 41 -7.27 1.98 0.80
C ALA A 41 -8.15 1.10 -0.07
N ALA A 42 -8.91 0.21 0.56
CA ALA A 42 -9.78 -0.70 -0.17
C ALA A 42 -10.82 0.08 -0.99
N GLN A 43 -11.29 1.20 -0.45
CA GLN A 43 -12.27 2.02 -1.13
C GLN A 43 -11.81 2.38 -2.53
N ALA A 44 -10.53 2.77 -2.64
CA ALA A 44 -9.96 3.15 -3.93
C ALA A 44 -9.87 1.95 -4.86
N GLY A 45 -9.73 0.76 -4.28
CA GLY A 45 -9.63 -0.45 -5.08
C GLY A 45 -8.26 -1.09 -4.99
N VAL A 46 -7.57 -0.87 -3.88
CA VAL A 46 -6.24 -1.42 -3.68
C VAL A 46 -6.31 -2.78 -3.00
N ALA A 47 -5.33 -3.64 -3.28
CA ALA A 47 -5.28 -4.97 -2.70
C ALA A 47 -3.85 -5.38 -2.40
N VAL A 48 -3.63 -5.93 -1.21
CA VAL A 48 -2.30 -6.37 -0.80
C VAL A 48 -1.68 -7.28 -1.85
N GLY A 49 -0.42 -6.99 -2.20
CA GLY A 49 0.27 -7.80 -3.19
C GLY A 49 0.68 -6.99 -4.40
N ASP A 50 -0.13 -5.99 -4.77
CA ASP A 50 0.15 -5.15 -5.91
C ASP A 50 1.55 -4.55 -5.81
N TRP A 51 2.09 -4.12 -6.95
CA TRP A 51 3.42 -3.51 -6.98
C TRP A 51 3.33 -1.99 -7.06
N VAL A 52 3.94 -1.33 -6.09
CA VAL A 52 3.94 0.13 -6.05
C VAL A 52 4.89 0.71 -7.08
N LEU A 53 4.45 1.76 -7.76
CA LEU A 53 5.27 2.41 -8.78
C LEU A 53 5.60 3.85 -8.37
N SER A 54 4.65 4.50 -7.72
CA SER A 54 4.84 5.88 -7.28
C SER A 54 3.94 6.19 -6.08
N ILE A 55 4.34 7.19 -5.30
CA ILE A 55 3.58 7.59 -4.12
C ILE A 55 3.33 9.10 -4.12
N ASP A 56 2.10 9.48 -3.78
CA ASP A 56 1.73 10.90 -3.74
C ASP A 56 1.97 11.57 -5.08
N GLY A 57 1.84 10.79 -6.15
CA GLY A 57 2.05 11.34 -7.48
C GLY A 57 3.52 11.52 -7.82
N GLU A 58 4.37 10.79 -7.10
CA GLU A 58 5.81 10.89 -7.32
C GLU A 58 6.44 9.50 -7.43
N ASN A 59 7.18 9.27 -8.51
CA ASN A 59 7.82 7.99 -8.74
C ASN A 59 8.60 7.54 -7.50
N ALA A 60 8.37 6.31 -7.06
CA ALA A 60 9.03 5.76 -5.89
C ALA A 60 10.26 4.95 -6.29
N GLY A 61 10.83 5.27 -7.45
CA GLY A 61 11.99 4.56 -7.93
C GLY A 61 13.29 5.17 -7.42
N SER A 62 13.17 6.23 -6.64
CA SER A 62 14.34 6.91 -6.09
C SER A 62 14.31 6.91 -4.57
N LEU A 63 13.18 6.50 -4.01
CA LEU A 63 13.02 6.45 -2.56
C LEU A 63 13.15 5.01 -2.05
N THR A 64 13.47 4.88 -0.77
CA THR A 64 13.63 3.56 -0.16
C THR A 64 12.36 3.16 0.59
N HIS A 65 12.44 2.03 1.29
CA HIS A 65 11.29 1.52 2.05
C HIS A 65 10.85 2.54 3.10
N ILE A 66 11.76 2.90 4.00
CA ILE A 66 11.47 3.86 5.05
C ILE A 66 10.99 5.19 4.46
N GLU A 67 11.62 5.61 3.37
CA GLU A 67 11.27 6.85 2.71
C GLU A 67 9.85 6.78 2.14
N ALA A 68 9.53 5.66 1.51
CA ALA A 68 8.22 5.46 0.92
C ALA A 68 7.11 5.76 1.92
N GLN A 69 7.33 5.37 3.17
CA GLN A 69 6.36 5.59 4.22
C GLN A 69 6.14 7.09 4.46
N ASN A 70 7.24 7.81 4.65
CA ASN A 70 7.17 9.25 4.88
C ASN A 70 6.41 9.95 3.76
N LYS A 71 6.53 9.41 2.55
CA LYS A 71 5.86 9.98 1.39
C LYS A 71 4.34 9.93 1.57
N ILE A 72 3.86 8.88 2.20
CA ILE A 72 2.43 8.71 2.43
C ILE A 72 1.96 9.55 3.62
N ARG A 73 2.62 9.35 4.76
CA ARG A 73 2.26 10.08 5.98
C ARG A 73 2.31 11.59 5.73
N ALA A 74 3.21 12.01 4.83
CA ALA A 74 3.35 13.42 4.51
C ALA A 74 2.09 13.95 3.84
N CYS A 75 1.30 13.05 3.27
CA CYS A 75 0.06 13.44 2.60
C CYS A 75 -0.75 14.42 3.45
N GLY A 76 -1.36 15.40 2.80
CA GLY A 76 -2.15 16.39 3.51
C GLY A 76 -3.56 16.50 2.97
N GLU A 77 -3.67 16.65 1.65
CA GLU A 77 -4.98 16.77 1.00
C GLU A 77 -5.44 15.43 0.45
N ARG A 78 -4.59 14.81 -0.38
CA ARG A 78 -4.92 13.53 -0.98
C ARG A 78 -3.65 12.74 -1.30
N LEU A 79 -3.77 11.42 -1.36
CA LEU A 79 -2.63 10.55 -1.66
C LEU A 79 -2.86 9.78 -2.96
N SER A 80 -1.99 10.00 -3.94
CA SER A 80 -2.10 9.34 -5.23
C SER A 80 -0.98 8.31 -5.40
N LEU A 81 -1.35 7.03 -5.37
CA LEU A 81 -0.38 5.95 -5.53
C LEU A 81 -0.64 5.17 -6.81
N GLY A 82 0.43 4.61 -7.37
CA GLY A 82 0.29 3.83 -8.60
C GLY A 82 0.63 2.36 -8.39
N LEU A 83 -0.31 1.50 -8.74
CA LEU A 83 -0.11 0.06 -8.60
C LEU A 83 -0.23 -0.64 -9.94
N SER A 84 0.25 -1.88 -10.00
CA SER A 84 0.20 -2.66 -11.23
C SER A 84 -0.26 -4.09 -10.95
N ARG A 85 -0.62 -4.81 -12.02
CA ARG A 85 -1.08 -6.19 -11.88
C ARG A 85 0.07 -7.10 -11.46
N ALA A 86 0.11 -7.43 -10.17
CA ALA A 86 1.14 -8.31 -9.64
C ALA A 86 0.96 -9.74 -10.13
N GLY A 87 2.03 -10.52 -10.06
CA GLY A 87 1.98 -11.90 -10.50
C GLY A 87 2.20 -12.89 -9.36
N ALA A 88 1.17 -13.65 -9.03
CA ALA A 88 1.25 -14.63 -7.96
C ALA A 88 1.79 -14.00 -6.67
N SER A 89 1.39 -12.76 -6.42
CA SER A 89 1.83 -12.04 -5.23
C SER A 89 0.87 -12.27 -4.07
N ALA A 90 -0.34 -11.71 -4.20
CA ALA A 90 -1.35 -11.86 -3.16
C ALA A 90 -2.67 -11.23 -3.59
N GLY A 91 -3.73 -11.52 -2.84
CA GLY A 91 -5.04 -10.98 -3.17
C GLY A 91 -6.11 -12.06 -3.25
N ALA A 92 -6.48 -12.59 -2.09
CA ALA A 92 -7.50 -13.63 -2.03
C ALA A 92 -7.78 -14.05 -0.58
N SER A 93 -8.56 -15.11 -0.42
CA SER A 93 -8.91 -15.60 0.92
C SER A 93 -9.61 -14.52 1.73
N ALA A 94 -10.67 -13.95 1.17
CA ALA A 94 -11.44 -12.90 1.83
C ALA A 94 -12.28 -13.48 2.97
N GLY A 95 -12.84 -14.66 2.74
CA GLY A 95 -13.66 -15.30 3.74
C GLY A 95 -12.96 -15.40 5.09
N ALA A 96 -11.65 -15.58 5.05
CA ALA A 96 -10.86 -15.70 6.27
C ALA A 96 -11.14 -14.54 7.22
N SER A 97 -11.37 -13.36 6.65
CA SER A 97 -11.64 -12.16 7.44
C SER A 97 -13.14 -11.98 7.64
N ALA A 98 -13.83 -13.07 7.97
CA ALA A 98 -15.27 -13.02 8.18
C ALA A 98 -15.61 -12.80 9.66
N HIS A 99 -14.80 -13.37 10.53
CA HIS A 99 -14.99 -13.23 11.97
C HIS A 99 -14.15 -12.09 12.53
N GLY A 100 -13.79 -11.15 11.68
CA GLY A 100 -12.98 -10.03 12.10
C GLY A 100 -11.50 -10.37 12.19
N ASN A 101 -11.07 -11.32 11.37
CA ASN A 101 -9.68 -11.75 11.37
C ASN A 101 -8.76 -10.58 11.03
N PHE A 102 -8.18 -9.98 12.06
CA PHE A 102 -7.27 -8.85 11.87
C PHE A 102 -5.82 -9.27 12.13
N ALA A 103 -4.90 -8.34 11.86
CA ALA A 103 -3.48 -8.62 12.05
C ALA A 103 -2.71 -7.33 12.33
N PHE A 104 -3.36 -6.39 13.00
CA PHE A 104 -2.74 -5.11 13.34
C PHE A 104 -2.48 -5.01 14.83
N GLU A 105 -1.21 -4.94 15.21
CA GLU A 105 -0.83 -4.84 16.61
C GLU A 105 0.68 -4.70 16.75
N GLY A 106 1.11 -3.68 17.49
CA GLY A 106 2.53 -3.45 17.70
C GLY A 106 3.25 -3.08 16.42
N ILE A 107 2.51 -2.52 15.47
CA ILE A 107 3.08 -2.12 14.19
C ILE A 107 3.02 -0.61 14.01
N GLY A 108 3.58 -0.12 12.90
CA GLY A 108 3.57 1.31 12.64
C GLY A 108 4.75 1.74 11.77
N ASP A 109 5.87 1.04 11.93
CA ASP A 109 7.06 1.36 11.15
C ASP A 109 6.75 1.41 9.66
N GLU A 110 5.87 0.52 9.21
CA GLU A 110 5.49 0.45 7.81
C GLU A 110 4.01 0.79 7.64
N ASP A 111 3.22 0.57 8.69
CA ASP A 111 1.80 0.85 8.65
C ASP A 111 1.53 2.26 8.14
N LEU A 112 0.56 2.38 7.24
CA LEU A 112 0.20 3.67 6.66
C LEU A 112 -1.27 3.99 6.91
N MET A 3 1.70 -5.62 -19.21
CA MET A 3 0.82 -5.37 -18.07
C MET A 3 0.25 -3.96 -18.14
N ASP A 4 -1.02 -3.82 -17.77
CA ASP A 4 -1.69 -2.53 -17.79
C ASP A 4 -1.48 -1.80 -16.46
N SER A 5 -0.88 -0.62 -16.52
CA SER A 5 -0.62 0.16 -15.31
C SER A 5 -1.71 1.23 -15.12
N PHE A 6 -1.79 1.77 -13.91
CA PHE A 6 -2.78 2.79 -13.59
C PHE A 6 -2.37 3.58 -12.36
N LYS A 7 -3.21 4.53 -11.96
CA LYS A 7 -2.94 5.36 -10.78
C LYS A 7 -4.18 5.50 -9.93
N VAL A 8 -4.02 5.32 -8.62
CA VAL A 8 -5.13 5.44 -7.69
C VAL A 8 -4.83 6.46 -6.59
N VAL A 9 -5.62 7.52 -6.55
CA VAL A 9 -5.44 8.58 -5.55
C VAL A 9 -6.51 8.49 -4.47
N LEU A 10 -6.07 8.34 -3.23
CA LEU A 10 -6.99 8.25 -2.09
C LEU A 10 -6.95 9.53 -1.25
N GLU A 11 -8.05 10.27 -1.26
CA GLU A 11 -8.13 11.51 -0.50
C GLU A 11 -9.27 11.45 0.52
N GLY A 12 -8.92 11.58 1.79
CA GLY A 12 -9.93 11.53 2.84
C GLY A 12 -9.40 12.02 4.18
N PRO A 13 -10.31 12.33 5.10
CA PRO A 13 -9.96 12.81 6.44
C PRO A 13 -9.32 11.72 7.29
N ALA A 14 -9.96 10.56 7.34
CA ALA A 14 -9.45 9.44 8.11
C ALA A 14 -8.18 8.86 7.49
N PRO A 15 -7.42 8.09 8.28
CA PRO A 15 -6.17 7.47 7.83
C PRO A 15 -6.42 6.36 6.82
N TRP A 16 -5.34 5.80 6.29
CA TRP A 16 -5.43 4.72 5.30
C TRP A 16 -5.51 3.37 6.00
N GLY A 17 -5.74 2.31 5.21
CA GLY A 17 -5.84 0.98 5.76
C GLY A 17 -5.03 -0.03 4.99
N PHE A 18 -3.87 0.41 4.48
CA PHE A 18 -3.00 -0.46 3.71
C PHE A 18 -1.54 -0.32 4.16
N ARG A 19 -0.71 -1.26 3.74
CA ARG A 19 0.71 -1.24 4.11
C ARG A 19 1.59 -1.38 2.87
N LEU A 20 2.90 -1.23 3.06
CA LEU A 20 3.84 -1.34 1.96
C LEU A 20 5.07 -2.14 2.38
N GLN A 21 5.82 -2.63 1.40
CA GLN A 21 7.02 -3.41 1.66
C GLN A 21 8.00 -3.31 0.50
N GLY A 22 9.14 -4.00 0.62
CA GLY A 22 10.14 -3.98 -0.42
C GLY A 22 11.34 -3.12 -0.06
N GLY A 23 11.86 -2.40 -1.04
CA GLY A 23 13.01 -1.54 -0.80
C GLY A 23 13.85 -1.33 -2.04
N LYS A 24 13.70 -0.18 -2.68
CA LYS A 24 14.46 0.14 -3.88
C LYS A 24 15.95 0.05 -3.63
N ASP A 25 16.40 0.66 -2.53
CA ASP A 25 17.81 0.64 -2.17
C ASP A 25 18.35 -0.78 -2.14
N PHE A 26 17.50 -1.72 -1.75
CA PHE A 26 17.90 -3.12 -1.67
C PHE A 26 17.53 -3.86 -2.96
N ASN A 27 17.53 -3.13 -4.07
CA ASN A 27 17.20 -3.72 -5.36
C ASN A 27 15.90 -4.51 -5.29
N VAL A 28 14.99 -4.07 -4.42
CA VAL A 28 13.71 -4.74 -4.25
C VAL A 28 12.56 -3.80 -4.57
N PRO A 29 11.60 -4.28 -5.38
CA PRO A 29 10.43 -3.50 -5.79
C PRO A 29 9.47 -3.26 -4.63
N LEU A 30 8.71 -2.18 -4.70
CA LEU A 30 7.75 -1.84 -3.66
C LEU A 30 6.36 -2.37 -4.01
N SER A 31 5.64 -2.83 -2.99
CA SER A 31 4.29 -3.36 -3.20
C SER A 31 3.50 -3.32 -1.89
N ILE A 32 2.20 -3.58 -1.99
CA ILE A 32 1.32 -3.58 -0.84
C ILE A 32 1.48 -4.86 -0.02
N SER A 33 1.63 -4.70 1.29
CA SER A 33 1.79 -5.85 2.18
C SER A 33 0.44 -6.33 2.71
N ARG A 34 -0.40 -5.37 3.10
CA ARG A 34 -1.71 -5.69 3.63
C ARG A 34 -2.74 -4.63 3.23
N LEU A 35 -3.98 -5.05 3.08
CA LEU A 35 -5.05 -4.12 2.70
C LEU A 35 -6.38 -4.55 3.30
N THR A 36 -6.83 -3.81 4.31
CA THR A 36 -8.08 -4.11 4.99
C THR A 36 -9.25 -4.11 4.00
N PRO A 37 -10.22 -5.00 4.23
CA PRO A 37 -11.41 -5.12 3.37
C PRO A 37 -12.34 -3.93 3.50
N GLY A 38 -12.67 -3.30 2.38
CA GLY A 38 -13.55 -2.16 2.40
C GLY A 38 -12.94 -0.95 3.08
N GLY A 39 -11.61 -0.97 3.22
CA GLY A 39 -10.92 0.13 3.88
C GLY A 39 -10.89 1.38 3.02
N LYS A 40 -10.07 2.35 3.42
CA LYS A 40 -9.95 3.60 2.69
C LYS A 40 -9.31 3.37 1.32
N ALA A 41 -8.17 2.70 1.31
CA ALA A 41 -7.47 2.41 0.06
C ALA A 41 -8.32 1.54 -0.86
N ALA A 42 -9.10 0.64 -0.27
CA ALA A 42 -9.96 -0.24 -1.04
C ALA A 42 -10.97 0.55 -1.86
N GLN A 43 -11.46 1.65 -1.29
CA GLN A 43 -12.43 2.50 -1.96
C GLN A 43 -11.94 2.90 -3.35
N ALA A 44 -10.65 3.18 -3.46
CA ALA A 44 -10.05 3.56 -4.74
C ALA A 44 -9.96 2.37 -5.68
N GLY A 45 -9.84 1.18 -5.11
CA GLY A 45 -9.75 -0.02 -5.92
C GLY A 45 -8.39 -0.69 -5.81
N VAL A 46 -7.72 -0.49 -4.68
CA VAL A 46 -6.41 -1.07 -4.45
C VAL A 46 -6.52 -2.43 -3.77
N ALA A 47 -5.62 -3.33 -4.12
CA ALA A 47 -5.62 -4.68 -3.55
C ALA A 47 -4.20 -5.13 -3.22
N VAL A 48 -4.02 -5.72 -2.05
CA VAL A 48 -2.71 -6.20 -1.62
C VAL A 48 -2.08 -7.08 -2.69
N GLY A 49 -0.81 -6.81 -2.99
CA GLY A 49 -0.10 -7.60 -3.99
C GLY A 49 0.37 -6.75 -5.15
N ASP A 50 -0.40 -5.72 -5.48
CA ASP A 50 -0.05 -4.83 -6.58
C ASP A 50 1.37 -4.27 -6.41
N TRP A 51 1.95 -3.80 -7.51
CA TRP A 51 3.30 -3.24 -7.47
C TRP A 51 3.27 -1.72 -7.46
N VAL A 52 3.91 -1.13 -6.46
CA VAL A 52 3.95 0.32 -6.34
C VAL A 52 4.96 0.93 -7.31
N LEU A 53 4.56 2.03 -7.95
CA LEU A 53 5.44 2.71 -8.90
C LEU A 53 5.81 4.10 -8.40
N SER A 54 4.85 4.78 -7.78
CA SER A 54 5.09 6.12 -7.25
C SER A 54 4.17 6.41 -6.07
N ILE A 55 4.59 7.33 -5.21
CA ILE A 55 3.80 7.71 -4.05
C ILE A 55 3.60 9.22 -3.97
N ASP A 56 2.38 9.64 -3.70
CA ASP A 56 2.06 11.06 -3.60
C ASP A 56 2.40 11.78 -4.89
N GLY A 57 2.30 11.08 -6.01
CA GLY A 57 2.60 11.67 -7.30
C GLY A 57 4.09 11.80 -7.54
N GLU A 58 4.88 11.00 -6.83
CA GLU A 58 6.32 11.03 -6.97
C GLU A 58 6.88 9.62 -7.12
N ASN A 59 7.66 9.41 -8.18
CA ASN A 59 8.25 8.11 -8.44
C ASN A 59 8.96 7.57 -7.20
N ALA A 60 8.64 6.33 -6.84
CA ALA A 60 9.24 5.71 -5.67
C ALA A 60 10.44 4.84 -6.06
N GLY A 61 11.05 5.18 -7.19
CA GLY A 61 12.21 4.43 -7.66
C GLY A 61 13.51 4.96 -7.10
N SER A 62 13.42 6.00 -6.28
CA SER A 62 14.61 6.60 -5.69
C SER A 62 14.53 6.55 -4.16
N LEU A 63 13.37 6.18 -3.64
CA LEU A 63 13.16 6.08 -2.20
C LEU A 63 13.23 4.63 -1.74
N THR A 64 13.48 4.44 -0.45
CA THR A 64 13.57 3.11 0.13
C THR A 64 12.26 2.71 0.80
N HIS A 65 12.27 1.56 1.46
CA HIS A 65 11.08 1.06 2.15
C HIS A 65 10.61 2.06 3.21
N ILE A 66 11.49 2.35 4.17
CA ILE A 66 11.15 3.28 5.23
C ILE A 66 10.75 4.64 4.67
N GLU A 67 11.45 5.08 3.63
CA GLU A 67 11.17 6.37 3.00
C GLU A 67 9.78 6.36 2.36
N ALA A 68 9.47 5.27 1.67
CA ALA A 68 8.17 5.13 1.00
C ALA A 68 7.03 5.43 1.96
N GLN A 69 7.17 4.97 3.21
CA GLN A 69 6.15 5.20 4.22
C GLN A 69 5.98 6.68 4.51
N ASN A 70 7.09 7.35 4.84
CA ASN A 70 7.06 8.78 5.14
C ASN A 70 6.37 9.55 4.02
N LYS A 71 6.54 9.08 2.79
CA LYS A 71 5.94 9.73 1.63
C LYS A 71 4.42 9.73 1.74
N ILE A 72 3.87 8.67 2.30
CA ILE A 72 2.42 8.55 2.47
C ILE A 72 1.94 9.36 3.68
N ARG A 73 2.53 9.07 4.84
CA ARG A 73 2.16 9.76 6.06
C ARG A 73 2.28 11.27 5.89
N ALA A 74 3.24 11.69 5.07
CA ALA A 74 3.47 13.11 4.82
C ALA A 74 2.27 13.74 4.13
N CYS A 75 1.45 12.92 3.49
CA CYS A 75 0.27 13.40 2.78
C CYS A 75 -0.53 14.36 3.65
N GLY A 76 -1.06 15.40 3.03
CA GLY A 76 -1.84 16.39 3.76
C GLY A 76 -3.21 16.61 3.16
N GLU A 77 -3.26 16.82 1.85
CA GLU A 77 -4.52 17.04 1.15
C GLU A 77 -5.02 15.75 0.50
N ARG A 78 -4.18 15.14 -0.31
CA ARG A 78 -4.54 13.90 -0.99
C ARG A 78 -3.29 13.06 -1.30
N LEU A 79 -3.48 11.76 -1.44
CA LEU A 79 -2.38 10.85 -1.73
C LEU A 79 -2.59 10.16 -3.07
N SER A 80 -1.66 10.39 -4.00
CA SER A 80 -1.75 9.78 -5.33
C SER A 80 -0.68 8.71 -5.51
N LEU A 81 -1.11 7.45 -5.55
CA LEU A 81 -0.20 6.33 -5.72
C LEU A 81 -0.42 5.64 -7.06
N GLY A 82 0.65 5.04 -7.59
CA GLY A 82 0.54 4.35 -8.87
C GLY A 82 0.79 2.86 -8.74
N LEU A 83 -0.19 2.05 -9.12
CA LEU A 83 -0.06 0.60 -9.05
C LEU A 83 -0.15 -0.02 -10.43
N SER A 84 0.28 -1.28 -10.53
CA SER A 84 0.26 -1.99 -11.80
C SER A 84 -0.25 -3.41 -11.63
N ARG A 85 -0.59 -4.06 -12.73
CA ARG A 85 -1.09 -5.43 -12.69
C ARG A 85 0.00 -6.41 -12.28
N ALA A 86 -0.02 -6.81 -11.01
CA ALA A 86 0.99 -7.74 -10.49
C ALA A 86 0.83 -9.12 -11.13
N GLY A 87 1.90 -9.90 -11.12
CA GLY A 87 1.86 -11.23 -11.68
C GLY A 87 1.70 -12.31 -10.64
N ALA A 88 2.77 -12.59 -9.90
CA ALA A 88 2.75 -13.61 -8.86
C ALA A 88 2.42 -12.98 -7.50
N SER A 89 1.31 -12.26 -7.44
CA SER A 89 0.90 -11.60 -6.20
C SER A 89 0.82 -12.62 -5.06
N ALA A 90 -0.15 -13.52 -5.14
CA ALA A 90 -0.34 -14.53 -4.12
C ALA A 90 -0.55 -13.91 -2.75
N GLY A 91 -1.37 -12.86 -2.71
CA GLY A 91 -1.65 -12.18 -1.46
C GLY A 91 -3.09 -12.35 -1.01
N ALA A 92 -3.31 -13.22 -0.04
CA ALA A 92 -4.65 -13.46 0.48
C ALA A 92 -4.61 -14.30 1.75
N SER A 93 -5.10 -13.73 2.84
CA SER A 93 -5.11 -14.43 4.13
C SER A 93 -6.49 -14.35 4.78
N ALA A 94 -7.40 -15.20 4.32
CA ALA A 94 -8.75 -15.22 4.85
C ALA A 94 -8.89 -16.29 5.94
N GLY A 95 -8.24 -17.42 5.74
CA GLY A 95 -8.31 -18.50 6.70
C GLY A 95 -7.84 -18.08 8.08
N ALA A 96 -6.85 -17.19 8.13
CA ALA A 96 -6.31 -16.71 9.39
C ALA A 96 -7.39 -16.05 10.23
N SER A 97 -8.18 -15.18 9.58
CA SER A 97 -9.25 -14.47 10.27
C SER A 97 -10.54 -15.26 10.24
N ALA A 98 -10.86 -15.91 11.36
CA ALA A 98 -12.07 -16.71 11.47
C ALA A 98 -13.29 -15.84 11.73
N HIS A 99 -13.11 -14.80 12.55
CA HIS A 99 -14.20 -13.89 12.88
C HIS A 99 -13.91 -12.48 12.37
N GLY A 100 -12.63 -12.20 12.13
CA GLY A 100 -12.24 -10.89 11.65
C GLY A 100 -12.54 -9.79 12.64
N ASN A 101 -12.52 -10.12 13.92
CA ASN A 101 -12.79 -9.15 14.96
C ASN A 101 -11.92 -7.91 14.80
N PHE A 102 -10.61 -8.12 14.75
CA PHE A 102 -9.65 -7.03 14.61
C PHE A 102 -8.47 -7.44 13.72
N ALA A 103 -7.73 -6.47 13.23
CA ALA A 103 -6.58 -6.73 12.38
C ALA A 103 -5.42 -5.81 12.73
N PHE A 104 -5.33 -5.43 14.00
CA PHE A 104 -4.26 -4.54 14.46
C PHE A 104 -3.29 -5.29 15.37
N GLU A 105 -2.08 -5.53 14.85
CA GLU A 105 -1.07 -6.24 15.61
C GLU A 105 0.24 -6.32 14.83
N GLY A 106 1.34 -5.94 15.47
CA GLY A 106 2.64 -5.97 14.81
C GLY A 106 2.73 -4.99 13.66
N ILE A 107 1.91 -3.95 13.71
CA ILE A 107 1.90 -2.93 12.67
C ILE A 107 2.36 -1.58 13.21
N GLY A 108 2.57 -0.62 12.31
CA GLY A 108 3.00 0.70 12.71
C GLY A 108 4.23 1.17 11.98
N ASP A 109 5.10 0.22 11.64
CA ASP A 109 6.34 0.53 10.92
C ASP A 109 6.08 0.68 9.43
N GLU A 110 5.17 -0.15 8.91
CA GLU A 110 4.84 -0.10 7.49
C GLU A 110 3.38 0.30 7.29
N ASP A 111 2.55 0.06 8.30
CA ASP A 111 1.14 0.41 8.24
C ASP A 111 0.96 1.86 7.80
N LEU A 112 0.04 2.07 6.85
CA LEU A 112 -0.22 3.41 6.33
C LEU A 112 -1.70 3.76 6.50
N MET A 3 1.95 -5.90 -18.20
CA MET A 3 0.54 -5.52 -18.22
C MET A 3 0.39 -4.00 -18.24
N ASP A 4 -0.86 -3.54 -18.18
CA ASP A 4 -1.15 -2.11 -18.19
C ASP A 4 -1.00 -1.51 -16.80
N SER A 5 -0.60 -0.24 -16.74
CA SER A 5 -0.42 0.43 -15.47
C SER A 5 -1.44 1.56 -15.31
N PHE A 6 -1.60 2.03 -14.07
CA PHE A 6 -2.55 3.11 -13.79
C PHE A 6 -2.14 3.87 -12.54
N LYS A 7 -2.90 4.90 -12.20
CA LYS A 7 -2.61 5.72 -11.02
C LYS A 7 -3.89 6.00 -10.24
N VAL A 8 -3.80 5.88 -8.92
CA VAL A 8 -4.94 6.13 -8.04
C VAL A 8 -4.60 7.13 -6.95
N VAL A 9 -5.29 8.26 -6.96
CA VAL A 9 -5.06 9.31 -5.97
C VAL A 9 -6.17 9.34 -4.93
N LEU A 10 -5.80 9.20 -3.66
CA LEU A 10 -6.77 9.20 -2.58
C LEU A 10 -6.65 10.49 -1.76
N GLU A 11 -7.67 11.33 -1.86
CA GLU A 11 -7.68 12.60 -1.12
C GLU A 11 -8.88 12.66 -0.18
N GLY A 12 -8.60 12.82 1.11
CA GLY A 12 -9.66 12.89 2.10
C GLY A 12 -9.16 13.38 3.45
N PRO A 13 -10.11 13.78 4.32
CA PRO A 13 -9.78 14.29 5.66
C PRO A 13 -9.26 13.19 6.57
N ALA A 14 -9.96 12.07 6.62
CA ALA A 14 -9.56 10.94 7.45
C ALA A 14 -8.32 10.25 6.90
N PRO A 15 -7.64 9.48 7.75
CA PRO A 15 -6.43 8.74 7.36
C PRO A 15 -6.71 7.61 6.39
N TRP A 16 -5.66 6.94 5.94
CA TRP A 16 -5.80 5.84 5.00
C TRP A 16 -6.02 4.52 5.74
N GLY A 17 -6.31 3.46 4.98
CA GLY A 17 -6.55 2.16 5.58
C GLY A 17 -5.80 1.05 4.87
N PHE A 18 -4.58 1.34 4.44
CA PHE A 18 -3.77 0.36 3.73
C PHE A 18 -2.32 0.39 4.23
N ARG A 19 -1.56 -0.64 3.87
CA ARG A 19 -0.17 -0.73 4.29
C ARG A 19 0.74 -0.96 3.08
N LEU A 20 2.05 -0.93 3.32
CA LEU A 20 3.02 -1.14 2.25
C LEU A 20 4.17 -2.02 2.73
N GLN A 21 4.91 -2.59 1.77
CA GLN A 21 6.03 -3.46 2.10
C GLN A 21 7.05 -3.48 0.97
N GLY A 22 8.12 -4.24 1.14
CA GLY A 22 9.15 -4.33 0.13
C GLY A 22 10.41 -3.58 0.51
N GLY A 23 11.02 -2.92 -0.46
CA GLY A 23 12.23 -2.16 -0.21
C GLY A 23 13.13 -2.07 -1.41
N LYS A 24 13.10 -0.93 -2.09
CA LYS A 24 13.92 -0.71 -3.28
C LYS A 24 15.40 -0.93 -2.97
N ASP A 25 15.86 -0.34 -1.87
CA ASP A 25 17.25 -0.47 -1.46
C ASP A 25 17.65 -1.94 -1.36
N PHE A 26 16.70 -2.78 -0.99
CA PHE A 26 16.96 -4.21 -0.85
C PHE A 26 16.56 -4.96 -2.13
N ASN A 27 16.66 -4.26 -3.26
CA ASN A 27 16.31 -4.85 -4.55
C ASN A 27 14.94 -5.51 -4.49
N VAL A 28 14.06 -4.97 -3.67
CA VAL A 28 12.71 -5.50 -3.51
C VAL A 28 11.66 -4.46 -3.90
N PRO A 29 10.70 -4.89 -4.73
CA PRO A 29 9.62 -4.01 -5.21
C PRO A 29 8.64 -3.65 -4.09
N LEU A 30 8.02 -2.48 -4.22
CA LEU A 30 7.07 -2.01 -3.23
C LEU A 30 5.64 -2.42 -3.61
N SER A 31 4.85 -2.80 -2.60
CA SER A 31 3.47 -3.21 -2.84
C SER A 31 2.64 -3.07 -1.56
N ILE A 32 1.33 -3.26 -1.69
CA ILE A 32 0.44 -3.17 -0.54
C ILE A 32 0.45 -4.45 0.28
N SER A 33 0.57 -4.30 1.59
CA SER A 33 0.60 -5.46 2.50
C SER A 33 -0.80 -5.81 2.97
N ARG A 34 -1.57 -4.79 3.34
CA ARG A 34 -2.94 -5.00 3.82
C ARG A 34 -3.83 -3.85 3.37
N LEU A 35 -5.12 -4.15 3.20
CA LEU A 35 -6.09 -3.15 2.78
C LEU A 35 -7.47 -3.44 3.38
N THR A 36 -7.91 -2.59 4.29
CA THR A 36 -9.21 -2.75 4.94
C THR A 36 -10.34 -2.69 3.92
N PRO A 37 -11.38 -3.50 4.14
CA PRO A 37 -12.54 -3.56 3.26
C PRO A 37 -13.39 -2.29 3.32
N GLY A 38 -13.62 -1.69 2.15
CA GLY A 38 -14.41 -0.48 2.09
C GLY A 38 -13.72 0.70 2.75
N GLY A 39 -12.41 0.58 2.93
CA GLY A 39 -11.65 1.65 3.56
C GLY A 39 -11.47 2.85 2.65
N LYS A 40 -10.56 3.74 3.02
CA LYS A 40 -10.30 4.94 2.23
C LYS A 40 -9.65 4.58 0.90
N ALA A 41 -8.51 3.90 0.97
CA ALA A 41 -7.79 3.49 -0.23
C ALA A 41 -8.66 2.63 -1.14
N ALA A 42 -9.52 1.82 -0.53
CA ALA A 42 -10.42 0.95 -1.28
C ALA A 42 -11.38 1.77 -2.14
N GLN A 43 -11.80 2.92 -1.62
CA GLN A 43 -12.71 3.78 -2.35
C GLN A 43 -12.18 4.10 -3.74
N ALA A 44 -10.89 4.42 -3.82
CA ALA A 44 -10.27 4.74 -5.10
C ALA A 44 -10.22 3.53 -6.01
N GLY A 45 -10.19 2.34 -5.41
CA GLY A 45 -10.14 1.11 -6.19
C GLY A 45 -8.84 0.35 -6.01
N VAL A 46 -8.21 0.54 -4.85
CA VAL A 46 -6.96 -0.14 -4.56
C VAL A 46 -7.19 -1.48 -3.86
N ALA A 47 -6.34 -2.45 -4.15
CA ALA A 47 -6.46 -3.77 -3.56
C ALA A 47 -5.09 -4.32 -3.16
N VAL A 48 -5.00 -4.87 -1.95
CA VAL A 48 -3.75 -5.43 -1.46
C VAL A 48 -3.14 -6.39 -2.47
N GLY A 49 -1.84 -6.22 -2.74
CA GLY A 49 -1.16 -7.08 -3.68
C GLY A 49 -0.59 -6.32 -4.85
N ASP A 50 -1.27 -5.24 -5.24
CA ASP A 50 -0.82 -4.43 -6.36
C ASP A 50 0.64 -4.03 -6.19
N TRP A 51 1.27 -3.64 -7.30
CA TRP A 51 2.67 -3.23 -7.27
C TRP A 51 2.80 -1.71 -7.32
N VAL A 52 3.36 -1.13 -6.25
CA VAL A 52 3.54 0.31 -6.18
C VAL A 52 4.66 0.77 -7.10
N LEU A 53 4.42 1.88 -7.80
CA LEU A 53 5.41 2.43 -8.71
C LEU A 53 5.88 3.80 -8.25
N SER A 54 4.97 4.58 -7.67
CA SER A 54 5.30 5.91 -7.18
C SER A 54 4.36 6.33 -6.05
N ILE A 55 4.81 7.24 -5.20
CA ILE A 55 4.01 7.71 -4.09
C ILE A 55 3.95 9.23 -4.07
N ASP A 56 2.76 9.77 -3.80
CA ASP A 56 2.56 11.22 -3.75
C ASP A 56 3.01 11.86 -5.06
N GLY A 57 2.88 11.14 -6.16
CA GLY A 57 3.27 11.65 -7.45
C GLY A 57 4.78 11.65 -7.65
N GLU A 58 5.47 10.82 -6.88
CA GLU A 58 6.92 10.73 -6.97
C GLU A 58 7.37 9.27 -7.06
N ASN A 59 8.17 8.97 -8.09
CA ASN A 59 8.67 7.61 -8.29
C ASN A 59 9.26 7.06 -7.00
N ALA A 60 8.83 5.86 -6.62
CA ALA A 60 9.32 5.22 -5.41
C ALA A 60 10.46 4.25 -5.73
N GLY A 61 11.15 4.50 -6.84
CA GLY A 61 12.25 3.64 -7.24
C GLY A 61 13.57 4.08 -6.64
N SER A 62 13.53 5.15 -5.85
CA SER A 62 14.74 5.68 -5.22
C SER A 62 14.60 5.67 -3.70
N LEU A 63 13.38 5.42 -3.22
CA LEU A 63 13.11 5.38 -1.79
C LEU A 63 13.04 3.94 -1.28
N THR A 64 13.23 3.77 0.03
CA THR A 64 13.17 2.45 0.63
C THR A 64 11.82 2.18 1.25
N HIS A 65 11.70 1.06 1.95
CA HIS A 65 10.45 0.68 2.61
C HIS A 65 10.04 1.72 3.64
N ILE A 66 10.93 1.97 4.60
CA ILE A 66 10.66 2.95 5.65
C ILE A 66 10.40 4.33 5.06
N GLU A 67 11.11 4.67 3.99
CA GLU A 67 10.96 5.95 3.32
C GLU A 67 9.60 6.04 2.63
N ALA A 68 9.21 4.97 1.97
CA ALA A 68 7.93 4.92 1.26
C ALA A 68 6.79 5.36 2.16
N GLN A 69 6.84 4.92 3.42
CA GLN A 69 5.81 5.27 4.39
C GLN A 69 5.77 6.77 4.64
N ASN A 70 6.91 7.34 4.97
CA ASN A 70 7.00 8.77 5.24
C ASN A 70 6.43 9.58 4.07
N LYS A 71 6.60 9.06 2.86
CA LYS A 71 6.10 9.73 1.67
C LYS A 71 4.58 9.87 1.71
N ILE A 72 3.92 8.86 2.27
CA ILE A 72 2.47 8.88 2.38
C ILE A 72 2.02 9.74 3.55
N ARG A 73 2.53 9.44 4.74
CA ARG A 73 2.18 10.20 5.94
C ARG A 73 2.45 11.68 5.74
N ALA A 74 3.45 12.00 4.94
CA ALA A 74 3.80 13.39 4.66
C ALA A 74 2.68 14.09 3.91
N CYS A 75 1.83 13.31 3.24
CA CYS A 75 0.72 13.86 2.48
C CYS A 75 -0.03 14.92 3.29
N GLY A 76 -0.45 15.98 2.61
CA GLY A 76 -1.18 17.04 3.29
C GLY A 76 -2.50 17.37 2.60
N GLU A 77 -2.46 17.54 1.28
CA GLU A 77 -3.66 17.85 0.53
C GLU A 77 -4.25 16.60 -0.10
N ARG A 78 -3.42 15.87 -0.86
CA ARG A 78 -3.87 14.65 -1.52
C ARG A 78 -2.69 13.71 -1.75
N LEU A 79 -2.99 12.42 -1.86
CA LEU A 79 -1.96 11.41 -2.08
C LEU A 79 -2.17 10.69 -3.40
N SER A 80 -1.19 10.80 -4.30
CA SER A 80 -1.27 10.17 -5.61
C SER A 80 -0.31 8.99 -5.70
N LEU A 81 -0.87 7.78 -5.76
CA LEU A 81 -0.06 6.58 -5.85
C LEU A 81 -0.26 5.89 -7.20
N GLY A 82 0.77 5.18 -7.66
CA GLY A 82 0.68 4.48 -8.93
C GLY A 82 0.81 2.97 -8.77
N LEU A 83 -0.16 2.24 -9.31
CA LEU A 83 -0.15 0.79 -9.23
C LEU A 83 -0.19 0.16 -10.62
N SER A 84 0.13 -1.12 -10.69
CA SER A 84 0.12 -1.84 -11.97
C SER A 84 -0.53 -3.21 -11.82
N ARG A 85 -0.87 -3.83 -12.95
CA ARG A 85 -1.51 -5.14 -12.95
C ARG A 85 -0.47 -6.25 -12.85
N ALA A 86 -0.31 -6.80 -11.65
CA ALA A 86 0.65 -7.88 -11.42
C ALA A 86 0.24 -9.13 -12.17
N GLY A 87 1.22 -9.98 -12.48
CA GLY A 87 0.95 -11.21 -13.19
C GLY A 87 0.93 -12.42 -12.27
N ALA A 88 2.10 -12.79 -11.76
CA ALA A 88 2.20 -13.93 -10.86
C ALA A 88 2.01 -13.51 -9.41
N SER A 89 0.96 -12.74 -9.15
CA SER A 89 0.67 -12.26 -7.81
C SER A 89 -0.26 -13.23 -7.08
N ALA A 90 0.30 -13.95 -6.11
CA ALA A 90 -0.48 -14.91 -5.33
C ALA A 90 0.12 -15.10 -3.94
N GLY A 91 -0.70 -14.88 -2.92
CA GLY A 91 -0.25 -15.03 -1.55
C GLY A 91 -1.39 -15.11 -0.56
N ALA A 92 -1.10 -15.61 0.64
CA ALA A 92 -2.11 -15.74 1.68
C ALA A 92 -1.48 -16.10 3.02
N SER A 93 -2.31 -16.24 4.04
CA SER A 93 -1.84 -16.57 5.38
C SER A 93 -2.85 -17.45 6.11
N ALA A 94 -2.41 -18.64 6.52
CA ALA A 94 -3.27 -19.57 7.23
C ALA A 94 -3.11 -19.42 8.74
N GLY A 95 -1.89 -19.14 9.18
CA GLY A 95 -1.63 -18.98 10.59
C GLY A 95 -2.05 -17.62 11.11
N ALA A 96 -1.83 -16.59 10.31
CA ALA A 96 -2.19 -15.22 10.69
C ALA A 96 -3.66 -15.15 11.12
N SER A 97 -4.51 -15.91 10.45
CA SER A 97 -5.93 -15.93 10.76
C SER A 97 -6.32 -17.23 11.45
N ALA A 98 -5.84 -17.41 12.68
CA ALA A 98 -6.14 -18.62 13.45
C ALA A 98 -7.62 -18.68 13.80
N HIS A 99 -8.21 -17.53 14.09
CA HIS A 99 -9.63 -17.47 14.44
C HIS A 99 -10.42 -16.78 13.35
N GLY A 100 -9.75 -15.97 12.54
CA GLY A 100 -10.41 -15.25 11.46
C GLY A 100 -11.34 -14.17 11.98
N ASN A 101 -11.02 -13.61 13.14
CA ASN A 101 -11.83 -12.56 13.73
C ASN A 101 -11.28 -11.18 13.38
N PHE A 102 -9.96 -11.07 13.31
CA PHE A 102 -9.32 -9.82 12.98
C PHE A 102 -7.95 -10.06 12.35
N ALA A 103 -7.26 -8.97 12.00
CA ALA A 103 -5.94 -9.06 11.39
C ALA A 103 -5.05 -7.91 11.83
N PHE A 104 -5.22 -7.48 13.07
CA PHE A 104 -4.43 -6.38 13.62
C PHE A 104 -3.48 -6.90 14.71
N GLU A 105 -2.19 -6.90 14.39
CA GLU A 105 -1.17 -7.37 15.32
C GLU A 105 0.24 -7.16 14.76
N GLY A 106 1.10 -6.54 15.55
CA GLY A 106 2.47 -6.29 15.11
C GLY A 106 2.53 -5.33 13.94
N ILE A 107 1.51 -4.49 13.80
CA ILE A 107 1.45 -3.52 12.73
C ILE A 107 1.52 -2.09 13.26
N GLY A 108 1.68 -1.13 12.35
CA GLY A 108 1.76 0.26 12.74
C GLY A 108 2.89 1.00 12.07
N ASP A 109 3.99 0.29 11.82
CA ASP A 109 5.15 0.89 11.17
C ASP A 109 4.91 1.05 9.68
N GLU A 110 4.22 0.08 9.08
CA GLU A 110 3.93 0.11 7.65
C GLU A 110 2.52 0.66 7.40
N ASP A 111 1.66 0.55 8.39
CA ASP A 111 0.28 1.03 8.27
C ASP A 111 0.27 2.48 7.77
N LEU A 112 -0.65 2.77 6.87
CA LEU A 112 -0.78 4.11 6.31
C LEU A 112 -2.22 4.61 6.41
N MET A 3 2.87 -5.01 -18.59
CA MET A 3 1.42 -4.99 -18.58
C MET A 3 0.90 -3.55 -18.57
N ASP A 4 -0.42 -3.40 -18.49
CA ASP A 4 -1.04 -2.08 -18.48
C ASP A 4 -0.93 -1.45 -17.10
N SER A 5 -0.29 -0.28 -17.02
CA SER A 5 -0.12 0.42 -15.75
C SER A 5 -1.24 1.43 -15.54
N PHE A 6 -1.41 1.87 -14.30
CA PHE A 6 -2.44 2.84 -13.97
C PHE A 6 -2.08 3.60 -12.68
N LYS A 7 -2.87 4.62 -12.37
CA LYS A 7 -2.64 5.43 -11.18
C LYS A 7 -3.92 5.59 -10.37
N VAL A 8 -3.82 5.38 -9.06
CA VAL A 8 -4.97 5.51 -8.18
C VAL A 8 -4.67 6.44 -7.01
N VAL A 9 -5.41 7.54 -6.92
CA VAL A 9 -5.21 8.50 -5.85
C VAL A 9 -6.31 8.38 -4.80
N LEU A 10 -5.90 8.18 -3.55
CA LEU A 10 -6.85 8.04 -2.44
C LEU A 10 -6.88 9.31 -1.59
N GLU A 11 -8.00 10.02 -1.64
CA GLU A 11 -8.17 11.25 -0.87
C GLU A 11 -9.35 11.15 0.08
N GLY A 12 -9.08 11.32 1.37
CA GLY A 12 -10.14 11.23 2.36
C GLY A 12 -9.71 11.77 3.71
N PRO A 13 -10.68 12.05 4.59
CA PRO A 13 -10.43 12.56 5.94
C PRO A 13 -9.77 11.53 6.84
N ALA A 14 -10.36 10.34 6.87
CA ALA A 14 -9.84 9.25 7.70
C ALA A 14 -8.54 8.69 7.12
N PRO A 15 -7.78 7.97 7.95
CA PRO A 15 -6.51 7.36 7.55
C PRO A 15 -6.70 6.21 6.57
N TRP A 16 -5.59 5.65 6.10
CA TRP A 16 -5.64 4.53 5.16
C TRP A 16 -5.73 3.20 5.90
N GLY A 17 -5.93 2.12 5.14
CA GLY A 17 -6.03 0.81 5.75
C GLY A 17 -5.22 -0.23 5.01
N PHE A 18 -4.06 0.18 4.50
CA PHE A 18 -3.17 -0.72 3.77
C PHE A 18 -1.73 -0.56 4.22
N ARG A 19 -0.88 -1.50 3.80
CA ARG A 19 0.53 -1.46 4.17
C ARG A 19 1.41 -1.59 2.93
N LEU A 20 2.71 -1.39 3.11
CA LEU A 20 3.66 -1.48 2.01
C LEU A 20 4.87 -2.33 2.40
N GLN A 21 5.61 -2.80 1.40
CA GLN A 21 6.79 -3.61 1.64
C GLN A 21 7.79 -3.49 0.49
N GLY A 22 8.90 -4.20 0.59
CA GLY A 22 9.92 -4.15 -0.44
C GLY A 22 11.12 -3.32 -0.04
N GLY A 23 11.67 -2.57 -0.98
CA GLY A 23 12.82 -1.74 -0.71
C GLY A 23 13.68 -1.51 -1.94
N LYS A 24 13.52 -0.34 -2.55
CA LYS A 24 14.28 0.00 -3.74
C LYS A 24 15.78 -0.11 -3.48
N ASP A 25 16.23 0.47 -2.37
CA ASP A 25 17.65 0.43 -2.01
C ASP A 25 18.15 -1.01 -1.98
N PHE A 26 17.29 -1.93 -1.61
CA PHE A 26 17.65 -3.35 -1.55
C PHE A 26 17.28 -4.06 -2.84
N ASN A 27 17.31 -3.32 -3.96
CA ASN A 27 16.97 -3.89 -5.25
C ASN A 27 15.66 -4.66 -5.19
N VAL A 28 14.76 -4.21 -4.33
CA VAL A 28 13.46 -4.86 -4.17
C VAL A 28 12.32 -3.90 -4.52
N PRO A 29 11.38 -4.38 -5.35
CA PRO A 29 10.22 -3.59 -5.77
C PRO A 29 9.23 -3.34 -4.64
N LEU A 30 8.56 -2.20 -4.68
CA LEU A 30 7.59 -1.84 -3.65
C LEU A 30 6.20 -2.37 -4.01
N SER A 31 5.47 -2.83 -3.00
CA SER A 31 4.14 -3.37 -3.20
C SER A 31 3.32 -3.31 -1.92
N ILE A 32 2.02 -3.55 -2.04
CA ILE A 32 1.12 -3.53 -0.88
C ILE A 32 1.24 -4.82 -0.07
N SER A 33 1.43 -4.68 1.24
CA SER A 33 1.56 -5.83 2.12
C SER A 33 0.18 -6.35 2.52
N ARG A 34 -0.68 -5.46 2.98
CA ARG A 34 -2.03 -5.83 3.40
C ARG A 34 -3.03 -4.76 3.01
N LEU A 35 -4.28 -5.17 2.82
CA LEU A 35 -5.35 -4.24 2.44
C LEU A 35 -6.68 -4.69 3.01
N THR A 36 -7.20 -3.92 3.96
CA THR A 36 -8.48 -4.23 4.59
C THR A 36 -9.61 -4.23 3.57
N PRO A 37 -10.58 -5.14 3.76
CA PRO A 37 -11.73 -5.26 2.86
C PRO A 37 -12.69 -4.07 2.97
N GLY A 38 -12.97 -3.43 1.85
CA GLY A 38 -13.87 -2.29 1.84
C GLY A 38 -13.29 -1.10 2.58
N GLY A 39 -11.96 -1.10 2.75
CA GLY A 39 -11.31 0.00 3.44
C GLY A 39 -11.15 1.22 2.57
N LYS A 40 -10.32 2.16 3.01
CA LYS A 40 -10.08 3.39 2.25
C LYS A 40 -9.41 3.09 0.92
N ALA A 41 -8.23 2.46 0.98
CA ALA A 41 -7.49 2.11 -0.23
C ALA A 41 -8.36 1.32 -1.19
N ALA A 42 -9.22 0.47 -0.65
CA ALA A 42 -10.11 -0.35 -1.47
C ALA A 42 -11.07 0.52 -2.27
N GLN A 43 -11.52 1.62 -1.66
CA GLN A 43 -12.45 2.53 -2.32
C GLN A 43 -11.91 2.96 -3.68
N ALA A 44 -10.62 3.30 -3.73
CA ALA A 44 -9.99 3.73 -4.97
C ALA A 44 -9.87 2.58 -5.95
N GLY A 45 -9.77 1.35 -5.42
CA GLY A 45 -9.66 0.18 -6.27
C GLY A 45 -8.31 -0.49 -6.13
N VAL A 46 -7.68 -0.34 -4.97
CA VAL A 46 -6.38 -0.94 -4.72
C VAL A 46 -6.53 -2.33 -4.10
N ALA A 47 -5.59 -3.22 -4.43
CA ALA A 47 -5.61 -4.58 -3.92
C ALA A 47 -4.21 -5.04 -3.53
N VAL A 48 -4.10 -5.65 -2.35
CA VAL A 48 -2.81 -6.14 -1.86
C VAL A 48 -2.13 -7.01 -2.90
N GLY A 49 -0.86 -6.71 -3.18
CA GLY A 49 -0.11 -7.47 -4.15
C GLY A 49 0.36 -6.62 -5.32
N ASP A 50 -0.41 -5.59 -5.64
CA ASP A 50 -0.05 -4.69 -6.75
C ASP A 50 1.37 -4.17 -6.60
N TRP A 51 1.94 -3.70 -7.70
CA TRP A 51 3.30 -3.18 -7.69
C TRP A 51 3.30 -1.65 -7.66
N VAL A 52 3.84 -1.08 -6.58
CA VAL A 52 3.91 0.36 -6.43
C VAL A 52 4.97 0.96 -7.35
N LEU A 53 4.63 2.08 -7.99
CA LEU A 53 5.55 2.75 -8.89
C LEU A 53 5.93 4.13 -8.36
N SER A 54 4.96 4.80 -7.73
CA SER A 54 5.19 6.12 -7.17
C SER A 54 4.24 6.40 -6.02
N ILE A 55 4.62 7.32 -5.14
CA ILE A 55 3.80 7.68 -3.99
C ILE A 55 3.66 9.19 -3.86
N ASP A 56 2.46 9.64 -3.52
CA ASP A 56 2.19 11.06 -3.36
C ASP A 56 2.56 11.83 -4.63
N GLY A 57 2.42 11.16 -5.77
CA GLY A 57 2.74 11.80 -7.04
C GLY A 57 4.24 11.91 -7.27
N GLU A 58 5.01 11.07 -6.58
CA GLU A 58 6.46 11.09 -6.71
C GLU A 58 7.00 9.67 -6.89
N ASN A 59 7.80 9.48 -7.94
CA ASN A 59 8.37 8.17 -8.23
C ASN A 59 9.03 7.58 -6.98
N ALA A 60 8.70 6.33 -6.67
CA ALA A 60 9.26 5.65 -5.52
C ALA A 60 10.46 4.79 -5.90
N GLY A 61 11.10 5.16 -7.01
CA GLY A 61 12.26 4.41 -7.47
C GLY A 61 13.56 4.92 -6.87
N SER A 62 13.46 5.95 -6.04
CA SER A 62 14.62 6.54 -5.40
C SER A 62 14.52 6.45 -3.88
N LEU A 63 13.34 6.09 -3.39
CA LEU A 63 13.11 5.96 -1.95
C LEU A 63 13.15 4.49 -1.53
N THR A 64 13.37 4.27 -0.24
CA THR A 64 13.43 2.92 0.30
C THR A 64 12.11 2.52 0.93
N HIS A 65 12.09 1.34 1.56
CA HIS A 65 10.88 0.84 2.21
C HIS A 65 10.42 1.78 3.32
N ILE A 66 11.33 2.08 4.24
CA ILE A 66 11.01 2.97 5.35
C ILE A 66 10.63 4.36 4.86
N GLU A 67 11.29 4.80 3.79
CA GLU A 67 11.01 6.11 3.21
C GLU A 67 9.64 6.14 2.55
N ALA A 68 9.32 5.05 1.84
CA ALA A 68 8.03 4.96 1.15
C ALA A 68 6.88 5.26 2.09
N GLN A 69 6.99 4.81 3.33
CA GLN A 69 5.95 5.04 4.34
C GLN A 69 5.79 6.53 4.62
N ASN A 70 6.91 7.18 4.97
CA ASN A 70 6.89 8.60 5.27
C ASN A 70 6.23 9.39 4.15
N LYS A 71 6.39 8.91 2.92
CA LYS A 71 5.80 9.57 1.75
C LYS A 71 4.28 9.56 1.83
N ILE A 72 3.72 8.48 2.38
CA ILE A 72 2.28 8.36 2.52
C ILE A 72 1.77 9.17 3.71
N ARG A 73 2.32 8.88 4.89
CA ARG A 73 1.93 9.58 6.11
C ARG A 73 2.06 11.09 5.94
N ALA A 74 3.04 11.50 5.14
CA ALA A 74 3.28 12.92 4.89
C ALA A 74 2.10 13.56 4.17
N CYS A 75 1.28 12.74 3.53
CA CYS A 75 0.11 13.22 2.80
C CYS A 75 -0.69 14.20 3.66
N GLY A 76 -1.20 15.24 3.01
CA GLY A 76 -1.98 16.25 3.72
C GLY A 76 -3.38 16.38 3.17
N GLU A 77 -3.49 16.63 1.88
CA GLU A 77 -4.79 16.80 1.23
C GLU A 77 -5.22 15.50 0.55
N ARG A 78 -4.35 14.98 -0.32
CA ARG A 78 -4.65 13.75 -1.04
C ARG A 78 -3.36 12.95 -1.30
N LEU A 79 -3.51 11.65 -1.50
CA LEU A 79 -2.37 10.79 -1.77
C LEU A 79 -2.50 10.11 -3.13
N SER A 80 -1.56 10.40 -4.03
CA SER A 80 -1.57 9.84 -5.37
C SER A 80 -0.58 8.68 -5.46
N LEU A 81 -1.10 7.48 -5.70
CA LEU A 81 -0.28 6.29 -5.82
C LEU A 81 -0.40 5.68 -7.21
N GLY A 82 0.66 5.01 -7.66
CA GLY A 82 0.65 4.39 -8.97
C GLY A 82 0.92 2.90 -8.90
N LEU A 83 -0.03 2.11 -9.40
CA LEU A 83 0.10 0.65 -9.40
C LEU A 83 0.06 0.10 -10.82
N SER A 84 0.51 -1.14 -10.98
CA SER A 84 0.51 -1.79 -12.28
C SER A 84 0.02 -3.22 -12.18
N ARG A 85 -0.29 -3.82 -13.33
CA ARG A 85 -0.78 -5.20 -13.37
C ARG A 85 0.38 -6.19 -13.27
N ALA A 86 0.55 -6.77 -12.10
CA ALA A 86 1.62 -7.74 -11.87
C ALA A 86 1.37 -9.02 -12.66
N GLY A 87 2.43 -9.79 -12.88
CA GLY A 87 2.31 -11.03 -13.62
C GLY A 87 2.17 -12.24 -12.72
N ALA A 88 2.90 -12.23 -11.61
CA ALA A 88 2.87 -13.33 -10.66
C ALA A 88 2.33 -12.86 -9.31
N SER A 89 1.28 -12.05 -9.33
CA SER A 89 0.69 -11.54 -8.11
C SER A 89 0.26 -12.68 -7.18
N ALA A 90 -0.26 -12.32 -6.01
CA ALA A 90 -0.70 -13.30 -5.04
C ALA A 90 -2.10 -13.00 -4.54
N GLY A 91 -2.56 -13.76 -3.55
CA GLY A 91 -3.89 -13.54 -3.00
C GLY A 91 -3.85 -12.95 -1.61
N ALA A 92 -4.89 -13.21 -0.83
CA ALA A 92 -4.97 -12.70 0.54
C ALA A 92 -4.60 -13.78 1.55
N SER A 93 -4.72 -13.44 2.83
CA SER A 93 -4.39 -14.37 3.90
C SER A 93 -5.61 -14.65 4.78
N ALA A 94 -5.83 -15.93 5.09
CA ALA A 94 -6.96 -16.32 5.92
C ALA A 94 -6.55 -16.41 7.39
N GLY A 95 -5.32 -16.86 7.62
CA GLY A 95 -4.83 -16.98 8.99
C GLY A 95 -5.00 -15.72 9.79
N ALA A 96 -4.88 -14.57 9.12
CA ALA A 96 -5.03 -13.28 9.78
C ALA A 96 -6.33 -13.21 10.58
N SER A 97 -7.37 -13.84 10.05
CA SER A 97 -8.67 -13.84 10.70
C SER A 97 -8.89 -15.15 11.48
N ALA A 98 -8.33 -15.22 12.68
CA ALA A 98 -8.47 -16.41 13.52
C ALA A 98 -9.68 -16.29 14.44
N HIS A 99 -9.91 -15.09 14.95
CA HIS A 99 -11.04 -14.85 15.86
C HIS A 99 -12.12 -14.04 15.16
N GLY A 100 -11.75 -13.32 14.11
CA GLY A 100 -12.70 -12.52 13.38
C GLY A 100 -13.25 -11.37 14.20
N ASN A 101 -12.45 -10.89 15.15
CA ASN A 101 -12.85 -9.78 16.02
C ASN A 101 -12.12 -8.50 15.64
N PHE A 102 -10.83 -8.62 15.36
CA PHE A 102 -10.02 -7.47 14.99
C PHE A 102 -8.85 -7.89 14.10
N ALA A 103 -8.04 -6.92 13.69
CA ALA A 103 -6.89 -7.18 12.84
C ALA A 103 -5.74 -6.23 13.15
N PHE A 104 -5.61 -5.86 14.42
CA PHE A 104 -4.56 -4.94 14.84
C PHE A 104 -3.52 -5.67 15.69
N GLU A 105 -2.33 -5.87 15.13
CA GLU A 105 -1.26 -6.55 15.84
C GLU A 105 0.02 -6.54 15.02
N GLY A 106 1.12 -6.11 15.65
CA GLY A 106 2.40 -6.05 14.96
C GLY A 106 2.41 -5.05 13.82
N ILE A 107 1.54 -4.05 13.92
CA ILE A 107 1.45 -3.02 12.89
C ILE A 107 1.85 -1.65 13.45
N GLY A 108 1.94 -0.66 12.57
CA GLY A 108 2.32 0.68 12.98
C GLY A 108 3.59 1.15 12.31
N ASP A 109 4.49 0.23 12.04
CA ASP A 109 5.76 0.56 11.39
C ASP A 109 5.57 0.76 9.90
N GLU A 110 4.74 -0.09 9.29
CA GLU A 110 4.48 -0.01 7.86
C GLU A 110 3.01 0.33 7.60
N ASP A 111 2.16 0.00 8.56
CA ASP A 111 0.72 0.26 8.43
C ASP A 111 0.47 1.70 8.01
N LEU A 112 -0.18 1.88 6.88
CA LEU A 112 -0.49 3.22 6.36
C LEU A 112 -1.97 3.54 6.54
N MET A 3 2.88 -6.09 -17.69
CA MET A 3 1.45 -6.23 -17.46
C MET A 3 0.75 -4.88 -17.51
N ASP A 4 -0.51 -4.84 -17.10
CA ASP A 4 -1.29 -3.60 -17.10
C ASP A 4 -1.04 -2.81 -15.82
N SER A 5 -0.84 -1.50 -15.97
CA SER A 5 -0.60 -0.63 -14.83
C SER A 5 -1.72 0.37 -14.66
N PHE A 6 -1.88 0.89 -13.44
CA PHE A 6 -2.93 1.86 -13.15
C PHE A 6 -2.53 2.75 -11.97
N LYS A 7 -3.41 3.67 -11.60
CA LYS A 7 -3.16 4.57 -10.50
C LYS A 7 -4.39 4.69 -9.60
N VAL A 8 -4.17 4.64 -8.28
CA VAL A 8 -5.25 4.75 -7.32
C VAL A 8 -4.96 5.83 -6.28
N VAL A 9 -5.80 6.85 -6.25
CA VAL A 9 -5.65 7.96 -5.31
C VAL A 9 -6.66 7.86 -4.18
N LEU A 10 -6.18 7.78 -2.95
CA LEU A 10 -7.04 7.69 -1.78
C LEU A 10 -7.05 9.01 -1.01
N GLU A 11 -8.19 9.68 -1.01
CA GLU A 11 -8.33 10.95 -0.31
C GLU A 11 -9.43 10.87 0.74
N GLY A 12 -9.07 11.06 2.01
CA GLY A 12 -10.03 11.01 3.08
C GLY A 12 -9.49 11.57 4.38
N PRO A 13 -10.39 11.86 5.33
CA PRO A 13 -10.02 12.40 6.63
C PRO A 13 -9.29 11.38 7.50
N ALA A 14 -9.85 10.18 7.60
CA ALA A 14 -9.26 9.11 8.39
C ALA A 14 -7.97 8.61 7.75
N PRO A 15 -7.15 7.90 8.55
CA PRO A 15 -5.88 7.35 8.08
C PRO A 15 -6.08 6.19 7.11
N TRP A 16 -4.97 5.68 6.57
CA TRP A 16 -5.02 4.57 5.62
C TRP A 16 -5.01 3.24 6.36
N GLY A 17 -5.21 2.15 5.61
CA GLY A 17 -5.22 0.83 6.20
C GLY A 17 -4.40 -0.17 5.42
N PHE A 18 -3.30 0.31 4.84
CA PHE A 18 -2.43 -0.55 4.06
C PHE A 18 -0.97 -0.33 4.43
N ARG A 19 -0.11 -1.26 4.04
CA ARG A 19 1.32 -1.17 4.33
C ARG A 19 2.15 -1.32 3.06
N LEU A 20 3.43 -0.96 3.15
CA LEU A 20 4.33 -1.06 2.01
C LEU A 20 5.63 -1.75 2.39
N GLN A 21 6.36 -2.24 1.40
CA GLN A 21 7.63 -2.92 1.64
C GLN A 21 8.54 -2.82 0.43
N GLY A 22 9.72 -3.42 0.54
CA GLY A 22 10.67 -3.38 -0.57
C GLY A 22 11.84 -2.45 -0.29
N GLY A 23 12.30 -1.75 -1.33
CA GLY A 23 13.40 -0.82 -1.18
C GLY A 23 14.16 -0.61 -2.47
N LYS A 24 13.92 0.53 -3.11
CA LYS A 24 14.58 0.87 -4.36
C LYS A 24 16.09 0.89 -4.19
N ASP A 25 16.55 1.56 -3.13
CA ASP A 25 17.98 1.67 -2.85
C ASP A 25 18.63 0.28 -2.81
N PHE A 26 17.86 -0.70 -2.35
CA PHE A 26 18.37 -2.07 -2.26
C PHE A 26 18.01 -2.88 -3.51
N ASN A 27 17.89 -2.18 -4.63
CA ASN A 27 17.55 -2.82 -5.90
C ASN A 27 16.33 -3.71 -5.74
N VAL A 28 15.43 -3.33 -4.84
CA VAL A 28 14.22 -4.11 -4.59
C VAL A 28 12.98 -3.27 -4.88
N PRO A 29 12.04 -3.86 -5.65
CA PRO A 29 10.79 -3.19 -6.02
C PRO A 29 9.84 -3.03 -4.82
N LEU A 30 9.06 -1.96 -4.85
CA LEU A 30 8.12 -1.69 -3.77
C LEU A 30 6.76 -2.35 -4.06
N SER A 31 6.08 -2.77 -2.99
CA SER A 31 4.78 -3.41 -3.12
C SER A 31 3.99 -3.30 -1.82
N ILE A 32 2.70 -3.65 -1.89
CA ILE A 32 1.84 -3.59 -0.72
C ILE A 32 2.09 -4.78 0.21
N SER A 33 2.28 -4.49 1.49
CA SER A 33 2.53 -5.53 2.48
C SER A 33 1.22 -6.13 2.98
N ARG A 34 0.30 -5.26 3.38
CA ARG A 34 -1.01 -5.70 3.88
C ARG A 34 -2.09 -4.69 3.53
N LEU A 35 -3.33 -5.17 3.44
CA LEU A 35 -4.46 -4.31 3.11
C LEU A 35 -5.74 -4.79 3.80
N THR A 36 -6.22 -4.02 4.76
CA THR A 36 -7.43 -4.37 5.49
C THR A 36 -8.63 -4.50 4.55
N PRO A 37 -9.53 -5.43 4.85
CA PRO A 37 -10.73 -5.67 4.04
C PRO A 37 -11.73 -4.54 4.17
N GLY A 38 -12.14 -3.99 3.02
CA GLY A 38 -13.10 -2.90 3.02
C GLY A 38 -12.54 -1.63 3.64
N GLY A 39 -11.21 -1.56 3.73
CA GLY A 39 -10.58 -0.39 4.31
C GLY A 39 -10.47 0.77 3.32
N LYS A 40 -9.87 1.86 3.76
CA LYS A 40 -9.70 3.04 2.91
C LYS A 40 -9.04 2.67 1.59
N ALA A 41 -7.83 2.11 1.67
CA ALA A 41 -7.10 1.70 0.48
C ALA A 41 -7.95 0.81 -0.42
N ALA A 42 -8.78 -0.02 0.21
CA ALA A 42 -9.65 -0.92 -0.54
C ALA A 42 -10.70 -0.14 -1.32
N GLN A 43 -11.18 0.95 -0.75
CA GLN A 43 -12.19 1.77 -1.41
C GLN A 43 -11.75 2.14 -2.82
N ALA A 44 -10.49 2.53 -2.96
CA ALA A 44 -9.95 2.92 -4.27
C ALA A 44 -9.85 1.71 -5.19
N GLY A 45 -9.69 0.53 -4.61
CA GLY A 45 -9.58 -0.68 -5.40
C GLY A 45 -8.19 -1.30 -5.33
N VAL A 46 -7.49 -1.06 -4.22
CA VAL A 46 -6.15 -1.60 -4.04
C VAL A 46 -6.18 -2.95 -3.35
N ALA A 47 -5.17 -3.77 -3.60
CA ALA A 47 -5.09 -5.09 -3.00
C ALA A 47 -3.64 -5.50 -2.74
N VAL A 48 -3.38 -6.07 -1.57
CA VAL A 48 -2.04 -6.49 -1.20
C VAL A 48 -1.42 -7.37 -2.28
N GLY A 49 -0.17 -7.08 -2.63
CA GLY A 49 0.51 -7.86 -3.65
C GLY A 49 0.93 -7.01 -4.84
N ASP A 50 0.13 -6.00 -5.16
CA ASP A 50 0.42 -5.11 -6.27
C ASP A 50 1.81 -4.49 -6.12
N TRP A 51 2.35 -4.02 -7.24
CA TRP A 51 3.67 -3.39 -7.23
C TRP A 51 3.57 -1.88 -7.27
N VAL A 52 4.16 -1.22 -6.27
CA VAL A 52 4.12 0.23 -6.19
C VAL A 52 5.07 0.86 -7.20
N LEU A 53 4.61 1.92 -7.86
CA LEU A 53 5.42 2.60 -8.86
C LEU A 53 5.71 4.04 -8.43
N SER A 54 4.74 4.67 -7.76
CA SER A 54 4.89 6.04 -7.30
C SER A 54 4.01 6.29 -6.07
N ILE A 55 4.37 7.31 -5.30
CA ILE A 55 3.62 7.67 -4.11
C ILE A 55 3.33 9.17 -4.06
N ASP A 56 2.12 9.52 -3.62
CA ASP A 56 1.71 10.91 -3.53
C ASP A 56 1.87 11.62 -4.87
N GLY A 57 1.73 10.85 -5.96
CA GLY A 57 1.87 11.42 -7.28
C GLY A 57 3.32 11.67 -7.66
N GLU A 58 4.23 10.97 -6.99
CA GLU A 58 5.65 11.12 -7.27
C GLU A 58 6.33 9.76 -7.42
N ASN A 59 7.07 9.59 -8.50
CA ASN A 59 7.76 8.33 -8.76
C ASN A 59 8.56 7.89 -7.54
N ALA A 60 8.37 6.64 -7.14
CA ALA A 60 9.07 6.08 -5.99
C ALA A 60 10.30 5.29 -6.42
N GLY A 61 10.85 5.63 -7.57
CA GLY A 61 12.01 4.94 -8.07
C GLY A 61 13.31 5.53 -7.57
N SER A 62 13.20 6.59 -6.78
CA SER A 62 14.38 7.27 -6.23
C SER A 62 14.35 7.25 -4.70
N LEU A 63 13.23 6.84 -4.14
CA LEU A 63 13.08 6.78 -2.69
C LEU A 63 13.23 5.34 -2.19
N THR A 64 13.57 5.19 -0.92
CA THR A 64 13.74 3.88 -0.31
C THR A 64 12.49 3.45 0.45
N HIS A 65 12.57 2.31 1.12
CA HIS A 65 11.45 1.80 1.90
C HIS A 65 11.04 2.78 2.98
N ILE A 66 12.00 3.11 3.87
CA ILE A 66 11.73 4.04 4.96
C ILE A 66 11.22 5.37 4.43
N GLU A 67 11.81 5.84 3.32
CA GLU A 67 11.42 7.10 2.71
C GLU A 67 9.98 7.03 2.20
N ALA A 68 9.66 5.95 1.50
CA ALA A 68 8.32 5.76 0.95
C ALA A 68 7.26 6.01 2.01
N GLN A 69 7.53 5.57 3.23
CA GLN A 69 6.59 5.74 4.34
C GLN A 69 6.33 7.23 4.60
N ASN A 70 7.40 8.02 4.61
CA ASN A 70 7.29 9.45 4.84
C ASN A 70 6.49 10.13 3.73
N LYS A 71 6.60 9.59 2.53
CA LYS A 71 5.89 10.14 1.38
C LYS A 71 4.37 10.04 1.57
N ILE A 72 3.94 8.95 2.21
CA ILE A 72 2.52 8.74 2.46
C ILE A 72 2.04 9.58 3.64
N ARG A 73 2.68 9.41 4.78
CA ARG A 73 2.31 10.15 5.98
C ARG A 73 2.34 11.66 5.72
N ALA A 74 3.24 12.07 4.83
CA ALA A 74 3.36 13.49 4.49
C ALA A 74 2.10 14.01 3.82
N CYS A 75 1.30 13.09 3.28
CA CYS A 75 0.06 13.45 2.62
C CYS A 75 -0.75 14.44 3.46
N GLY A 76 -1.37 15.42 2.80
CA GLY A 76 -2.16 16.40 3.51
C GLY A 76 -3.58 16.49 2.99
N GLU A 77 -3.72 16.64 1.68
CA GLU A 77 -5.04 16.74 1.06
C GLU A 77 -5.48 15.39 0.50
N ARG A 78 -4.63 14.81 -0.34
CA ARG A 78 -4.93 13.51 -0.96
C ARG A 78 -3.64 12.74 -1.24
N LEU A 79 -3.78 11.43 -1.41
CA LEU A 79 -2.62 10.57 -1.68
C LEU A 79 -2.82 9.79 -2.98
N SER A 80 -1.93 10.03 -3.93
CA SER A 80 -2.01 9.35 -5.22
C SER A 80 -0.92 8.28 -5.34
N LEU A 81 -1.34 7.02 -5.39
CA LEU A 81 -0.40 5.91 -5.51
C LEU A 81 -0.56 5.20 -6.84
N GLY A 82 0.52 4.60 -7.32
CA GLY A 82 0.48 3.89 -8.59
C GLY A 82 0.81 2.41 -8.43
N LEU A 83 -0.13 1.56 -8.82
CA LEU A 83 0.07 0.11 -8.72
C LEU A 83 -0.04 -0.54 -10.10
N SER A 84 0.49 -1.75 -10.21
CA SER A 84 0.46 -2.49 -11.47
C SER A 84 0.01 -3.92 -11.24
N ARG A 85 -0.33 -4.61 -12.33
CA ARG A 85 -0.80 -5.98 -12.25
C ARG A 85 0.35 -6.92 -11.86
N ALA A 86 0.40 -7.29 -10.59
CA ALA A 86 1.44 -8.18 -10.09
C ALA A 86 1.24 -9.61 -10.61
N GLY A 87 2.32 -10.39 -10.60
CA GLY A 87 2.25 -11.75 -11.07
C GLY A 87 2.09 -12.75 -9.94
N ALA A 88 2.70 -12.45 -8.80
CA ALA A 88 2.62 -13.34 -7.64
C ALA A 88 2.05 -12.59 -6.44
N SER A 89 1.02 -11.78 -6.67
CA SER A 89 0.40 -11.01 -5.61
C SER A 89 -0.26 -11.94 -4.59
N ALA A 90 -0.48 -11.43 -3.38
CA ALA A 90 -1.11 -12.21 -2.32
C ALA A 90 -2.63 -12.10 -2.38
N GLY A 91 -3.30 -12.82 -1.50
CA GLY A 91 -4.76 -12.80 -1.47
C GLY A 91 -5.30 -12.15 -0.21
N ALA A 92 -6.57 -12.42 0.09
CA ALA A 92 -7.20 -11.87 1.28
C ALA A 92 -8.58 -12.49 1.51
N SER A 93 -9.29 -11.98 2.50
CA SER A 93 -10.62 -12.50 2.83
C SER A 93 -11.38 -11.51 3.71
N ALA A 94 -12.63 -11.24 3.34
CA ALA A 94 -13.46 -10.32 4.10
C ALA A 94 -14.36 -11.07 5.08
N GLY A 95 -14.90 -12.20 4.64
CA GLY A 95 -15.76 -13.00 5.49
C GLY A 95 -15.14 -13.30 6.83
N ALA A 96 -13.82 -13.45 6.85
CA ALA A 96 -13.09 -13.75 8.08
C ALA A 96 -13.46 -12.75 9.18
N SER A 97 -13.69 -11.50 8.79
CA SER A 97 -14.05 -10.46 9.75
C SER A 97 -15.22 -10.89 10.63
N ALA A 98 -16.19 -11.56 10.02
CA ALA A 98 -17.36 -12.04 10.74
C ALA A 98 -16.95 -12.93 11.91
N HIS A 99 -15.90 -13.72 11.71
CA HIS A 99 -15.41 -14.61 12.75
C HIS A 99 -14.49 -13.88 13.71
N GLY A 100 -13.93 -12.76 13.26
CA GLY A 100 -13.03 -11.99 14.10
C GLY A 100 -11.57 -12.18 13.71
N ASN A 101 -11.33 -12.46 12.44
CA ASN A 101 -9.97 -12.68 11.96
C ASN A 101 -9.23 -11.34 11.81
N PHE A 102 -8.42 -11.02 12.81
CA PHE A 102 -7.66 -9.77 12.81
C PHE A 102 -6.18 -10.05 12.61
N ALA A 103 -5.45 -9.04 12.14
CA ALA A 103 -4.02 -9.16 11.90
C ALA A 103 -3.28 -7.88 12.25
N PHE A 104 -3.79 -7.18 13.26
CA PHE A 104 -3.18 -5.92 13.70
C PHE A 104 -2.55 -6.08 15.08
N GLU A 105 -1.22 -6.09 15.12
CA GLU A 105 -0.49 -6.23 16.38
C GLU A 105 1.00 -6.12 16.16
N GLY A 106 1.66 -5.28 16.95
CA GLY A 106 3.09 -5.11 16.82
C GLY A 106 3.49 -4.48 15.50
N ILE A 107 2.56 -3.75 14.88
CA ILE A 107 2.81 -3.11 13.61
C ILE A 107 2.77 -1.58 13.73
N GLY A 108 3.21 -0.89 12.69
CA GLY A 108 3.21 0.55 12.70
C GLY A 108 4.35 1.14 11.89
N ASP A 109 5.51 0.49 11.95
CA ASP A 109 6.68 0.96 11.21
C ASP A 109 6.37 1.05 9.72
N GLU A 110 5.57 0.13 9.21
CA GLU A 110 5.20 0.12 7.80
C GLU A 110 3.74 0.49 7.62
N ASP A 111 2.94 0.27 8.65
CA ASP A 111 1.51 0.59 8.59
C ASP A 111 1.30 2.03 8.13
N LEU A 112 0.53 2.20 7.06
CA LEU A 112 0.25 3.51 6.51
C LEU A 112 -1.19 3.91 6.78
N MET A 3 2.61 -5.04 -18.20
CA MET A 3 1.14 -5.08 -18.15
C MET A 3 0.57 -3.67 -18.15
N ASP A 4 -0.75 -3.58 -17.99
CA ASP A 4 -1.42 -2.29 -17.99
C ASP A 4 -1.23 -1.58 -16.63
N SER A 5 -0.65 -0.39 -16.68
CA SER A 5 -0.41 0.38 -15.47
C SER A 5 -1.49 1.42 -15.26
N PHE A 6 -1.63 1.88 -14.03
CA PHE A 6 -2.64 2.88 -13.69
C PHE A 6 -2.25 3.64 -12.41
N LYS A 7 -3.09 4.60 -12.03
CA LYS A 7 -2.84 5.40 -10.84
C LYS A 7 -4.10 5.52 -9.99
N VAL A 8 -3.94 5.40 -8.67
CA VAL A 8 -5.05 5.50 -7.75
C VAL A 8 -4.77 6.48 -6.63
N VAL A 9 -5.56 7.56 -6.57
CA VAL A 9 -5.39 8.58 -5.54
C VAL A 9 -6.47 8.48 -4.48
N LEU A 10 -6.05 8.24 -3.24
CA LEU A 10 -6.99 8.13 -2.12
C LEU A 10 -6.97 9.39 -1.26
N GLU A 11 -8.08 10.11 -1.26
CA GLU A 11 -8.19 11.34 -0.48
C GLU A 11 -9.34 11.23 0.53
N GLY A 12 -9.01 11.33 1.81
CA GLY A 12 -10.02 11.24 2.84
C GLY A 12 -9.51 11.69 4.20
N PRO A 13 -10.43 11.98 5.13
CA PRO A 13 -10.08 12.42 6.48
C PRO A 13 -9.45 11.31 7.31
N ALA A 14 -10.08 10.14 7.30
CA ALA A 14 -9.58 8.99 8.06
C ALA A 14 -8.31 8.45 7.43
N PRO A 15 -7.55 7.65 8.22
CA PRO A 15 -6.30 7.04 7.76
C PRO A 15 -6.52 5.97 6.71
N TRP A 16 -5.43 5.43 6.18
CA TRP A 16 -5.51 4.39 5.16
C TRP A 16 -5.60 3.01 5.80
N GLY A 17 -5.84 1.99 4.98
CA GLY A 17 -5.94 0.63 5.48
C GLY A 17 -5.12 -0.35 4.68
N PHE A 18 -3.98 0.11 4.16
CA PHE A 18 -3.11 -0.74 3.36
C PHE A 18 -1.65 -0.60 3.82
N ARG A 19 -0.81 -1.55 3.41
CA ARG A 19 0.59 -1.53 3.78
C ARG A 19 1.48 -1.66 2.54
N LEU A 20 2.76 -1.36 2.70
CA LEU A 20 3.72 -1.45 1.59
C LEU A 20 4.95 -2.23 2.02
N GLN A 21 5.71 -2.71 1.03
CA GLN A 21 6.93 -3.47 1.29
C GLN A 21 7.92 -3.33 0.14
N GLY A 22 9.06 -4.00 0.26
CA GLY A 22 10.07 -3.93 -0.77
C GLY A 22 11.29 -3.13 -0.34
N GLY A 23 11.82 -2.33 -1.26
CA GLY A 23 12.99 -1.53 -0.96
C GLY A 23 13.85 -1.27 -2.18
N LYS A 24 13.67 -0.11 -2.80
CA LYS A 24 14.44 0.25 -3.98
C LYS A 24 15.94 0.20 -3.70
N ASP A 25 16.34 0.77 -2.57
CA ASP A 25 17.75 0.77 -2.19
C ASP A 25 18.33 -0.64 -2.20
N PHE A 26 17.49 -1.62 -1.87
CA PHE A 26 17.90 -3.01 -1.84
C PHE A 26 17.61 -3.70 -3.18
N ASN A 27 17.63 -2.92 -4.25
CA ASN A 27 17.37 -3.45 -5.59
C ASN A 27 16.08 -4.26 -5.59
N VAL A 28 15.15 -3.91 -4.71
CA VAL A 28 13.87 -4.60 -4.63
C VAL A 28 12.71 -3.65 -4.90
N PRO A 29 11.77 -4.08 -5.75
CA PRO A 29 10.59 -3.28 -6.10
C PRO A 29 9.62 -3.14 -4.94
N LEU A 30 8.72 -2.15 -5.04
CA LEU A 30 7.73 -1.91 -4.01
C LEU A 30 6.38 -2.50 -4.39
N SER A 31 5.63 -2.97 -3.39
CA SER A 31 4.32 -3.55 -3.63
C SER A 31 3.48 -3.51 -2.36
N ILE A 32 2.17 -3.68 -2.52
CA ILE A 32 1.24 -3.66 -1.39
C ILE A 32 1.39 -4.93 -0.55
N SER A 33 1.48 -4.74 0.76
CA SER A 33 1.62 -5.86 1.69
C SER A 33 0.26 -6.42 2.07
N ARG A 34 -0.65 -5.54 2.47
CA ARG A 34 -1.99 -5.96 2.87
C ARG A 34 -3.00 -4.85 2.58
N LEU A 35 -4.26 -5.25 2.42
CA LEU A 35 -5.33 -4.30 2.13
C LEU A 35 -6.65 -4.76 2.72
N THR A 36 -7.13 -4.04 3.73
CA THR A 36 -8.39 -4.39 4.39
C THR A 36 -9.55 -4.35 3.40
N PRO A 37 -10.51 -5.27 3.59
CA PRO A 37 -11.70 -5.35 2.73
C PRO A 37 -12.64 -4.18 2.91
N GLY A 38 -12.96 -3.51 1.81
CA GLY A 38 -13.87 -2.36 1.88
C GLY A 38 -13.27 -1.20 2.64
N GLY A 39 -11.94 -1.21 2.78
CA GLY A 39 -11.27 -0.13 3.49
C GLY A 39 -11.14 1.12 2.66
N LYS A 40 -10.30 2.05 3.11
CA LYS A 40 -10.08 3.30 2.40
C LYS A 40 -9.40 3.06 1.06
N ALA A 41 -8.21 2.46 1.11
CA ALA A 41 -7.45 2.18 -0.10
C ALA A 41 -8.30 1.41 -1.11
N ALA A 42 -9.18 0.55 -0.61
CA ALA A 42 -10.05 -0.24 -1.47
C ALA A 42 -10.99 0.65 -2.27
N GLN A 43 -11.47 1.72 -1.63
CA GLN A 43 -12.38 2.66 -2.28
C GLN A 43 -11.82 3.12 -3.62
N ALA A 44 -10.54 3.46 -3.63
CA ALA A 44 -9.87 3.93 -4.84
C ALA A 44 -9.78 2.81 -5.88
N GLY A 45 -9.74 1.58 -5.40
CA GLY A 45 -9.65 0.44 -6.31
C GLY A 45 -8.33 -0.28 -6.21
N VAL A 46 -7.69 -0.19 -5.05
CA VAL A 46 -6.41 -0.84 -4.83
C VAL A 46 -6.58 -2.25 -4.29
N ALA A 47 -5.60 -3.11 -4.55
CA ALA A 47 -5.65 -4.50 -4.08
C ALA A 47 -4.24 -5.03 -3.80
N VAL A 48 -4.09 -5.69 -2.67
CA VAL A 48 -2.81 -6.26 -2.28
C VAL A 48 -2.21 -7.11 -3.40
N GLY A 49 -0.93 -6.91 -3.66
CA GLY A 49 -0.26 -7.65 -4.72
C GLY A 49 0.30 -6.75 -5.80
N ASP A 50 -0.40 -5.66 -6.07
CA ASP A 50 0.04 -4.72 -7.09
C ASP A 50 1.43 -4.18 -6.79
N TRP A 51 2.09 -3.65 -7.81
CA TRP A 51 3.44 -3.11 -7.66
C TRP A 51 3.41 -1.58 -7.62
N VAL A 52 3.97 -1.02 -6.55
CA VAL A 52 4.00 0.43 -6.40
C VAL A 52 5.00 1.06 -7.36
N LEU A 53 4.61 2.17 -7.98
CA LEU A 53 5.46 2.88 -8.92
C LEU A 53 5.83 4.26 -8.40
N SER A 54 4.89 4.89 -7.71
CA SER A 54 5.12 6.23 -7.15
C SER A 54 4.20 6.49 -5.97
N ILE A 55 4.59 7.42 -5.12
CA ILE A 55 3.80 7.77 -3.94
C ILE A 55 3.61 9.28 -3.83
N ASP A 56 2.39 9.70 -3.55
CA ASP A 56 2.06 11.12 -3.41
C ASP A 56 2.40 11.87 -4.69
N GLY A 57 2.27 11.20 -5.83
CA GLY A 57 2.56 11.82 -7.11
C GLY A 57 4.06 11.96 -7.35
N GLU A 58 4.84 11.15 -6.66
CA GLU A 58 6.29 11.19 -6.81
C GLU A 58 6.87 9.79 -6.98
N ASN A 59 7.64 9.61 -8.05
CA ASN A 59 8.25 8.31 -8.34
C ASN A 59 8.95 7.76 -7.10
N ALA A 60 8.64 6.50 -6.77
CA ALA A 60 9.23 5.84 -5.62
C ALA A 60 10.44 5.01 -6.02
N GLY A 61 11.09 5.39 -7.12
CA GLY A 61 12.25 4.67 -7.60
C GLY A 61 13.54 5.17 -6.98
N SER A 62 13.43 6.19 -6.13
CA SER A 62 14.59 6.76 -5.47
C SER A 62 14.48 6.64 -3.95
N LEU A 63 13.30 6.26 -3.48
CA LEU A 63 13.05 6.10 -2.06
C LEU A 63 13.11 4.63 -1.65
N THR A 64 13.35 4.38 -0.36
CA THR A 64 13.41 3.04 0.15
C THR A 64 12.10 2.62 0.81
N HIS A 65 12.08 1.42 1.38
CA HIS A 65 10.89 0.90 2.03
C HIS A 65 10.47 1.81 3.19
N ILE A 66 11.38 2.02 4.12
CA ILE A 66 11.12 2.87 5.28
C ILE A 66 10.73 4.28 4.84
N GLU A 67 11.41 4.79 3.82
CA GLU A 67 11.12 6.13 3.31
C GLU A 67 9.71 6.20 2.73
N ALA A 68 9.35 5.22 1.92
CA ALA A 68 8.03 5.18 1.30
C ALA A 68 6.94 5.41 2.34
N GLN A 69 7.12 4.83 3.52
CA GLN A 69 6.14 4.98 4.59
C GLN A 69 5.96 6.44 4.97
N ASN A 70 7.07 7.18 5.01
CA ASN A 70 7.03 8.60 5.35
C ASN A 70 6.35 9.41 4.25
N LYS A 71 6.49 8.96 3.01
CA LYS A 71 5.89 9.64 1.88
C LYS A 71 4.36 9.61 1.96
N ILE A 72 3.83 8.50 2.48
CA ILE A 72 2.39 8.35 2.62
C ILE A 72 1.87 9.11 3.83
N ARG A 73 2.42 8.82 5.00
CA ARG A 73 2.02 9.49 6.23
C ARG A 73 2.14 11.00 6.10
N ALA A 74 3.10 11.44 5.29
CA ALA A 74 3.32 12.87 5.08
C ALA A 74 2.13 13.50 4.38
N CYS A 75 1.32 12.69 3.72
CA CYS A 75 0.14 13.17 3.02
C CYS A 75 -0.68 14.11 3.90
N GLY A 76 -1.20 15.17 3.30
CA GLY A 76 -2.00 16.13 4.05
C GLY A 76 -3.38 16.33 3.46
N GLU A 77 -3.43 16.58 2.16
CA GLU A 77 -4.70 16.80 1.47
C GLU A 77 -5.17 15.53 0.78
N ARG A 78 -4.30 14.96 -0.06
CA ARG A 78 -4.62 13.74 -0.78
C ARG A 78 -3.36 12.94 -1.08
N LEU A 79 -3.54 11.64 -1.32
CA LEU A 79 -2.41 10.76 -1.63
C LEU A 79 -2.59 10.09 -2.98
N SER A 80 -1.66 10.37 -3.89
CA SER A 80 -1.71 9.80 -5.24
C SER A 80 -0.63 8.75 -5.42
N LEU A 81 -1.04 7.49 -5.51
CA LEU A 81 -0.09 6.39 -5.70
C LEU A 81 -0.35 5.68 -7.01
N GLY A 82 0.71 5.10 -7.58
CA GLY A 82 0.58 4.39 -8.85
C GLY A 82 0.85 2.91 -8.70
N LEU A 83 -0.07 2.09 -9.18
CA LEU A 83 0.06 0.64 -9.10
C LEU A 83 0.03 0.02 -10.48
N SER A 84 0.60 -1.19 -10.60
CA SER A 84 0.64 -1.89 -11.88
C SER A 84 0.24 -3.36 -11.71
N ARG A 85 -0.27 -3.95 -12.78
CA ARG A 85 -0.70 -5.34 -12.75
C ARG A 85 0.50 -6.27 -12.61
N ALA A 86 0.75 -6.75 -11.39
CA ALA A 86 1.86 -7.65 -11.14
C ALA A 86 1.68 -8.98 -11.86
N GLY A 87 2.79 -9.68 -12.08
CA GLY A 87 2.73 -10.96 -12.77
C GLY A 87 2.84 -12.13 -11.81
N ALA A 88 3.97 -12.22 -11.13
CA ALA A 88 4.20 -13.30 -10.17
C ALA A 88 3.86 -12.87 -8.75
N SER A 89 2.67 -12.31 -8.57
CA SER A 89 2.24 -11.84 -7.26
C SER A 89 1.08 -12.69 -6.74
N ALA A 90 1.11 -13.00 -5.45
CA ALA A 90 0.06 -13.80 -4.83
C ALA A 90 0.31 -13.96 -3.33
N GLY A 91 -0.76 -14.09 -2.57
CA GLY A 91 -0.64 -14.25 -1.13
C GLY A 91 -1.95 -14.00 -0.41
N ALA A 92 -2.08 -14.55 0.79
CA ALA A 92 -3.29 -14.38 1.59
C ALA A 92 -3.13 -15.02 2.96
N SER A 93 -4.00 -14.64 3.89
CA SER A 93 -3.96 -15.18 5.25
C SER A 93 -5.34 -15.12 5.90
N ALA A 94 -5.88 -16.29 6.24
CA ALA A 94 -7.19 -16.36 6.87
C ALA A 94 -7.07 -16.45 8.38
N GLY A 95 -6.03 -17.15 8.85
CA GLY A 95 -5.82 -17.30 10.27
C GLY A 95 -5.80 -15.98 11.00
N ALA A 96 -5.30 -14.94 10.34
CA ALA A 96 -5.24 -13.61 10.93
C ALA A 96 -6.59 -13.19 11.49
N SER A 97 -7.66 -13.58 10.79
CA SER A 97 -9.02 -13.24 11.22
C SER A 97 -9.66 -14.39 11.98
N ALA A 98 -9.43 -14.44 13.28
CA ALA A 98 -9.99 -15.49 14.13
C ALA A 98 -11.40 -15.14 14.59
N HIS A 99 -11.63 -13.86 14.84
CA HIS A 99 -12.94 -13.39 15.29
C HIS A 99 -13.65 -12.62 14.18
N GLY A 100 -12.87 -12.10 13.23
CA GLY A 100 -13.44 -11.34 12.13
C GLY A 100 -14.05 -10.04 12.58
N ASN A 101 -13.51 -9.48 13.66
CA ASN A 101 -14.01 -8.21 14.19
C ASN A 101 -13.01 -7.08 13.94
N PHE A 102 -11.74 -7.34 14.22
CA PHE A 102 -10.69 -6.34 14.02
C PHE A 102 -9.41 -7.00 13.54
N ALA A 103 -8.53 -6.21 12.92
CA ALA A 103 -7.26 -6.71 12.42
C ALA A 103 -6.13 -5.74 12.70
N PHE A 104 -6.25 -5.01 13.81
CA PHE A 104 -5.23 -4.03 14.20
C PHE A 104 -4.47 -4.50 15.44
N GLU A 105 -3.22 -4.88 15.24
CA GLU A 105 -2.38 -5.35 16.34
C GLU A 105 -0.96 -5.66 15.86
N GLY A 106 0.03 -5.11 16.55
CA GLY A 106 1.41 -5.34 16.18
C GLY A 106 1.75 -4.74 14.84
N ILE A 107 1.00 -3.72 14.43
CA ILE A 107 1.23 -3.07 13.14
C ILE A 107 1.66 -1.62 13.35
N GLY A 108 1.98 -0.95 12.24
CA GLY A 108 2.41 0.44 12.32
C GLY A 108 3.67 0.70 11.52
N ASP A 109 4.61 -0.23 11.57
CA ASP A 109 5.86 -0.10 10.85
C ASP A 109 5.62 0.00 9.34
N GLU A 110 4.68 -0.81 8.85
CA GLU A 110 4.36 -0.81 7.42
C GLU A 110 2.93 -0.33 7.20
N ASP A 111 2.08 -0.50 8.20
CA ASP A 111 0.69 -0.07 8.12
C ASP A 111 0.59 1.39 7.72
N LEU A 112 -0.19 1.66 6.67
CA LEU A 112 -0.37 3.03 6.19
C LEU A 112 -1.80 3.50 6.42
N MET A 3 2.53 -5.59 -18.05
CA MET A 3 1.09 -5.59 -17.85
C MET A 3 0.53 -4.16 -17.92
N ASP A 4 -0.73 -4.00 -17.53
CA ASP A 4 -1.37 -2.69 -17.56
C ASP A 4 -1.13 -1.94 -16.25
N SER A 5 -0.74 -0.68 -16.37
CA SER A 5 -0.48 0.15 -15.20
C SER A 5 -1.57 1.20 -15.01
N PHE A 6 -1.69 1.70 -13.80
CA PHE A 6 -2.69 2.72 -13.48
C PHE A 6 -2.30 3.52 -12.25
N LYS A 7 -3.15 4.47 -11.87
CA LYS A 7 -2.89 5.31 -10.70
C LYS A 7 -4.13 5.43 -9.83
N VAL A 8 -3.96 5.27 -8.52
CA VAL A 8 -5.07 5.37 -7.58
C VAL A 8 -4.78 6.39 -6.49
N VAL A 9 -5.58 7.44 -6.44
CA VAL A 9 -5.41 8.49 -5.43
C VAL A 9 -6.47 8.39 -4.34
N LEU A 10 -6.02 8.23 -3.10
CA LEU A 10 -6.93 8.12 -1.97
C LEU A 10 -6.91 9.38 -1.13
N GLU A 11 -8.03 10.11 -1.13
CA GLU A 11 -8.14 11.35 -0.36
C GLU A 11 -9.28 11.26 0.65
N GLY A 12 -8.93 11.38 1.93
CA GLY A 12 -9.93 11.31 2.97
C GLY A 12 -9.39 11.78 4.32
N PRO A 13 -10.32 12.07 5.24
CA PRO A 13 -9.97 12.55 6.59
C PRO A 13 -9.31 11.46 7.43
N ALA A 14 -9.92 10.28 7.45
CA ALA A 14 -9.40 9.16 8.23
C ALA A 14 -8.11 8.62 7.60
N PRO A 15 -7.34 7.86 8.39
CA PRO A 15 -6.08 7.27 7.94
C PRO A 15 -6.29 6.17 6.90
N TRP A 16 -5.20 5.52 6.51
CA TRP A 16 -5.27 4.45 5.53
C TRP A 16 -5.35 3.09 6.22
N GLY A 17 -5.69 2.06 5.44
CA GLY A 17 -5.80 0.73 6.00
C GLY A 17 -5.02 -0.30 5.20
N PHE A 18 -3.88 0.11 4.67
CA PHE A 18 -3.04 -0.78 3.88
C PHE A 18 -1.58 -0.67 4.30
N ARG A 19 -0.75 -1.60 3.83
CA ARG A 19 0.66 -1.62 4.17
C ARG A 19 1.52 -1.67 2.90
N LEU A 20 2.82 -1.41 3.06
CA LEU A 20 3.74 -1.43 1.93
C LEU A 20 4.98 -2.25 2.26
N GLN A 21 5.71 -2.66 1.23
CA GLN A 21 6.93 -3.44 1.41
C GLN A 21 7.87 -3.26 0.23
N GLY A 22 9.02 -3.94 0.29
CA GLY A 22 9.99 -3.84 -0.79
C GLY A 22 11.21 -3.05 -0.38
N GLY A 23 11.81 -2.35 -1.35
CA GLY A 23 12.99 -1.56 -1.07
C GLY A 23 13.83 -1.30 -2.30
N LYS A 24 13.64 -0.13 -2.92
CA LYS A 24 14.39 0.22 -4.12
C LYS A 24 15.89 0.16 -3.87
N ASP A 25 16.33 0.75 -2.76
CA ASP A 25 17.74 0.75 -2.40
C ASP A 25 18.30 -0.67 -2.39
N PHE A 26 17.46 -1.62 -2.02
CA PHE A 26 17.87 -3.02 -1.95
C PHE A 26 17.53 -3.75 -3.25
N ASN A 27 17.50 -3.00 -4.35
CA ASN A 27 17.18 -3.56 -5.65
C ASN A 27 15.90 -4.39 -5.59
N VAL A 28 14.99 -4.00 -4.71
CA VAL A 28 13.72 -4.71 -4.54
C VAL A 28 12.54 -3.79 -4.85
N PRO A 29 11.60 -4.30 -5.65
CA PRO A 29 10.41 -3.55 -6.04
C PRO A 29 9.44 -3.35 -4.88
N LEU A 30 8.69 -2.26 -4.91
CA LEU A 30 7.72 -1.95 -3.85
C LEU A 30 6.35 -2.51 -4.21
N SER A 31 5.63 -2.95 -3.18
CA SER A 31 4.29 -3.50 -3.37
C SER A 31 3.48 -3.43 -2.08
N ILE A 32 2.17 -3.64 -2.20
CA ILE A 32 1.28 -3.60 -1.04
C ILE A 32 1.43 -4.85 -0.19
N SER A 33 1.63 -4.66 1.11
CA SER A 33 1.80 -5.78 2.03
C SER A 33 0.44 -6.33 2.46
N ARG A 34 -0.42 -5.44 2.96
CA ARG A 34 -1.75 -5.85 3.40
C ARG A 34 -2.78 -4.77 3.06
N LEU A 35 -4.03 -5.19 2.89
CA LEU A 35 -5.11 -4.27 2.56
C LEU A 35 -6.43 -4.74 3.17
N THR A 36 -6.98 -3.95 4.08
CA THR A 36 -8.24 -4.29 4.73
C THR A 36 -9.39 -4.25 3.73
N PRO A 37 -10.36 -5.16 3.91
CA PRO A 37 -11.53 -5.25 3.04
C PRO A 37 -12.48 -4.08 3.22
N GLY A 38 -12.80 -3.40 2.12
CA GLY A 38 -13.70 -2.27 2.19
C GLY A 38 -13.11 -1.10 2.95
N GLY A 39 -11.78 -1.10 3.09
CA GLY A 39 -11.11 -0.03 3.81
C GLY A 39 -11.00 1.23 2.98
N LYS A 40 -10.16 2.15 3.42
CA LYS A 40 -9.95 3.42 2.71
C LYS A 40 -9.30 3.17 1.36
N ALA A 41 -8.13 2.55 1.37
CA ALA A 41 -7.40 2.26 0.13
C ALA A 41 -8.28 1.47 -0.84
N ALA A 42 -9.11 0.59 -0.29
CA ALA A 42 -10.00 -0.22 -1.11
C ALA A 42 -10.94 0.65 -1.93
N GLN A 43 -11.43 1.72 -1.34
CA GLN A 43 -12.34 2.64 -2.01
C GLN A 43 -11.76 3.08 -3.35
N ALA A 44 -10.49 3.43 -3.35
CA ALA A 44 -9.81 3.87 -4.57
C ALA A 44 -9.72 2.74 -5.59
N GLY A 45 -9.67 1.51 -5.10
CA GLY A 45 -9.57 0.36 -5.98
C GLY A 45 -8.25 -0.35 -5.86
N VAL A 46 -7.62 -0.25 -4.69
CA VAL A 46 -6.32 -0.89 -4.45
C VAL A 46 -6.50 -2.29 -3.89
N ALA A 47 -5.53 -3.15 -4.14
CA ALA A 47 -5.57 -4.53 -3.65
C ALA A 47 -4.17 -5.05 -3.35
N VAL A 48 -4.04 -5.71 -2.20
CA VAL A 48 -2.75 -6.26 -1.78
C VAL A 48 -2.13 -7.11 -2.89
N GLY A 49 -0.86 -6.86 -3.17
CA GLY A 49 -0.17 -7.60 -4.21
C GLY A 49 0.34 -6.71 -5.32
N ASP A 50 -0.42 -5.66 -5.62
CA ASP A 50 -0.05 -4.73 -6.68
C ASP A 50 1.38 -4.21 -6.48
N TRP A 51 1.97 -3.71 -7.55
CA TRP A 51 3.34 -3.18 -7.49
C TRP A 51 3.33 -1.66 -7.48
N VAL A 52 3.91 -1.08 -6.44
CA VAL A 52 3.98 0.37 -6.30
C VAL A 52 5.00 0.96 -7.28
N LEU A 53 4.63 2.07 -7.91
CA LEU A 53 5.51 2.73 -8.86
C LEU A 53 5.87 4.14 -8.38
N SER A 54 4.93 4.80 -7.73
CA SER A 54 5.15 6.14 -7.21
C SER A 54 4.23 6.43 -6.03
N ILE A 55 4.61 7.41 -5.21
CA ILE A 55 3.83 7.79 -4.06
C ILE A 55 3.62 9.30 -3.99
N ASP A 56 2.42 9.71 -3.63
CA ASP A 56 2.10 11.13 -3.53
C ASP A 56 2.40 11.85 -4.83
N GLY A 57 2.28 11.13 -5.95
CA GLY A 57 2.54 11.71 -7.24
C GLY A 57 4.02 11.87 -7.52
N GLU A 58 4.84 11.09 -6.82
CA GLU A 58 6.29 11.14 -6.99
C GLU A 58 6.87 9.74 -7.15
N ASN A 59 7.63 9.54 -8.21
CA ASN A 59 8.25 8.25 -8.49
C ASN A 59 8.96 7.72 -7.24
N ALA A 60 8.66 6.47 -6.90
CA ALA A 60 9.28 5.84 -5.73
C ALA A 60 10.47 4.99 -6.13
N GLY A 61 11.10 5.35 -7.25
CA GLY A 61 12.26 4.61 -7.72
C GLY A 61 13.56 5.11 -7.12
N SER A 62 13.46 6.13 -6.28
CA SER A 62 14.64 6.72 -5.66
C SER A 62 14.54 6.63 -4.13
N LEU A 63 13.36 6.27 -3.64
CA LEU A 63 13.13 6.14 -2.21
C LEU A 63 13.18 4.68 -1.77
N THR A 64 13.44 4.45 -0.50
CA THR A 64 13.52 3.11 0.05
C THR A 64 12.21 2.72 0.74
N HIS A 65 12.20 1.54 1.36
CA HIS A 65 11.02 1.05 2.06
C HIS A 65 10.62 2.01 3.18
N ILE A 66 11.53 2.25 4.10
CA ILE A 66 11.28 3.13 5.22
C ILE A 66 10.86 4.52 4.74
N GLU A 67 11.50 4.99 3.68
CA GLU A 67 11.20 6.30 3.11
C GLU A 67 9.79 6.31 2.51
N ALA A 68 9.45 5.26 1.78
CA ALA A 68 8.14 5.15 1.15
C ALA A 68 7.03 5.43 2.15
N GLN A 69 7.19 4.93 3.37
CA GLN A 69 6.20 5.13 4.42
C GLN A 69 6.02 6.61 4.73
N ASN A 70 7.14 7.32 4.91
CA ASN A 70 7.10 8.74 5.22
C ASN A 70 6.42 9.52 4.09
N LYS A 71 6.58 9.04 2.86
CA LYS A 71 5.98 9.69 1.71
C LYS A 71 4.46 9.69 1.81
N ILE A 72 3.91 8.59 2.34
CA ILE A 72 2.47 8.46 2.50
C ILE A 72 1.97 9.26 3.70
N ARG A 73 2.54 8.98 4.87
CA ARG A 73 2.16 9.67 6.09
C ARG A 73 2.29 11.19 5.92
N ALA A 74 3.25 11.60 5.10
CA ALA A 74 3.48 13.02 4.86
C ALA A 74 2.27 13.66 4.16
N CYS A 75 1.45 12.82 3.54
CA CYS A 75 0.26 13.31 2.84
C CYS A 75 -0.53 14.28 3.72
N GLY A 76 -1.05 15.33 3.10
CA GLY A 76 -1.83 16.33 3.83
C GLY A 76 -3.22 16.50 3.28
N GLU A 77 -3.32 16.72 1.97
CA GLU A 77 -4.61 16.90 1.32
C GLU A 77 -5.09 15.61 0.68
N ARG A 78 -4.25 15.03 -0.17
CA ARG A 78 -4.59 13.79 -0.86
C ARG A 78 -3.32 12.98 -1.18
N LEU A 79 -3.49 11.68 -1.31
CA LEU A 79 -2.36 10.79 -1.62
C LEU A 79 -2.56 10.10 -2.97
N SER A 80 -1.65 10.35 -3.89
CA SER A 80 -1.73 9.75 -5.22
C SER A 80 -0.64 8.70 -5.41
N LEU A 81 -1.04 7.44 -5.47
CA LEU A 81 -0.10 6.34 -5.65
C LEU A 81 -0.34 5.63 -6.97
N GLY A 82 0.72 5.06 -7.53
CA GLY A 82 0.61 4.35 -8.80
C GLY A 82 0.86 2.86 -8.65
N LEU A 83 -0.11 2.06 -9.05
CA LEU A 83 0.01 0.61 -8.96
C LEU A 83 -0.13 -0.04 -10.34
N SER A 84 0.37 -1.26 -10.47
CA SER A 84 0.30 -1.99 -11.73
C SER A 84 -0.23 -3.40 -11.52
N ARG A 85 -0.62 -4.05 -12.61
CA ARG A 85 -1.16 -5.40 -12.55
C ARG A 85 -0.06 -6.40 -12.18
N ALA A 86 -0.03 -6.80 -10.91
CA ALA A 86 0.97 -7.75 -10.44
C ALA A 86 0.72 -9.13 -11.02
N GLY A 87 1.81 -9.82 -11.37
CA GLY A 87 1.69 -11.15 -11.94
C GLY A 87 1.65 -12.23 -10.89
N ALA A 88 2.63 -12.22 -9.99
CA ALA A 88 2.70 -13.21 -8.92
C ALA A 88 2.28 -12.60 -7.59
N SER A 89 1.11 -11.98 -7.56
CA SER A 89 0.61 -11.35 -6.34
C SER A 89 -0.04 -12.39 -5.43
N ALA A 90 0.09 -12.18 -4.13
CA ALA A 90 -0.49 -13.09 -3.14
C ALA A 90 -0.27 -12.57 -1.72
N GLY A 91 -1.35 -12.54 -0.94
CA GLY A 91 -1.25 -12.07 0.43
C GLY A 91 -2.53 -12.32 1.22
N ALA A 92 -3.64 -11.80 0.70
CA ALA A 92 -4.94 -11.97 1.37
C ALA A 92 -5.20 -13.43 1.67
N SER A 93 -5.89 -13.68 2.79
CA SER A 93 -6.21 -15.04 3.20
C SER A 93 -7.15 -15.03 4.40
N ALA A 94 -7.63 -16.21 4.77
CA ALA A 94 -8.55 -16.34 5.91
C ALA A 94 -7.78 -16.68 7.19
N GLY A 95 -6.72 -17.46 7.06
CA GLY A 95 -5.93 -17.84 8.20
C GLY A 95 -5.46 -16.64 9.01
N ALA A 96 -5.20 -15.54 8.33
CA ALA A 96 -4.76 -14.32 8.99
C ALA A 96 -5.71 -13.92 10.11
N SER A 97 -7.01 -14.01 9.85
CA SER A 97 -8.02 -13.66 10.84
C SER A 97 -8.61 -14.91 11.46
N ALA A 98 -8.46 -15.03 12.78
CA ALA A 98 -8.99 -16.18 13.50
C ALA A 98 -10.41 -15.92 14.00
N HIS A 99 -10.67 -14.68 14.40
CA HIS A 99 -11.99 -14.30 14.88
C HIS A 99 -12.83 -13.70 13.76
N GLY A 100 -12.16 -13.21 12.73
CA GLY A 100 -12.87 -12.61 11.61
C GLY A 100 -13.60 -11.33 11.99
N ASN A 101 -13.07 -10.63 12.99
CA ASN A 101 -13.68 -9.39 13.45
C ASN A 101 -12.84 -8.19 13.03
N PHE A 102 -11.52 -8.36 13.05
CA PHE A 102 -10.61 -7.28 12.68
C PHE A 102 -9.26 -7.85 12.24
N ALA A 103 -8.35 -6.96 11.87
CA ALA A 103 -7.02 -7.36 11.42
C ALA A 103 -5.96 -6.34 11.82
N PHE A 104 -6.17 -5.72 12.97
CA PHE A 104 -5.24 -4.72 13.48
C PHE A 104 -4.50 -5.24 14.71
N GLU A 105 -3.21 -5.52 14.54
CA GLU A 105 -2.38 -6.02 15.63
C GLU A 105 -0.92 -6.14 15.21
N GLY A 106 -0.02 -5.57 16.01
CA GLY A 106 1.39 -5.62 15.71
C GLY A 106 1.74 -4.84 14.45
N ILE A 107 0.90 -3.86 14.12
CA ILE A 107 1.12 -3.04 12.93
C ILE A 107 1.41 -1.59 13.31
N GLY A 108 1.71 -0.77 12.32
CA GLY A 108 1.99 0.64 12.56
C GLY A 108 3.38 1.03 12.12
N ASP A 109 4.34 0.13 12.30
CA ASP A 109 5.72 0.40 11.93
C ASP A 109 5.84 0.58 10.41
N GLU A 110 5.19 -0.30 9.66
CA GLU A 110 5.22 -0.23 8.20
C GLU A 110 3.85 0.13 7.64
N ASP A 111 2.81 -0.17 8.41
CA ASP A 111 1.45 0.13 7.99
C ASP A 111 1.33 1.57 7.50
N LEU A 112 0.35 1.82 6.64
CA LEU A 112 0.12 3.15 6.09
C LEU A 112 -1.20 3.73 6.58
N MET A 3 2.14 -5.12 -19.77
CA MET A 3 1.16 -5.04 -18.69
C MET A 3 0.53 -3.66 -18.63
N ASP A 4 -0.76 -3.62 -18.30
CA ASP A 4 -1.48 -2.36 -18.21
C ASP A 4 -1.36 -1.76 -16.81
N SER A 5 -0.81 -0.55 -16.75
CA SER A 5 -0.63 0.13 -15.47
C SER A 5 -1.81 1.05 -15.18
N PHE A 6 -1.89 1.52 -13.93
CA PHE A 6 -2.97 2.41 -13.51
C PHE A 6 -2.60 3.16 -12.24
N LYS A 7 -3.42 4.13 -11.88
CA LYS A 7 -3.19 4.93 -10.67
C LYS A 7 -4.41 4.93 -9.77
N VAL A 8 -4.19 5.20 -8.49
CA VAL A 8 -5.29 5.24 -7.52
C VAL A 8 -4.98 6.21 -6.38
N VAL A 9 -5.80 7.24 -6.26
CA VAL A 9 -5.63 8.24 -5.21
C VAL A 9 -6.66 8.07 -4.11
N LEU A 10 -6.20 8.03 -2.87
CA LEU A 10 -7.09 7.87 -1.72
C LEU A 10 -7.07 9.12 -0.84
N GLU A 11 -8.20 9.83 -0.81
CA GLU A 11 -8.31 11.03 0.00
C GLU A 11 -9.43 10.91 1.03
N GLY A 12 -9.07 11.06 2.30
CA GLY A 12 -10.06 10.95 3.36
C GLY A 12 -9.54 11.48 4.68
N PRO A 13 -10.46 11.71 5.63
CA PRO A 13 -10.11 12.22 6.96
C PRO A 13 -9.37 11.19 7.81
N ALA A 14 -9.89 9.97 7.84
CA ALA A 14 -9.27 8.89 8.60
C ALA A 14 -8.00 8.39 7.92
N PRO A 15 -7.15 7.69 8.68
CA PRO A 15 -5.89 7.15 8.17
C PRO A 15 -6.10 6.01 7.19
N TRP A 16 -5.01 5.45 6.68
CA TRP A 16 -5.08 4.35 5.74
C TRP A 16 -5.12 3.01 6.46
N GLY A 17 -5.48 1.96 5.72
CA GLY A 17 -5.56 0.64 6.31
C GLY A 17 -4.77 -0.39 5.54
N PHE A 18 -3.66 0.04 4.95
CA PHE A 18 -2.82 -0.85 4.16
C PHE A 18 -1.36 -0.72 4.57
N ARG A 19 -0.52 -1.64 4.10
CA ARG A 19 0.90 -1.62 4.41
C ARG A 19 1.75 -1.68 3.14
N LEU A 20 3.04 -1.40 3.28
CA LEU A 20 3.95 -1.43 2.15
C LEU A 20 5.22 -2.20 2.49
N GLN A 21 5.94 -2.64 1.45
CA GLN A 21 7.17 -3.39 1.64
C GLN A 21 8.10 -3.22 0.44
N GLY A 22 9.25 -3.88 0.49
CA GLY A 22 10.21 -3.80 -0.59
C GLY A 22 11.44 -3.00 -0.21
N GLY A 23 11.98 -2.25 -1.18
CA GLY A 23 13.16 -1.45 -0.91
C GLY A 23 13.98 -1.22 -2.17
N LYS A 24 13.72 -0.12 -2.86
CA LYS A 24 14.45 0.22 -4.07
C LYS A 24 15.95 0.18 -3.84
N ASP A 25 16.39 0.83 -2.77
CA ASP A 25 17.82 0.87 -2.43
C ASP A 25 18.39 -0.55 -2.37
N PHE A 26 17.56 -1.49 -1.93
CA PHE A 26 17.99 -2.88 -1.81
C PHE A 26 17.63 -3.68 -3.06
N ASN A 27 17.58 -2.98 -4.20
CA ASN A 27 17.24 -3.62 -5.47
C ASN A 27 15.96 -4.44 -5.34
N VAL A 28 15.06 -3.98 -4.47
CA VAL A 28 13.79 -4.66 -4.25
C VAL A 28 12.62 -3.75 -4.60
N PRO A 29 11.66 -4.28 -5.37
CA PRO A 29 10.47 -3.53 -5.79
C PRO A 29 9.52 -3.27 -4.62
N LEU A 30 8.75 -2.20 -4.73
CA LEU A 30 7.79 -1.84 -3.69
C LEU A 30 6.41 -2.43 -3.98
N SER A 31 5.73 -2.88 -2.94
CA SER A 31 4.40 -3.47 -3.09
C SER A 31 3.64 -3.41 -1.77
N ILE A 32 2.33 -3.65 -1.84
CA ILE A 32 1.48 -3.63 -0.65
C ILE A 32 1.64 -4.90 0.16
N SER A 33 1.83 -4.73 1.47
CA SER A 33 1.99 -5.88 2.36
C SER A 33 0.65 -6.43 2.81
N ARG A 34 -0.21 -5.55 3.32
CA ARG A 34 -1.53 -5.95 3.78
C ARG A 34 -2.57 -4.89 3.44
N LEU A 35 -3.82 -5.31 3.28
CA LEU A 35 -4.91 -4.40 2.95
C LEU A 35 -6.22 -4.88 3.57
N THR A 36 -6.72 -4.10 4.53
CA THR A 36 -7.97 -4.44 5.20
C THR A 36 -9.14 -4.46 4.21
N PRO A 37 -10.08 -5.38 4.45
CA PRO A 37 -11.27 -5.53 3.58
C PRO A 37 -12.24 -4.36 3.73
N GLY A 38 -12.57 -3.73 2.61
CA GLY A 38 -13.49 -2.61 2.63
C GLY A 38 -12.91 -1.40 3.33
N GLY A 39 -11.58 -1.38 3.47
CA GLY A 39 -10.92 -0.27 4.14
C GLY A 39 -10.83 0.95 3.25
N LYS A 40 -10.05 1.94 3.68
CA LYS A 40 -9.87 3.17 2.92
C LYS A 40 -9.21 2.89 1.59
N ALA A 41 -8.01 2.31 1.62
CA ALA A 41 -7.27 1.99 0.41
C ALA A 41 -8.14 1.18 -0.55
N ALA A 42 -8.98 0.31 -0.01
CA ALA A 42 -9.86 -0.52 -0.81
C ALA A 42 -10.84 0.33 -1.61
N GLN A 43 -11.32 1.41 -0.99
CA GLN A 43 -12.27 2.30 -1.65
C GLN A 43 -11.75 2.75 -3.01
N ALA A 44 -10.48 3.11 -3.07
CA ALA A 44 -9.87 3.55 -4.30
C ALA A 44 -9.75 2.40 -5.30
N GLY A 45 -9.64 1.18 -4.78
CA GLY A 45 -9.53 0.02 -5.64
C GLY A 45 -8.17 -0.65 -5.54
N VAL A 46 -7.52 -0.49 -4.38
CA VAL A 46 -6.21 -1.09 -4.16
C VAL A 46 -6.33 -2.48 -3.56
N ALA A 47 -5.39 -3.35 -3.90
CA ALA A 47 -5.39 -4.72 -3.39
C ALA A 47 -3.97 -5.19 -3.07
N VAL A 48 -3.80 -5.79 -1.90
CA VAL A 48 -2.49 -6.28 -1.46
C VAL A 48 -1.86 -7.15 -2.55
N GLY A 49 -0.60 -6.87 -2.86
CA GLY A 49 0.09 -7.66 -3.87
C GLY A 49 0.55 -6.81 -5.05
N ASP A 50 -0.22 -5.77 -5.35
CA ASP A 50 0.10 -4.88 -6.46
C ASP A 50 1.52 -4.32 -6.31
N TRP A 51 2.08 -3.85 -7.42
CA TRP A 51 3.43 -3.29 -7.41
C TRP A 51 3.38 -1.77 -7.42
N VAL A 52 3.92 -1.16 -6.36
CA VAL A 52 3.94 0.29 -6.25
C VAL A 52 4.91 0.90 -7.26
N LEU A 53 4.48 2.00 -7.88
CA LEU A 53 5.30 2.68 -8.87
C LEU A 53 5.65 4.09 -8.41
N SER A 54 4.71 4.74 -7.71
CA SER A 54 4.91 6.09 -7.22
C SER A 54 4.04 6.36 -5.99
N ILE A 55 4.42 7.36 -5.21
CA ILE A 55 3.67 7.72 -4.01
C ILE A 55 3.45 9.23 -3.94
N ASP A 56 2.22 9.62 -3.60
CA ASP A 56 1.88 11.03 -3.49
C ASP A 56 2.11 11.75 -4.82
N GLY A 57 1.94 11.02 -5.92
CA GLY A 57 2.14 11.62 -7.23
C GLY A 57 3.61 11.80 -7.57
N GLU A 58 4.47 11.05 -6.89
CA GLU A 58 5.91 11.14 -7.12
C GLU A 58 6.53 9.75 -7.27
N ASN A 59 7.27 9.55 -8.35
CA ASN A 59 7.91 8.27 -8.61
C ASN A 59 8.67 7.78 -7.39
N ALA A 60 8.43 6.53 -7.01
CA ALA A 60 9.09 5.94 -5.85
C ALA A 60 10.25 5.04 -6.28
N GLY A 61 10.85 5.35 -7.43
CA GLY A 61 11.95 4.56 -7.92
C GLY A 61 13.29 5.06 -7.40
N SER A 62 13.26 6.08 -6.56
CA SER A 62 14.48 6.64 -5.98
C SER A 62 14.41 6.66 -4.47
N LEU A 63 13.32 6.13 -3.92
CA LEU A 63 13.13 6.09 -2.48
C LEU A 63 13.24 4.66 -1.96
N THR A 64 13.50 4.52 -0.67
CA THR A 64 13.64 3.21 -0.04
C THR A 64 12.35 2.81 0.66
N HIS A 65 12.38 1.65 1.33
CA HIS A 65 11.21 1.15 2.04
C HIS A 65 10.82 2.10 3.17
N ILE A 66 11.78 2.45 4.01
CA ILE A 66 11.54 3.34 5.12
C ILE A 66 11.08 4.71 4.64
N GLU A 67 11.66 5.16 3.53
CA GLU A 67 11.30 6.46 2.96
C GLU A 67 9.89 6.44 2.41
N ALA A 68 9.52 5.36 1.73
CA ALA A 68 8.19 5.22 1.15
C ALA A 68 7.11 5.52 2.20
N GLN A 69 7.33 5.04 3.42
CA GLN A 69 6.37 5.25 4.49
C GLN A 69 6.18 6.74 4.76
N ASN A 70 7.30 7.46 4.89
CA ASN A 70 7.25 8.90 5.15
C ASN A 70 6.51 9.63 4.04
N LYS A 71 6.65 9.12 2.81
CA LYS A 71 6.00 9.72 1.66
C LYS A 71 4.48 9.68 1.80
N ILE A 72 3.98 8.59 2.36
CA ILE A 72 2.55 8.42 2.55
C ILE A 72 2.06 9.23 3.76
N ARG A 73 2.66 8.98 4.91
CA ARG A 73 2.29 9.69 6.13
C ARG A 73 2.37 11.20 5.94
N ALA A 74 3.29 11.63 5.07
CA ALA A 74 3.47 13.05 4.80
C ALA A 74 2.23 13.64 4.13
N CYS A 75 1.42 12.77 3.54
CA CYS A 75 0.20 13.21 2.86
C CYS A 75 -0.60 14.16 3.74
N GLY A 76 -1.17 15.18 3.13
CA GLY A 76 -1.96 16.15 3.87
C GLY A 76 -3.36 16.32 3.31
N GLU A 77 -3.46 16.51 2.00
CA GLU A 77 -4.75 16.68 1.35
C GLU A 77 -5.24 15.36 0.74
N ARG A 78 -4.39 14.76 -0.09
CA ARG A 78 -4.73 13.50 -0.74
C ARG A 78 -3.47 12.70 -1.08
N LEU A 79 -3.61 11.39 -1.17
CA LEU A 79 -2.49 10.52 -1.48
C LEU A 79 -2.71 9.80 -2.82
N SER A 80 -1.82 10.06 -3.78
CA SER A 80 -1.92 9.45 -5.10
C SER A 80 -0.85 8.37 -5.28
N LEU A 81 -1.27 7.12 -5.36
CA LEU A 81 -0.35 6.01 -5.54
C LEU A 81 -0.59 5.32 -6.88
N GLY A 82 0.49 4.82 -7.48
CA GLY A 82 0.38 4.15 -8.76
C GLY A 82 0.72 2.67 -8.66
N LEU A 83 -0.15 1.82 -9.20
CA LEU A 83 0.07 0.38 -9.17
C LEU A 83 0.05 -0.20 -10.58
N SER A 84 0.58 -1.40 -10.73
CA SER A 84 0.62 -2.07 -12.02
C SER A 84 0.16 -3.53 -11.90
N ARG A 85 -0.14 -4.14 -13.04
CA ARG A 85 -0.59 -5.52 -13.06
C ARG A 85 0.58 -6.48 -12.94
N ALA A 86 0.73 -7.09 -11.76
CA ALA A 86 1.81 -8.03 -11.50
C ALA A 86 1.53 -9.38 -12.15
N GLY A 87 2.59 -10.11 -12.48
CA GLY A 87 2.43 -11.41 -13.10
C GLY A 87 2.12 -12.50 -12.09
N ALA A 88 2.83 -12.47 -10.96
CA ALA A 88 2.63 -13.46 -9.91
C ALA A 88 2.03 -12.83 -8.67
N SER A 89 1.02 -11.99 -8.87
CA SER A 89 0.35 -11.31 -7.77
C SER A 89 -0.25 -12.32 -6.79
N ALA A 90 -0.57 -11.86 -5.59
CA ALA A 90 -1.15 -12.72 -4.57
C ALA A 90 -2.48 -12.16 -4.07
N GLY A 91 -3.27 -13.01 -3.42
CA GLY A 91 -4.56 -12.59 -2.91
C GLY A 91 -4.58 -12.48 -1.40
N ALA A 92 -5.74 -12.77 -0.81
CA ALA A 92 -5.88 -12.70 0.64
C ALA A 92 -5.98 -14.10 1.25
N SER A 93 -5.94 -14.17 2.57
CA SER A 93 -6.01 -15.45 3.27
C SER A 93 -7.07 -15.41 4.37
N ALA A 94 -7.70 -16.55 4.61
CA ALA A 94 -8.74 -16.66 5.64
C ALA A 94 -8.13 -16.78 7.03
N GLY A 95 -7.01 -17.48 7.11
CA GLY A 95 -6.34 -17.67 8.39
C GLY A 95 -6.04 -16.35 9.09
N ALA A 96 -5.74 -15.33 8.28
CA ALA A 96 -5.43 -14.01 8.83
C ALA A 96 -6.54 -13.51 9.75
N SER A 97 -7.79 -13.71 9.32
CA SER A 97 -8.94 -13.29 10.11
C SER A 97 -9.45 -14.43 10.97
N ALA A 98 -9.03 -14.45 12.23
CA ALA A 98 -9.45 -15.50 13.15
C ALA A 98 -10.89 -15.28 13.61
N HIS A 99 -11.27 -14.01 13.76
CA HIS A 99 -12.62 -13.67 14.20
C HIS A 99 -13.39 -12.99 13.06
N GLY A 100 -12.67 -12.43 12.10
CA GLY A 100 -13.29 -11.76 10.98
C GLY A 100 -13.96 -10.45 11.38
N ASN A 101 -13.42 -9.81 12.41
CA ASN A 101 -13.97 -8.55 12.88
C ASN A 101 -13.06 -7.38 12.51
N PHE A 102 -11.75 -7.59 12.65
CA PHE A 102 -10.77 -6.56 12.33
C PHE A 102 -9.43 -7.18 11.96
N ALA A 103 -8.46 -6.33 11.63
CA ALA A 103 -7.13 -6.79 11.27
C ALA A 103 -6.06 -5.80 11.73
N PHE A 104 -6.31 -5.17 12.87
CA PHE A 104 -5.37 -4.20 13.41
C PHE A 104 -4.72 -4.73 14.70
N GLU A 105 -3.44 -5.05 14.61
CA GLU A 105 -2.70 -5.57 15.76
C GLU A 105 -1.22 -5.74 15.42
N GLY A 106 -0.36 -5.20 16.28
CA GLY A 106 1.07 -5.31 16.06
C GLY A 106 1.52 -4.56 14.83
N ILE A 107 0.76 -3.55 14.43
CA ILE A 107 1.08 -2.76 13.25
C ILE A 107 1.39 -1.31 13.63
N GLY A 108 1.86 -0.54 12.66
CA GLY A 108 2.19 0.85 12.91
C GLY A 108 3.58 1.21 12.45
N ASP A 109 4.51 0.26 12.57
CA ASP A 109 5.89 0.48 12.17
C ASP A 109 5.99 0.67 10.65
N GLU A 110 5.38 -0.25 9.91
CA GLU A 110 5.40 -0.18 8.45
C GLU A 110 4.02 0.18 7.90
N ASP A 111 2.99 -0.12 8.68
CA ASP A 111 1.62 0.18 8.27
C ASP A 111 1.50 1.61 7.74
N LEU A 112 0.52 1.84 6.88
CA LEU A 112 0.30 3.16 6.30
C LEU A 112 -1.02 3.75 6.78
N MET A 3 1.93 -5.93 -19.03
CA MET A 3 0.70 -5.61 -18.33
C MET A 3 0.46 -4.09 -18.32
N ASP A 4 -0.81 -3.70 -18.30
CA ASP A 4 -1.18 -2.29 -18.28
C ASP A 4 -1.04 -1.70 -16.88
N SER A 5 -0.71 -0.42 -16.81
CA SER A 5 -0.54 0.25 -15.52
C SER A 5 -1.62 1.31 -15.33
N PHE A 6 -1.76 1.79 -14.10
CA PHE A 6 -2.76 2.81 -13.78
C PHE A 6 -2.36 3.59 -12.53
N LYS A 7 -3.19 4.55 -12.15
CA LYS A 7 -2.92 5.36 -10.97
C LYS A 7 -4.18 5.50 -10.11
N VAL A 8 -3.98 5.81 -8.83
CA VAL A 8 -5.10 5.97 -7.90
C VAL A 8 -4.75 6.95 -6.79
N VAL A 9 -5.48 8.06 -6.74
CA VAL A 9 -5.25 9.08 -5.71
C VAL A 9 -6.34 9.04 -4.64
N LEU A 10 -5.92 8.95 -3.38
CA LEU A 10 -6.86 8.91 -2.27
C LEU A 10 -6.76 10.18 -1.44
N GLU A 11 -7.83 10.98 -1.46
CA GLU A 11 -7.87 12.22 -0.71
C GLU A 11 -9.03 12.22 0.29
N GLY A 12 -8.71 12.39 1.57
CA GLY A 12 -9.74 12.40 2.59
C GLY A 12 -9.22 12.91 3.92
N PRO A 13 -10.15 13.24 4.83
CA PRO A 13 -9.80 13.77 6.16
C PRO A 13 -9.18 12.70 7.05
N ALA A 14 -9.81 11.53 7.11
CA ALA A 14 -9.31 10.43 7.92
C ALA A 14 -8.07 9.80 7.29
N PRO A 15 -7.31 9.05 8.10
CA PRO A 15 -6.09 8.39 7.65
C PRO A 15 -6.37 7.23 6.70
N TRP A 16 -5.31 6.58 6.23
CA TRP A 16 -5.45 5.45 5.31
C TRP A 16 -5.63 4.15 6.08
N GLY A 17 -6.01 3.10 5.36
CA GLY A 17 -6.21 1.80 5.98
C GLY A 17 -5.49 0.69 5.25
N PHE A 18 -4.31 1.00 4.71
CA PHE A 18 -3.53 0.01 3.98
C PHE A 18 -2.08 0.02 4.45
N ARG A 19 -1.32 -0.98 4.02
CA ARG A 19 0.09 -1.09 4.40
C ARG A 19 0.97 -1.24 3.16
N LEU A 20 2.27 -1.02 3.34
CA LEU A 20 3.22 -1.12 2.24
C LEU A 20 4.42 -1.97 2.64
N GLN A 21 5.13 -2.48 1.64
CA GLN A 21 6.31 -3.32 1.88
C GLN A 21 7.27 -3.26 0.71
N GLY A 22 8.37 -4.00 0.82
CA GLY A 22 9.36 -4.02 -0.25
C GLY A 22 10.63 -3.30 0.14
N GLY A 23 11.26 -2.65 -0.84
CA GLY A 23 12.49 -1.93 -0.59
C GLY A 23 13.38 -1.81 -1.81
N LYS A 24 13.24 -0.70 -2.54
CA LYS A 24 14.03 -0.48 -3.74
C LYS A 24 15.52 -0.65 -3.46
N ASP A 25 15.99 -0.03 -2.38
CA ASP A 25 17.39 -0.12 -2.00
C ASP A 25 17.84 -1.57 -1.90
N PHE A 26 16.92 -2.44 -1.48
CA PHE A 26 17.23 -3.86 -1.34
C PHE A 26 16.82 -4.63 -2.59
N ASN A 27 16.87 -3.95 -3.74
CA ASN A 27 16.50 -4.56 -5.00
C ASN A 27 15.16 -5.28 -4.90
N VAL A 28 14.28 -4.75 -4.06
CA VAL A 28 12.95 -5.33 -3.87
C VAL A 28 11.86 -4.34 -4.25
N PRO A 29 10.89 -4.80 -5.05
CA PRO A 29 9.76 -3.97 -5.48
C PRO A 29 8.81 -3.63 -4.35
N LEU A 30 8.13 -2.50 -4.48
CA LEU A 30 7.17 -2.05 -3.47
C LEU A 30 5.76 -2.54 -3.79
N SER A 31 5.03 -2.91 -2.75
CA SER A 31 3.66 -3.41 -2.92
C SER A 31 2.87 -3.25 -1.63
N ILE A 32 1.54 -3.37 -1.74
CA ILE A 32 0.68 -3.25 -0.58
C ILE A 32 0.71 -4.50 0.29
N SER A 33 0.82 -4.31 1.59
CA SER A 33 0.87 -5.43 2.53
C SER A 33 -0.54 -5.86 2.93
N ARG A 34 -1.34 -4.90 3.37
CA ARG A 34 -2.70 -5.17 3.79
C ARG A 34 -3.64 -4.04 3.38
N LEU A 35 -4.92 -4.37 3.21
CA LEU A 35 -5.92 -3.38 2.81
C LEU A 35 -7.28 -3.71 3.41
N THR A 36 -7.70 -2.91 4.39
CA THR A 36 -8.98 -3.13 5.05
C THR A 36 -10.13 -3.08 4.04
N PRO A 37 -11.15 -3.90 4.27
CA PRO A 37 -12.33 -3.97 3.40
C PRO A 37 -13.19 -2.71 3.49
N GLY A 38 -13.46 -2.09 2.35
CA GLY A 38 -14.26 -0.89 2.32
C GLY A 38 -13.59 0.28 3.01
N GLY A 39 -12.28 0.19 3.18
CA GLY A 39 -11.54 1.25 3.82
C GLY A 39 -11.34 2.46 2.92
N LYS A 40 -10.44 3.35 3.32
CA LYS A 40 -10.16 4.56 2.54
C LYS A 40 -9.53 4.20 1.20
N ALA A 41 -8.39 3.52 1.25
CA ALA A 41 -7.69 3.12 0.03
C ALA A 41 -8.61 2.33 -0.90
N ALA A 42 -9.49 1.53 -0.31
CA ALA A 42 -10.43 0.72 -1.08
C ALA A 42 -11.34 1.61 -1.94
N GLN A 43 -11.70 2.77 -1.42
CA GLN A 43 -12.55 3.70 -2.13
C GLN A 43 -11.97 4.04 -3.50
N ALA A 44 -10.67 4.30 -3.54
CA ALA A 44 -9.98 4.64 -4.78
C ALA A 44 -9.97 3.44 -5.73
N GLY A 45 -10.00 2.24 -5.16
CA GLY A 45 -9.98 1.03 -5.98
C GLY A 45 -8.68 0.26 -5.85
N VAL A 46 -8.02 0.41 -4.71
CA VAL A 46 -6.76 -0.28 -4.47
C VAL A 46 -6.99 -1.64 -3.82
N ALA A 47 -6.10 -2.58 -4.09
CA ALA A 47 -6.20 -3.92 -3.53
C ALA A 47 -4.83 -4.46 -3.13
N VAL A 48 -4.75 -5.03 -1.93
CA VAL A 48 -3.50 -5.58 -1.43
C VAL A 48 -2.88 -6.54 -2.44
N GLY A 49 -1.59 -6.35 -2.72
CA GLY A 49 -0.90 -7.20 -3.67
C GLY A 49 -0.36 -6.44 -4.86
N ASP A 50 -1.06 -5.37 -5.24
CA ASP A 50 -0.65 -4.55 -6.37
C ASP A 50 0.81 -4.12 -6.22
N TRP A 51 1.42 -3.73 -7.33
CA TRP A 51 2.81 -3.29 -7.33
C TRP A 51 2.91 -1.78 -7.37
N VAL A 52 3.46 -1.19 -6.32
CA VAL A 52 3.61 0.26 -6.24
C VAL A 52 4.68 0.76 -7.22
N LEU A 53 4.39 1.85 -7.89
CA LEU A 53 5.32 2.43 -8.85
C LEU A 53 5.78 3.82 -8.40
N SER A 54 4.87 4.57 -7.80
CA SER A 54 5.17 5.91 -7.32
C SER A 54 4.27 6.30 -6.15
N ILE A 55 4.72 7.26 -5.36
CA ILE A 55 3.94 7.72 -4.20
C ILE A 55 3.83 9.24 -4.20
N ASP A 56 2.65 9.73 -3.86
CA ASP A 56 2.41 11.17 -3.81
C ASP A 56 2.77 11.83 -5.14
N GLY A 57 2.63 11.07 -6.22
CA GLY A 57 2.94 11.60 -7.53
C GLY A 57 4.43 11.65 -7.80
N GLU A 58 5.19 10.84 -7.06
CA GLU A 58 6.64 10.81 -7.22
C GLU A 58 7.14 9.37 -7.32
N ASN A 59 7.91 9.08 -8.36
CA ASN A 59 8.46 7.75 -8.57
C ASN A 59 9.11 7.21 -7.30
N ALA A 60 8.71 6.00 -6.91
CA ALA A 60 9.25 5.38 -5.70
C ALA A 60 10.40 4.43 -6.05
N GLY A 61 11.06 4.68 -7.18
CA GLY A 61 12.16 3.85 -7.61
C GLY A 61 13.49 4.30 -7.04
N SER A 62 13.45 5.37 -6.25
CA SER A 62 14.67 5.91 -5.64
C SER A 62 14.56 5.90 -4.13
N LEU A 63 13.36 5.63 -3.62
CA LEU A 63 13.13 5.60 -2.19
C LEU A 63 13.08 4.16 -1.67
N THR A 64 13.32 4.00 -0.37
CA THR A 64 13.31 2.68 0.25
C THR A 64 11.98 2.41 0.94
N HIS A 65 11.88 1.26 1.61
CA HIS A 65 10.67 0.89 2.33
C HIS A 65 10.32 1.93 3.39
N ILE A 66 11.23 2.13 4.33
CA ILE A 66 11.04 3.10 5.40
C ILE A 66 10.70 4.48 4.84
N GLU A 67 11.41 4.86 3.77
CA GLU A 67 11.20 6.15 3.14
C GLU A 67 9.79 6.25 2.56
N ALA A 68 9.39 5.21 1.83
CA ALA A 68 8.08 5.18 1.21
C ALA A 68 6.98 5.54 2.21
N GLN A 69 7.16 5.10 3.46
CA GLN A 69 6.19 5.39 4.51
C GLN A 69 6.09 6.89 4.76
N ASN A 70 7.23 7.56 4.79
CA ASN A 70 7.26 9.00 5.02
C ASN A 70 6.61 9.75 3.86
N LYS A 71 6.75 9.21 2.66
CA LYS A 71 6.18 9.84 1.47
C LYS A 71 4.65 9.89 1.58
N ILE A 72 4.06 8.87 2.18
CA ILE A 72 2.61 8.81 2.33
C ILE A 72 2.16 9.68 3.51
N ARG A 73 2.71 9.42 4.68
CA ARG A 73 2.36 10.18 5.87
C ARG A 73 2.57 11.68 5.65
N ALA A 74 3.55 12.02 4.82
CA ALA A 74 3.84 13.41 4.51
C ALA A 74 2.67 14.07 3.79
N CYS A 75 1.82 13.26 3.18
CA CYS A 75 0.66 13.77 2.46
C CYS A 75 -0.10 14.80 3.29
N GLY A 76 -0.56 15.85 2.63
CA GLY A 76 -1.30 16.90 3.32
C GLY A 76 -2.66 17.16 2.71
N GLU A 77 -2.69 17.33 1.39
CA GLU A 77 -3.93 17.60 0.68
C GLU A 77 -4.50 16.32 0.08
N ARG A 78 -3.67 15.62 -0.69
CA ARG A 78 -4.10 14.37 -1.33
C ARG A 78 -2.90 13.48 -1.61
N LEU A 79 -3.14 12.17 -1.67
CA LEU A 79 -2.07 11.20 -1.94
C LEU A 79 -2.31 10.48 -3.26
N SER A 80 -1.37 10.63 -4.19
CA SER A 80 -1.49 10.00 -5.49
C SER A 80 -0.48 8.86 -5.63
N LEU A 81 -0.98 7.63 -5.68
CA LEU A 81 -0.13 6.45 -5.81
C LEU A 81 -0.39 5.74 -7.14
N GLY A 82 0.64 5.07 -7.66
CA GLY A 82 0.51 4.36 -8.91
C GLY A 82 0.71 2.86 -8.74
N LEU A 83 -0.22 2.07 -9.27
CA LEU A 83 -0.13 0.62 -9.18
C LEU A 83 -0.18 -0.01 -10.57
N SER A 84 0.14 -1.30 -10.64
CA SER A 84 0.14 -2.02 -11.91
C SER A 84 -0.44 -3.41 -11.74
N ARG A 85 -0.86 -4.02 -12.84
CA ARG A 85 -1.44 -5.36 -12.81
C ARG A 85 -0.35 -6.43 -12.79
N ALA A 86 -0.08 -6.97 -11.60
CA ALA A 86 0.94 -8.00 -11.45
C ALA A 86 0.56 -9.26 -12.20
N GLY A 87 1.56 -10.09 -12.51
CA GLY A 87 1.30 -11.33 -13.21
C GLY A 87 1.33 -12.54 -12.31
N ALA A 88 2.25 -12.53 -11.35
CA ALA A 88 2.38 -13.64 -10.41
C ALA A 88 1.94 -13.23 -9.01
N SER A 89 0.89 -12.42 -8.94
CA SER A 89 0.37 -11.94 -7.66
C SER A 89 0.10 -13.10 -6.71
N ALA A 90 0.48 -12.94 -5.45
CA ALA A 90 0.28 -13.97 -4.45
C ALA A 90 0.69 -13.49 -3.07
N GLY A 91 -0.22 -13.63 -2.10
CA GLY A 91 0.07 -13.20 -0.74
C GLY A 91 -1.00 -13.63 0.24
N ALA A 92 -0.71 -14.67 1.01
CA ALA A 92 -1.65 -15.18 2.00
C ALA A 92 -0.97 -15.41 3.34
N SER A 93 -1.77 -15.48 4.40
CA SER A 93 -1.25 -15.70 5.74
C SER A 93 -2.26 -16.42 6.62
N ALA A 94 -1.82 -17.49 7.26
CA ALA A 94 -2.69 -18.28 8.13
C ALA A 94 -2.58 -17.82 9.58
N GLY A 95 -1.37 -17.43 9.98
CA GLY A 95 -1.15 -16.97 11.34
C GLY A 95 -2.01 -15.78 11.70
N ALA A 96 -2.24 -14.90 10.73
CA ALA A 96 -3.05 -13.71 10.94
C ALA A 96 -4.51 -14.08 11.17
N SER A 97 -5.01 -15.02 10.36
CA SER A 97 -6.40 -15.45 10.48
C SER A 97 -6.51 -16.71 11.34
N ALA A 98 -6.46 -16.51 12.65
CA ALA A 98 -6.55 -17.62 13.60
C ALA A 98 -8.00 -17.89 13.97
N HIS A 99 -8.79 -16.83 14.10
CA HIS A 99 -10.20 -16.95 14.46
C HIS A 99 -11.10 -16.57 13.29
N GLY A 100 -10.55 -15.77 12.37
CA GLY A 100 -11.31 -15.34 11.22
C GLY A 100 -12.25 -14.20 11.54
N ASN A 101 -11.87 -13.38 12.51
CA ASN A 101 -12.69 -12.25 12.92
C ASN A 101 -12.04 -10.94 12.49
N PHE A 102 -10.72 -10.87 12.60
CA PHE A 102 -9.97 -9.67 12.23
C PHE A 102 -8.52 -10.01 11.95
N ALA A 103 -7.74 -8.99 11.61
CA ALA A 103 -6.32 -9.17 11.30
C ALA A 103 -5.49 -7.98 11.78
N PHE A 104 -5.92 -7.38 12.89
CA PHE A 104 -5.22 -6.23 13.45
C PHE A 104 -4.51 -6.60 14.76
N GLU A 105 -3.20 -6.65 14.72
CA GLU A 105 -2.41 -6.99 15.90
C GLU A 105 -0.91 -6.89 15.61
N GLY A 106 -0.20 -6.15 16.46
CA GLY A 106 1.22 -5.98 16.29
C GLY A 106 1.56 -5.20 15.03
N ILE A 107 0.62 -4.38 14.59
CA ILE A 107 0.82 -3.57 13.39
C ILE A 107 0.83 -2.09 13.73
N GLY A 108 1.09 -1.25 12.72
CA GLY A 108 1.11 0.18 12.93
C GLY A 108 2.40 0.82 12.42
N ASP A 109 3.50 0.08 12.53
CA ASP A 109 4.79 0.59 12.08
C ASP A 109 4.84 0.68 10.56
N GLU A 110 4.21 -0.28 9.89
CA GLU A 110 4.19 -0.32 8.43
C GLU A 110 2.89 0.28 7.90
N ASP A 111 1.84 0.25 8.73
CA ASP A 111 0.54 0.79 8.34
C ASP A 111 0.69 2.19 7.77
N LEU A 112 -0.19 2.53 6.83
CA LEU A 112 -0.17 3.85 6.21
C LEU A 112 -1.40 4.67 6.59
N MET A 3 2.35 -6.43 -19.18
CA MET A 3 1.47 -6.12 -18.06
C MET A 3 1.02 -4.67 -18.11
N ASP A 4 -0.27 -4.45 -17.87
CA ASP A 4 -0.84 -3.10 -17.88
C ASP A 4 -0.72 -2.45 -16.51
N SER A 5 -0.51 -1.14 -16.50
CA SER A 5 -0.38 -0.39 -15.25
C SER A 5 -1.57 0.54 -15.04
N PHE A 6 -1.69 1.05 -13.83
CA PHE A 6 -2.79 1.96 -13.50
C PHE A 6 -2.46 2.79 -12.26
N LYS A 7 -3.39 3.65 -11.87
CA LYS A 7 -3.19 4.50 -10.69
C LYS A 7 -4.43 4.48 -9.79
N VAL A 8 -4.23 4.80 -8.53
CA VAL A 8 -5.32 4.81 -7.56
C VAL A 8 -5.06 5.84 -6.45
N VAL A 9 -5.92 6.85 -6.36
CA VAL A 9 -5.78 7.88 -5.34
C VAL A 9 -6.82 7.71 -4.24
N LEU A 10 -6.36 7.70 -3.00
CA LEU A 10 -7.24 7.55 -1.85
C LEU A 10 -7.26 8.81 -1.00
N GLU A 11 -8.41 9.49 -0.97
CA GLU A 11 -8.56 10.71 -0.20
C GLU A 11 -9.68 10.57 0.83
N GLY A 12 -9.32 10.75 2.10
CA GLY A 12 -10.31 10.64 3.17
C GLY A 12 -9.81 11.19 4.48
N PRO A 13 -10.73 11.43 5.42
CA PRO A 13 -10.39 11.96 6.75
C PRO A 13 -9.62 10.96 7.61
N ALA A 14 -10.14 9.73 7.67
CA ALA A 14 -9.50 8.68 8.45
C ALA A 14 -8.22 8.20 7.79
N PRO A 15 -7.36 7.53 8.57
CA PRO A 15 -6.09 7.00 8.07
C PRO A 15 -6.27 5.83 7.10
N TRP A 16 -5.16 5.34 6.56
CA TRP A 16 -5.21 4.23 5.62
C TRP A 16 -5.19 2.89 6.36
N GLY A 17 -5.45 1.82 5.62
CA GLY A 17 -5.46 0.50 6.23
C GLY A 17 -4.62 -0.50 5.45
N PHE A 18 -3.50 -0.03 4.90
CA PHE A 18 -2.60 -0.88 4.13
C PHE A 18 -1.15 -0.64 4.52
N ARG A 19 -0.27 -1.53 4.08
CA ARG A 19 1.16 -1.42 4.38
C ARG A 19 1.99 -1.54 3.11
N LEU A 20 3.29 -1.27 3.23
CA LEU A 20 4.20 -1.35 2.09
C LEU A 20 5.52 -2.00 2.49
N GLN A 21 6.26 -2.47 1.50
CA GLN A 21 7.55 -3.11 1.76
C GLN A 21 8.48 -2.96 0.56
N GLY A 22 9.68 -3.52 0.67
CA GLY A 22 10.64 -3.43 -0.41
C GLY A 22 11.76 -2.45 -0.12
N GLY A 23 12.10 -1.63 -1.11
CA GLY A 23 13.15 -0.65 -0.93
C GLY A 23 14.06 -0.55 -2.14
N LYS A 24 13.82 0.46 -2.99
CA LYS A 24 14.61 0.66 -4.18
C LYS A 24 16.10 0.69 -3.85
N ASP A 25 16.43 1.25 -2.69
CA ASP A 25 17.82 1.32 -2.25
C ASP A 25 18.45 -0.06 -2.16
N PHE A 26 17.62 -1.06 -1.84
CA PHE A 26 18.09 -2.43 -1.70
C PHE A 26 17.94 -3.18 -3.02
N ASN A 27 17.91 -2.44 -4.13
CA ASN A 27 17.77 -3.03 -5.44
C ASN A 27 16.51 -3.88 -5.53
N VAL A 28 15.55 -3.59 -4.65
CA VAL A 28 14.29 -4.32 -4.63
C VAL A 28 13.10 -3.39 -4.84
N PRO A 29 12.09 -3.87 -5.58
CA PRO A 29 10.88 -3.09 -5.87
C PRO A 29 10.01 -2.88 -4.64
N LEU A 30 8.95 -2.11 -4.79
CA LEU A 30 8.03 -1.84 -3.69
C LEU A 30 6.65 -2.44 -3.97
N SER A 31 6.00 -2.91 -2.92
CA SER A 31 4.67 -3.50 -3.04
C SER A 31 3.92 -3.46 -1.71
N ILE A 32 2.63 -3.77 -1.76
CA ILE A 32 1.81 -3.77 -0.56
C ILE A 32 2.03 -5.02 0.27
N SER A 33 2.16 -4.84 1.59
CA SER A 33 2.40 -5.96 2.49
C SER A 33 1.08 -6.51 3.01
N ARG A 34 0.16 -5.63 3.36
CA ARG A 34 -1.14 -6.03 3.88
C ARG A 34 -2.21 -5.00 3.51
N LEU A 35 -3.44 -5.47 3.34
CA LEU A 35 -4.56 -4.60 2.99
C LEU A 35 -5.86 -5.11 3.59
N THR A 36 -6.44 -4.31 4.49
CA THR A 36 -7.69 -4.68 5.14
C THR A 36 -8.83 -4.76 4.14
N PRO A 37 -9.75 -5.71 4.36
CA PRO A 37 -10.90 -5.92 3.48
C PRO A 37 -11.91 -4.79 3.59
N GLY A 38 -12.25 -4.19 2.44
CA GLY A 38 -13.22 -3.10 2.43
C GLY A 38 -12.69 -1.86 3.14
N GLY A 39 -11.38 -1.79 3.30
CA GLY A 39 -10.78 -0.64 3.96
C GLY A 39 -10.63 0.55 3.03
N LYS A 40 -10.03 1.62 3.54
CA LYS A 40 -9.83 2.83 2.75
C LYS A 40 -9.14 2.51 1.43
N ALA A 41 -7.95 1.94 1.52
CA ALA A 41 -7.19 1.57 0.33
C ALA A 41 -8.01 0.68 -0.60
N ALA A 42 -8.82 -0.19 -0.01
CA ALA A 42 -9.65 -1.10 -0.78
C ALA A 42 -10.70 -0.33 -1.59
N GLN A 43 -11.20 0.76 -1.02
CA GLN A 43 -12.20 1.58 -1.69
C GLN A 43 -11.74 1.98 -3.09
N ALA A 44 -10.48 2.40 -3.18
CA ALA A 44 -9.91 2.82 -4.46
C ALA A 44 -9.79 1.64 -5.42
N GLY A 45 -9.64 0.44 -4.86
CA GLY A 45 -9.51 -0.76 -5.67
C GLY A 45 -8.13 -1.37 -5.60
N VAL A 46 -7.45 -1.15 -4.48
CA VAL A 46 -6.11 -1.69 -4.28
C VAL A 46 -6.16 -3.06 -3.62
N ALA A 47 -5.15 -3.87 -3.88
CA ALA A 47 -5.07 -5.21 -3.30
C ALA A 47 -3.64 -5.58 -2.96
N VAL A 48 -3.44 -6.17 -1.78
CA VAL A 48 -2.11 -6.57 -1.34
C VAL A 48 -1.41 -7.42 -2.40
N GLY A 49 -0.17 -7.07 -2.70
CA GLY A 49 0.58 -7.81 -3.70
C GLY A 49 0.98 -6.95 -4.89
N ASP A 50 0.15 -5.96 -5.21
CA ASP A 50 0.41 -5.07 -6.32
C ASP A 50 1.82 -4.48 -6.23
N TRP A 51 2.34 -4.00 -7.35
CA TRP A 51 3.67 -3.40 -7.39
C TRP A 51 3.58 -1.89 -7.40
N VAL A 52 4.09 -1.25 -6.35
CA VAL A 52 4.08 0.20 -6.25
C VAL A 52 5.04 0.83 -7.24
N LEU A 53 4.61 1.90 -7.88
CA LEU A 53 5.44 2.60 -8.86
C LEU A 53 5.72 4.03 -8.40
N SER A 54 4.74 4.64 -7.74
CA SER A 54 4.90 6.01 -7.25
C SER A 54 3.99 6.25 -6.05
N ILE A 55 4.34 7.27 -5.25
CA ILE A 55 3.55 7.61 -4.07
C ILE A 55 3.26 9.10 -4.03
N ASP A 56 2.02 9.45 -3.72
CA ASP A 56 1.61 10.85 -3.64
C ASP A 56 1.85 11.56 -4.95
N GLY A 57 1.74 10.82 -6.05
CA GLY A 57 1.94 11.40 -7.37
C GLY A 57 3.41 11.64 -7.67
N GLU A 58 4.28 10.93 -6.97
CA GLU A 58 5.72 11.06 -7.17
C GLU A 58 6.39 9.70 -7.31
N ASN A 59 7.15 9.53 -8.37
CA ASN A 59 7.85 8.27 -8.63
C ASN A 59 8.60 7.81 -7.39
N ALA A 60 8.39 6.56 -7.00
CA ALA A 60 9.05 5.99 -5.82
C ALA A 60 10.22 5.12 -6.23
N GLY A 61 10.84 5.43 -7.36
CA GLY A 61 11.96 4.66 -7.85
C GLY A 61 13.29 5.15 -7.30
N SER A 62 13.22 6.19 -6.47
CA SER A 62 14.43 6.77 -5.88
C SER A 62 14.33 6.78 -4.36
N LEU A 63 13.19 6.35 -3.83
CA LEU A 63 12.96 6.32 -2.40
C LEU A 63 13.04 4.89 -1.87
N THR A 64 13.34 4.75 -0.59
CA THR A 64 13.44 3.44 0.05
C THR A 64 12.16 3.08 0.79
N HIS A 65 12.16 1.92 1.43
CA HIS A 65 10.99 1.47 2.18
C HIS A 65 10.62 2.47 3.27
N ILE A 66 11.55 2.71 4.18
CA ILE A 66 11.32 3.65 5.27
C ILE A 66 10.86 5.01 4.74
N GLU A 67 11.49 5.44 3.65
CA GLU A 67 11.16 6.73 3.05
C GLU A 67 9.73 6.72 2.50
N ALA A 68 9.39 5.66 1.76
CA ALA A 68 8.06 5.52 1.18
C ALA A 68 6.98 5.80 2.23
N GLN A 69 7.19 5.31 3.44
CA GLN A 69 6.23 5.50 4.52
C GLN A 69 6.01 6.99 4.80
N ASN A 70 7.09 7.75 4.81
CA ASN A 70 7.01 9.18 5.06
C ASN A 70 6.27 9.89 3.93
N LYS A 71 6.38 9.35 2.72
CA LYS A 71 5.72 9.91 1.56
C LYS A 71 4.21 9.82 1.69
N ILE A 72 3.74 8.72 2.30
CA ILE A 72 2.31 8.51 2.49
C ILE A 72 1.78 9.33 3.67
N ARG A 73 2.39 9.12 4.83
CA ARG A 73 1.98 9.83 6.04
C ARG A 73 2.01 11.34 5.82
N ALA A 74 2.93 11.79 4.97
CA ALA A 74 3.06 13.21 4.67
C ALA A 74 1.81 13.75 3.97
N CYS A 75 1.04 12.84 3.38
CA CYS A 75 -0.18 13.22 2.68
C CYS A 75 -1.03 14.16 3.54
N GLY A 76 -1.63 15.17 2.89
CA GLY A 76 -2.44 16.12 3.61
C GLY A 76 -3.85 16.23 3.03
N GLU A 77 -3.93 16.39 1.71
CA GLU A 77 -5.20 16.51 1.03
C GLU A 77 -5.65 15.18 0.45
N ARG A 78 -4.78 14.57 -0.35
CA ARG A 78 -5.08 13.28 -0.97
C ARG A 78 -3.79 12.53 -1.30
N LEU A 79 -3.90 11.20 -1.35
CA LEU A 79 -2.74 10.36 -1.66
C LEU A 79 -2.94 9.62 -2.97
N SER A 80 -2.06 9.88 -3.94
CA SER A 80 -2.14 9.23 -5.24
C SER A 80 -1.02 8.22 -5.42
N LEU A 81 -1.39 6.94 -5.46
CA LEU A 81 -0.41 5.87 -5.63
C LEU A 81 -0.59 5.16 -6.97
N GLY A 82 0.50 4.63 -7.51
CA GLY A 82 0.44 3.93 -8.79
C GLY A 82 0.82 2.48 -8.67
N LEU A 83 -0.03 1.59 -9.18
CA LEU A 83 0.23 0.16 -9.13
C LEU A 83 0.21 -0.44 -10.53
N SER A 84 0.72 -1.66 -10.65
CA SER A 84 0.78 -2.34 -11.94
C SER A 84 0.31 -3.79 -11.80
N ARG A 85 -0.01 -4.41 -12.94
CA ARG A 85 -0.48 -5.79 -12.94
C ARG A 85 0.70 -6.77 -12.80
N ALA A 86 0.87 -7.30 -11.60
CA ALA A 86 1.95 -8.24 -11.33
C ALA A 86 1.59 -9.65 -11.82
N GLY A 87 2.61 -10.47 -12.01
CA GLY A 87 2.39 -11.83 -12.49
C GLY A 87 1.94 -12.76 -11.38
N ALA A 88 2.45 -12.53 -10.17
CA ALA A 88 2.10 -13.36 -9.03
C ALA A 88 1.50 -12.51 -7.90
N SER A 89 0.63 -11.57 -8.27
CA SER A 89 0.00 -10.70 -7.29
C SER A 89 -0.82 -11.50 -6.28
N ALA A 90 -1.47 -10.80 -5.36
CA ALA A 90 -2.29 -11.46 -4.34
C ALA A 90 -3.56 -10.66 -4.08
N GLY A 91 -4.34 -11.10 -3.09
CA GLY A 91 -5.57 -10.43 -2.76
C GLY A 91 -5.93 -10.56 -1.29
N ALA A 92 -7.17 -10.23 -0.94
CA ALA A 92 -7.63 -10.31 0.43
C ALA A 92 -9.10 -10.71 0.50
N SER A 93 -9.61 -10.89 1.72
CA SER A 93 -11.00 -11.28 1.91
C SER A 93 -11.56 -10.64 3.17
N ALA A 94 -12.89 -10.53 3.22
CA ALA A 94 -13.56 -9.94 4.38
C ALA A 94 -13.99 -11.01 5.37
N GLY A 95 -14.39 -12.17 4.86
CA GLY A 95 -14.81 -13.26 5.72
C GLY A 95 -13.78 -13.60 6.78
N ALA A 96 -12.51 -13.46 6.42
CA ALA A 96 -11.42 -13.75 7.34
C ALA A 96 -11.60 -13.01 8.66
N SER A 97 -11.96 -11.74 8.57
CA SER A 97 -12.16 -10.91 9.76
C SER A 97 -13.62 -10.94 10.20
N ALA A 98 -14.20 -12.13 10.23
CA ALA A 98 -15.59 -12.30 10.63
C ALA A 98 -15.70 -12.60 12.13
N HIS A 99 -14.75 -13.39 12.63
CA HIS A 99 -14.73 -13.75 14.05
C HIS A 99 -13.82 -12.82 14.84
N GLY A 100 -13.59 -11.62 14.31
CA GLY A 100 -12.73 -10.66 14.97
C GLY A 100 -11.26 -10.94 14.73
N ASN A 101 -10.95 -11.54 13.59
CA ASN A 101 -9.57 -11.86 13.25
C ASN A 101 -8.79 -10.60 12.88
N PHE A 102 -8.05 -10.07 13.84
CA PHE A 102 -7.26 -8.87 13.62
C PHE A 102 -5.77 -9.19 13.63
N ALA A 103 -4.98 -8.31 13.01
CA ALA A 103 -3.53 -8.50 12.95
C ALA A 103 -2.80 -7.17 13.11
N PHE A 104 -3.39 -6.27 13.89
CA PHE A 104 -2.78 -4.96 14.12
C PHE A 104 -2.29 -4.83 15.56
N GLU A 105 -0.98 -4.83 15.73
CA GLU A 105 -0.38 -4.72 17.05
C GLU A 105 1.14 -4.68 16.97
N GLY A 106 1.74 -3.68 17.62
CA GLY A 106 3.19 -3.55 17.59
C GLY A 106 3.72 -3.24 16.21
N ILE A 107 2.87 -2.66 15.37
CA ILE A 107 3.27 -2.29 14.01
C ILE A 107 3.26 -0.78 13.81
N GLY A 108 3.67 -0.35 12.63
CA GLY A 108 3.70 1.07 12.33
C GLY A 108 4.73 1.42 11.29
N ASP A 109 5.89 0.77 11.35
CA ASP A 109 6.97 1.02 10.40
C ASP A 109 6.48 0.85 8.96
N GLU A 110 5.57 -0.10 8.76
CA GLU A 110 5.03 -0.36 7.43
C GLU A 110 3.56 0.03 7.37
N ASP A 111 2.90 0.03 8.52
CA ASP A 111 1.48 0.39 8.59
C ASP A 111 1.26 1.81 8.07
N LEU A 112 0.41 1.93 7.06
CA LEU A 112 0.10 3.24 6.48
C LEU A 112 -1.35 3.62 6.73
N MET A 3 2.08 -6.02 -18.71
CA MET A 3 0.80 -5.75 -18.07
C MET A 3 0.51 -4.25 -18.05
N ASP A 4 -0.78 -3.91 -18.10
CA ASP A 4 -1.20 -2.51 -18.09
C ASP A 4 -1.06 -1.91 -16.70
N SER A 5 -0.74 -0.62 -16.65
CA SER A 5 -0.58 0.08 -15.38
C SER A 5 -1.59 1.21 -15.25
N PHE A 6 -1.78 1.68 -14.01
CA PHE A 6 -2.73 2.76 -13.75
C PHE A 6 -2.29 3.56 -12.52
N LYS A 7 -3.05 4.61 -12.22
CA LYS A 7 -2.75 5.47 -11.07
C LYS A 7 -4.01 5.77 -10.28
N VAL A 8 -3.93 5.63 -8.96
CA VAL A 8 -5.06 5.90 -8.08
C VAL A 8 -4.69 6.87 -6.97
N VAL A 9 -5.34 8.02 -6.96
CA VAL A 9 -5.07 9.04 -5.94
C VAL A 9 -6.18 9.07 -4.88
N LEU A 10 -5.78 8.97 -3.62
CA LEU A 10 -6.74 8.99 -2.52
C LEU A 10 -6.66 10.29 -1.74
N GLU A 11 -7.71 11.09 -1.83
CA GLU A 11 -7.76 12.38 -1.13
C GLU A 11 -8.94 12.44 -0.17
N GLY A 12 -8.64 12.63 1.11
CA GLY A 12 -9.69 12.69 2.11
C GLY A 12 -9.20 13.25 3.44
N PRO A 13 -10.14 13.65 4.30
CA PRO A 13 -9.81 14.21 5.62
C PRO A 13 -9.26 13.15 6.56
N ALA A 14 -9.94 12.02 6.65
CA ALA A 14 -9.52 10.93 7.52
C ALA A 14 -8.27 10.25 6.98
N PRO A 15 -7.57 9.50 7.84
CA PRO A 15 -6.35 8.79 7.47
C PRO A 15 -6.63 7.61 6.54
N TRP A 16 -5.57 6.93 6.11
CA TRP A 16 -5.71 5.80 5.21
C TRP A 16 -5.90 4.50 6.00
N GLY A 17 -6.19 3.41 5.29
CA GLY A 17 -6.39 2.13 5.94
C GLY A 17 -5.66 1.00 5.24
N PHE A 18 -4.46 1.30 4.75
CA PHE A 18 -3.66 0.30 4.05
C PHE A 18 -2.21 0.35 4.52
N ARG A 19 -1.42 -0.64 4.10
CA ARG A 19 -0.01 -0.71 4.48
C ARG A 19 0.87 -0.96 3.26
N LEU A 20 2.18 -0.92 3.47
CA LEU A 20 3.14 -1.13 2.38
C LEU A 20 4.29 -2.01 2.85
N GLN A 21 5.01 -2.59 1.88
CA GLN A 21 6.14 -3.44 2.19
C GLN A 21 7.14 -3.47 1.04
N GLY A 22 8.21 -4.23 1.20
CA GLY A 22 9.22 -4.33 0.17
C GLY A 22 10.48 -3.56 0.51
N GLY A 23 11.07 -2.91 -0.49
CA GLY A 23 12.27 -2.14 -0.26
C GLY A 23 13.14 -2.05 -1.51
N LYS A 24 13.07 -0.91 -2.19
CA LYS A 24 13.85 -0.70 -3.41
C LYS A 24 15.34 -0.91 -3.14
N ASP A 25 15.84 -0.29 -2.07
CA ASP A 25 17.24 -0.41 -1.70
C ASP A 25 17.65 -1.89 -1.59
N PHE A 26 16.72 -2.72 -1.17
CA PHE A 26 16.98 -4.15 -1.02
C PHE A 26 16.55 -4.92 -2.27
N ASN A 27 16.62 -4.25 -3.42
CA ASN A 27 16.24 -4.85 -4.68
C ASN A 27 14.87 -5.53 -4.57
N VAL A 28 14.01 -4.97 -3.74
CA VAL A 28 12.67 -5.51 -3.54
C VAL A 28 11.60 -4.50 -3.94
N PRO A 29 10.62 -4.96 -4.73
CA PRO A 29 9.52 -4.10 -5.20
C PRO A 29 8.56 -3.73 -4.08
N LEU A 30 7.98 -2.54 -4.18
CA LEU A 30 7.03 -2.06 -3.18
C LEU A 30 5.61 -2.48 -3.52
N SER A 31 4.85 -2.86 -2.49
CA SER A 31 3.47 -3.28 -2.69
C SER A 31 2.67 -3.14 -1.39
N ILE A 32 1.36 -3.33 -1.49
CA ILE A 32 0.49 -3.22 -0.33
C ILE A 32 0.53 -4.49 0.52
N SER A 33 0.67 -4.32 1.83
CA SER A 33 0.74 -5.45 2.75
C SER A 33 -0.65 -5.79 3.28
N ARG A 34 -1.43 -4.76 3.58
CA ARG A 34 -2.79 -4.95 4.10
C ARG A 34 -3.71 -3.83 3.63
N LEU A 35 -4.99 -4.16 3.45
CA LEU A 35 -5.98 -3.18 3.01
C LEU A 35 -7.35 -3.49 3.60
N THR A 36 -7.80 -2.64 4.52
CA THR A 36 -9.10 -2.82 5.15
C THR A 36 -10.22 -2.80 4.13
N PRO A 37 -11.25 -3.62 4.36
CA PRO A 37 -12.42 -3.71 3.46
C PRO A 37 -13.28 -2.45 3.51
N GLY A 38 -13.52 -1.87 2.34
CA GLY A 38 -14.33 -0.67 2.26
C GLY A 38 -13.67 0.52 2.92
N GLY A 39 -12.36 0.43 3.10
CA GLY A 39 -11.62 1.52 3.73
C GLY A 39 -11.41 2.69 2.79
N LYS A 40 -10.55 3.63 3.20
CA LYS A 40 -10.26 4.81 2.39
C LYS A 40 -9.63 4.40 1.06
N ALA A 41 -8.50 3.71 1.12
CA ALA A 41 -7.81 3.28 -0.08
C ALA A 41 -8.73 2.44 -0.96
N ALA A 42 -9.59 1.66 -0.34
CA ALA A 42 -10.53 0.81 -1.07
C ALA A 42 -11.45 1.65 -1.95
N GLN A 43 -11.86 2.80 -1.45
CA GLN A 43 -12.75 3.70 -2.18
C GLN A 43 -12.20 3.96 -3.58
N ALA A 44 -10.91 4.24 -3.67
CA ALA A 44 -10.26 4.50 -4.95
C ALA A 44 -10.24 3.25 -5.83
N GLY A 45 -10.21 2.09 -5.19
CA GLY A 45 -10.18 0.84 -5.92
C GLY A 45 -8.87 0.09 -5.74
N VAL A 46 -8.22 0.32 -4.61
CA VAL A 46 -6.95 -0.35 -4.32
C VAL A 46 -7.17 -1.66 -3.58
N ALA A 47 -6.32 -2.64 -3.86
CA ALA A 47 -6.42 -3.95 -3.22
C ALA A 47 -5.05 -4.48 -2.83
N VAL A 48 -4.95 -5.02 -1.63
CA VAL A 48 -3.68 -5.57 -1.14
C VAL A 48 -3.07 -6.53 -2.15
N GLY A 49 -1.79 -6.34 -2.45
CA GLY A 49 -1.10 -7.20 -3.40
C GLY A 49 -0.58 -6.43 -4.59
N ASP A 50 -1.28 -5.37 -4.97
CA ASP A 50 -0.87 -4.55 -6.11
C ASP A 50 0.59 -4.13 -5.98
N TRP A 51 1.20 -3.75 -7.10
CA TRP A 51 2.59 -3.34 -7.12
C TRP A 51 2.70 -1.82 -7.19
N VAL A 52 3.27 -1.22 -6.14
CA VAL A 52 3.43 0.22 -6.07
C VAL A 52 4.52 0.69 -7.04
N LEU A 53 4.25 1.78 -7.73
CA LEU A 53 5.21 2.34 -8.69
C LEU A 53 5.68 3.72 -8.24
N SER A 54 4.78 4.48 -7.64
CA SER A 54 5.11 5.83 -7.16
C SER A 54 4.20 6.24 -6.02
N ILE A 55 4.67 7.17 -5.19
CA ILE A 55 3.88 7.66 -4.07
C ILE A 55 3.84 9.18 -4.04
N ASP A 56 2.68 9.73 -3.69
CA ASP A 56 2.51 11.18 -3.62
C ASP A 56 2.91 11.83 -4.94
N GLY A 57 2.72 11.11 -6.04
CA GLY A 57 3.07 11.63 -7.35
C GLY A 57 4.56 11.63 -7.60
N GLU A 58 5.28 10.80 -6.86
CA GLU A 58 6.73 10.70 -7.01
C GLU A 58 7.17 9.23 -7.10
N ASN A 59 7.94 8.93 -8.15
CA ASN A 59 8.42 7.57 -8.35
C ASN A 59 9.05 7.01 -7.08
N ALA A 60 8.63 5.80 -6.70
CA ALA A 60 9.16 5.16 -5.50
C ALA A 60 10.29 4.20 -5.84
N GLY A 61 10.94 4.44 -6.98
CA GLY A 61 12.04 3.58 -7.40
C GLY A 61 13.37 4.04 -6.85
N SER A 62 13.35 5.13 -6.08
CA SER A 62 14.58 5.68 -5.49
C SER A 62 14.48 5.69 -3.98
N LEU A 63 13.29 5.43 -3.45
CA LEU A 63 13.07 5.41 -2.01
C LEU A 63 13.02 3.99 -1.49
N THR A 64 13.25 3.83 -0.19
CA THR A 64 13.21 2.51 0.44
C THR A 64 11.88 2.24 1.11
N HIS A 65 11.78 1.12 1.82
CA HIS A 65 10.55 0.75 2.49
C HIS A 65 10.17 1.80 3.53
N ILE A 66 11.07 2.07 4.46
CA ILE A 66 10.82 3.06 5.50
C ILE A 66 10.53 4.43 4.91
N GLU A 67 11.22 4.75 3.82
CA GLU A 67 11.03 6.03 3.15
C GLU A 67 9.66 6.11 2.48
N ALA A 68 9.26 5.01 1.84
CA ALA A 68 7.97 4.95 1.16
C ALA A 68 6.84 5.38 2.08
N GLN A 69 6.93 4.98 3.35
CA GLN A 69 5.91 5.32 4.34
C GLN A 69 5.86 6.83 4.55
N ASN A 70 7.01 7.42 4.87
CA ASN A 70 7.10 8.86 5.11
C ASN A 70 6.49 9.64 3.94
N LYS A 71 6.62 9.10 2.74
CA LYS A 71 6.08 9.73 1.55
C LYS A 71 4.56 9.85 1.63
N ILE A 72 3.93 8.87 2.24
CA ILE A 72 2.48 8.86 2.40
C ILE A 72 2.04 9.76 3.55
N ARG A 73 2.59 9.50 4.73
CA ARG A 73 2.26 10.28 5.92
C ARG A 73 2.51 11.76 5.67
N ALA A 74 3.50 12.06 4.84
CA ALA A 74 3.85 13.45 4.51
C ALA A 74 2.71 14.14 3.77
N CYS A 75 1.83 13.34 3.17
CA CYS A 75 0.70 13.86 2.43
C CYS A 75 -0.03 14.95 3.22
N GLY A 76 -0.47 15.98 2.52
CA GLY A 76 -1.16 17.08 3.18
C GLY A 76 -2.55 17.31 2.60
N GLU A 77 -2.62 17.49 1.29
CA GLU A 77 -3.90 17.73 0.62
C GLU A 77 -4.44 16.44 0.02
N ARG A 78 -3.63 15.79 -0.80
CA ARG A 78 -4.02 14.54 -1.44
C ARG A 78 -2.83 13.63 -1.66
N LEU A 79 -3.09 12.33 -1.80
CA LEU A 79 -2.02 11.36 -2.01
C LEU A 79 -2.22 10.60 -3.33
N SER A 80 -1.26 10.78 -4.23
CA SER A 80 -1.33 10.12 -5.54
C SER A 80 -0.43 8.89 -5.58
N LEU A 81 -1.04 7.72 -5.73
CA LEU A 81 -0.29 6.47 -5.78
C LEU A 81 -0.47 5.78 -7.13
N GLY A 82 0.53 5.01 -7.54
CA GLY A 82 0.46 4.32 -8.81
C GLY A 82 0.61 2.82 -8.65
N LEU A 83 -0.38 2.07 -9.13
CA LEU A 83 -0.36 0.61 -9.04
C LEU A 83 -0.47 -0.02 -10.42
N SER A 84 -0.07 -1.28 -10.51
CA SER A 84 -0.11 -2.01 -11.78
C SER A 84 -0.71 -3.39 -11.60
N ARG A 85 -1.06 -4.03 -12.70
CA ARG A 85 -1.66 -5.37 -12.66
C ARG A 85 -0.56 -6.44 -12.56
N ALA A 86 -0.36 -6.94 -11.34
CA ALA A 86 0.65 -7.97 -11.12
C ALA A 86 0.31 -9.25 -11.86
N GLY A 87 1.35 -10.01 -12.21
CA GLY A 87 1.14 -11.25 -12.94
C GLY A 87 1.49 -12.48 -12.12
N ALA A 88 2.74 -12.53 -11.65
CA ALA A 88 3.20 -13.66 -10.84
C ALA A 88 3.11 -13.34 -9.36
N SER A 89 1.97 -12.78 -8.94
CA SER A 89 1.75 -12.42 -7.55
C SER A 89 0.50 -13.10 -7.01
N ALA A 90 0.48 -13.33 -5.70
CA ALA A 90 -0.66 -13.98 -5.05
C ALA A 90 -0.71 -13.64 -3.56
N GLY A 91 -1.75 -14.11 -2.88
CA GLY A 91 -1.90 -13.85 -1.46
C GLY A 91 -2.69 -14.93 -0.76
N ALA A 92 -2.59 -14.97 0.57
CA ALA A 92 -3.30 -15.95 1.36
C ALA A 92 -4.35 -15.29 2.25
N SER A 93 -5.34 -16.07 2.67
CA SER A 93 -6.41 -15.56 3.51
C SER A 93 -6.47 -16.30 4.84
N ALA A 94 -6.46 -17.64 4.77
CA ALA A 94 -6.51 -18.47 5.96
C ALA A 94 -5.17 -18.45 6.70
N GLY A 95 -4.08 -18.49 5.93
CA GLY A 95 -2.76 -18.48 6.52
C GLY A 95 -2.49 -17.24 7.34
N ALA A 96 -2.82 -16.08 6.78
CA ALA A 96 -2.62 -14.81 7.46
C ALA A 96 -3.40 -14.76 8.77
N SER A 97 -4.62 -15.29 8.75
CA SER A 97 -5.47 -15.30 9.94
C SER A 97 -5.12 -16.49 10.83
N ALA A 98 -4.74 -16.20 12.07
CA ALA A 98 -4.38 -17.24 13.03
C ALA A 98 -5.61 -17.72 13.79
N HIS A 99 -6.52 -16.80 14.09
CA HIS A 99 -7.74 -17.12 14.82
C HIS A 99 -8.97 -16.96 13.93
N GLY A 100 -8.83 -16.16 12.88
CA GLY A 100 -9.94 -15.93 11.97
C GLY A 100 -10.90 -14.88 12.47
N ASN A 101 -10.38 -13.93 13.25
CA ASN A 101 -11.20 -12.85 13.80
C ASN A 101 -10.66 -11.50 13.39
N PHE A 102 -9.33 -11.34 13.48
CA PHE A 102 -8.69 -10.08 13.12
C PHE A 102 -7.28 -10.32 12.60
N ALA A 103 -6.59 -9.25 12.24
CA ALA A 103 -5.24 -9.34 11.73
C ALA A 103 -4.41 -8.12 12.14
N PHE A 104 -4.69 -7.59 13.32
CA PHE A 104 -3.97 -6.42 13.83
C PHE A 104 -3.08 -6.80 15.01
N GLU A 105 -1.78 -6.79 14.79
CA GLU A 105 -0.82 -7.13 15.83
C GLU A 105 0.62 -6.92 15.35
N GLY A 106 1.40 -6.19 16.15
CA GLY A 106 2.77 -5.92 15.79
C GLY A 106 2.90 -5.06 14.55
N ILE A 107 1.86 -4.27 14.27
CA ILE A 107 1.85 -3.40 13.11
C ILE A 107 1.83 -1.93 13.52
N GLY A 108 2.00 -1.05 12.55
CA GLY A 108 1.99 0.38 12.84
C GLY A 108 3.08 1.12 12.09
N ASP A 109 4.23 0.49 11.94
CA ASP A 109 5.36 1.09 11.24
C ASP A 109 5.07 1.22 9.75
N GLU A 110 4.47 0.19 9.17
CA GLU A 110 4.14 0.19 7.76
C GLU A 110 2.73 0.73 7.52
N ASP A 111 1.88 0.63 8.54
CA ASP A 111 0.52 1.11 8.45
C ASP A 111 0.48 2.54 7.93
N LEU A 112 -0.48 2.82 7.05
CA LEU A 112 -0.63 4.15 6.48
C LEU A 112 -2.06 4.65 6.60
N MET A 3 2.37 -5.15 -19.63
CA MET A 3 1.44 -4.95 -18.52
C MET A 3 0.86 -3.54 -18.55
N ASP A 4 -0.42 -3.43 -18.24
CA ASP A 4 -1.10 -2.14 -18.22
C ASP A 4 -0.94 -1.45 -16.87
N SER A 5 -0.35 -0.26 -16.87
CA SER A 5 -0.13 0.48 -15.64
C SER A 5 -1.23 1.52 -15.44
N PHE A 6 -1.41 1.96 -14.20
CA PHE A 6 -2.42 2.94 -13.86
C PHE A 6 -2.07 3.69 -12.58
N LYS A 7 -2.85 4.72 -12.25
CA LYS A 7 -2.62 5.50 -11.05
C LYS A 7 -3.89 5.64 -10.23
N VAL A 8 -3.78 5.41 -8.93
CA VAL A 8 -4.93 5.50 -8.03
C VAL A 8 -4.63 6.42 -6.86
N VAL A 9 -5.39 7.50 -6.77
CA VAL A 9 -5.22 8.47 -5.69
C VAL A 9 -6.31 8.32 -4.63
N LEU A 10 -5.89 8.13 -3.38
CA LEU A 10 -6.82 7.98 -2.28
C LEU A 10 -6.86 9.23 -1.41
N GLU A 11 -7.99 9.93 -1.44
CA GLU A 11 -8.14 11.15 -0.65
C GLU A 11 -9.33 11.03 0.31
N GLY A 12 -9.04 11.14 1.61
CA GLY A 12 -10.08 11.03 2.61
C GLY A 12 -9.63 11.50 3.97
N PRO A 13 -10.59 11.77 4.86
CA PRO A 13 -10.30 12.23 6.23
C PRO A 13 -9.68 11.14 7.09
N ALA A 14 -10.30 9.96 7.07
CA ALA A 14 -9.79 8.84 7.86
C ALA A 14 -8.49 8.29 7.27
N PRO A 15 -7.75 7.53 8.09
CA PRO A 15 -6.47 6.94 7.67
C PRO A 15 -6.66 5.83 6.63
N TRP A 16 -5.54 5.30 6.14
CA TRP A 16 -5.59 4.24 5.14
C TRP A 16 -5.66 2.87 5.81
N GLY A 17 -5.85 1.83 5.01
CA GLY A 17 -5.95 0.49 5.53
C GLY A 17 -5.12 -0.51 4.75
N PHE A 18 -3.96 -0.07 4.27
CA PHE A 18 -3.07 -0.93 3.49
C PHE A 18 -1.63 -0.77 3.93
N ARG A 19 -0.79 -1.72 3.55
CA ARG A 19 0.63 -1.70 3.92
C ARG A 19 1.50 -1.77 2.67
N LEU A 20 2.81 -1.60 2.87
CA LEU A 20 3.76 -1.65 1.77
C LEU A 20 4.97 -2.50 2.13
N GLN A 21 5.71 -2.93 1.11
CA GLN A 21 6.89 -3.76 1.33
C GLN A 21 7.90 -3.58 0.19
N GLY A 22 9.05 -4.23 0.31
CA GLY A 22 10.07 -4.13 -0.71
C GLY A 22 11.24 -3.26 -0.29
N GLY A 23 11.80 -2.51 -1.22
CA GLY A 23 12.93 -1.65 -0.91
C GLY A 23 13.79 -1.37 -2.13
N LYS A 24 13.59 -0.20 -2.74
CA LYS A 24 14.35 0.18 -3.92
C LYS A 24 15.85 0.09 -3.65
N ASP A 25 16.29 0.66 -2.54
CA ASP A 25 17.70 0.64 -2.16
C ASP A 25 18.23 -0.79 -2.16
N PHE A 26 17.38 -1.73 -1.79
CA PHE A 26 17.76 -3.14 -1.74
C PHE A 26 17.41 -3.85 -3.04
N ASN A 27 17.43 -3.10 -4.14
CA ASN A 27 17.12 -3.65 -5.45
C ASN A 27 15.81 -4.45 -5.40
N VAL A 28 14.90 -4.02 -4.54
CA VAL A 28 13.60 -4.69 -4.40
C VAL A 28 12.46 -3.75 -4.75
N PRO A 29 11.57 -4.21 -5.64
CA PRO A 29 10.40 -3.43 -6.07
C PRO A 29 9.37 -3.26 -4.96
N LEU A 30 8.79 -2.06 -4.87
CA LEU A 30 7.79 -1.78 -3.85
C LEU A 30 6.42 -2.32 -4.27
N SER A 31 5.67 -2.81 -3.29
CA SER A 31 4.35 -3.37 -3.55
C SER A 31 3.49 -3.34 -2.28
N ILE A 32 2.20 -3.63 -2.45
CA ILE A 32 1.27 -3.63 -1.32
C ILE A 32 1.39 -4.93 -0.53
N SER A 33 1.56 -4.80 0.78
CA SER A 33 1.69 -5.96 1.65
C SER A 33 0.32 -6.52 2.02
N ARG A 34 -0.53 -5.65 2.57
CA ARG A 34 -1.87 -6.05 2.97
C ARG A 34 -2.89 -4.97 2.62
N LEU A 35 -4.14 -5.38 2.41
CA LEU A 35 -5.20 -4.45 2.08
C LEU A 35 -6.54 -4.92 2.64
N THR A 36 -7.07 -4.19 3.62
CA THR A 36 -8.35 -4.53 4.23
C THR A 36 -9.47 -4.49 3.21
N PRO A 37 -10.44 -5.41 3.37
CA PRO A 37 -11.60 -5.51 2.47
C PRO A 37 -12.55 -4.34 2.63
N GLY A 38 -12.85 -3.65 1.53
CA GLY A 38 -13.75 -2.51 1.58
C GLY A 38 -13.16 -1.35 2.36
N GLY A 39 -11.85 -1.35 2.53
CA GLY A 39 -11.20 -0.29 3.27
C GLY A 39 -11.05 0.98 2.44
N LYS A 40 -10.24 1.92 2.94
CA LYS A 40 -10.01 3.17 2.23
C LYS A 40 -9.32 2.94 0.89
N ALA A 41 -8.15 2.32 0.94
CA ALA A 41 -7.39 2.04 -0.27
C ALA A 41 -8.24 1.29 -1.29
N ALA A 42 -9.11 0.42 -0.79
CA ALA A 42 -9.99 -0.36 -1.67
C ALA A 42 -10.93 0.55 -2.45
N GLN A 43 -11.41 1.60 -1.80
CA GLN A 43 -12.32 2.55 -2.43
C GLN A 43 -11.76 3.03 -3.75
N ALA A 44 -10.47 3.37 -3.76
CA ALA A 44 -9.81 3.86 -4.97
C ALA A 44 -9.69 2.75 -6.01
N GLY A 45 -9.62 1.51 -5.54
CA GLY A 45 -9.49 0.38 -6.44
C GLY A 45 -8.16 -0.31 -6.33
N VAL A 46 -7.55 -0.23 -5.15
CA VAL A 46 -6.25 -0.86 -4.92
C VAL A 46 -6.42 -2.28 -4.38
N ALA A 47 -5.46 -3.14 -4.71
CA ALA A 47 -5.50 -4.53 -4.27
C ALA A 47 -4.11 -5.04 -3.92
N VAL A 48 -3.99 -5.70 -2.78
CA VAL A 48 -2.70 -6.22 -2.33
C VAL A 48 -2.05 -7.06 -3.42
N GLY A 49 -0.77 -6.81 -3.66
CA GLY A 49 -0.05 -7.55 -4.68
C GLY A 49 0.48 -6.65 -5.79
N ASP A 50 -0.27 -5.60 -6.10
CA ASP A 50 0.12 -4.67 -7.14
C ASP A 50 1.53 -4.12 -6.89
N TRP A 51 2.16 -3.61 -7.93
CA TRP A 51 3.50 -3.05 -7.82
C TRP A 51 3.46 -1.53 -7.76
N VAL A 52 4.03 -0.98 -6.69
CA VAL A 52 4.06 0.48 -6.50
C VAL A 52 5.09 1.13 -7.42
N LEU A 53 4.71 2.25 -8.02
CA LEU A 53 5.60 2.97 -8.93
C LEU A 53 5.96 4.34 -8.36
N SER A 54 5.00 4.97 -7.70
CA SER A 54 5.21 6.29 -7.11
C SER A 54 4.25 6.52 -5.94
N ILE A 55 4.64 7.43 -5.06
CA ILE A 55 3.81 7.75 -3.89
C ILE A 55 3.64 9.26 -3.73
N ASP A 56 2.45 9.67 -3.33
CA ASP A 56 2.16 11.09 -3.15
C ASP A 56 2.48 11.88 -4.41
N GLY A 57 2.35 11.24 -5.56
CA GLY A 57 2.63 11.90 -6.81
C GLY A 57 4.12 12.05 -7.07
N GLU A 58 4.91 11.22 -6.41
CA GLU A 58 6.37 11.26 -6.57
C GLU A 58 6.94 9.87 -6.78
N ASN A 59 7.74 9.71 -7.83
CA ASN A 59 8.35 8.43 -8.15
C ASN A 59 9.01 7.83 -6.91
N ALA A 60 8.71 6.56 -6.65
CA ALA A 60 9.27 5.86 -5.49
C ALA A 60 10.47 5.01 -5.90
N GLY A 61 11.11 5.39 -7.01
CA GLY A 61 12.27 4.66 -7.48
C GLY A 61 13.56 5.16 -6.88
N SER A 62 13.46 6.16 -6.01
CA SER A 62 14.64 6.73 -5.37
C SER A 62 14.53 6.63 -3.85
N LEU A 63 13.36 6.24 -3.37
CA LEU A 63 13.12 6.09 -1.94
C LEU A 63 13.16 4.63 -1.53
N THR A 64 13.42 4.39 -0.24
CA THR A 64 13.49 3.04 0.28
C THR A 64 12.18 2.64 0.96
N HIS A 65 12.18 1.48 1.60
CA HIS A 65 10.99 0.98 2.29
C HIS A 65 10.54 1.97 3.35
N ILE A 66 11.38 2.18 4.37
CA ILE A 66 11.06 3.10 5.45
C ILE A 66 10.66 4.47 4.91
N GLU A 67 11.33 4.91 3.86
CA GLU A 67 11.04 6.20 3.24
C GLU A 67 9.67 6.20 2.58
N ALA A 68 9.37 5.11 1.87
CA ALA A 68 8.09 4.98 1.19
C ALA A 68 6.92 5.24 2.15
N GLN A 69 7.05 4.74 3.37
CA GLN A 69 6.02 4.90 4.38
C GLN A 69 5.83 6.38 4.72
N ASN A 70 6.93 7.05 5.06
CA ASN A 70 6.88 8.47 5.41
C ASN A 70 6.21 9.28 4.31
N LYS A 71 6.39 8.84 3.06
CA LYS A 71 5.81 9.53 1.91
C LYS A 71 4.28 9.50 1.99
N ILE A 72 3.73 8.41 2.50
CA ILE A 72 2.28 8.26 2.64
C ILE A 72 1.77 9.03 3.86
N ARG A 73 2.33 8.71 5.02
CA ARG A 73 1.92 9.36 6.26
C ARG A 73 2.05 10.87 6.14
N ALA A 74 3.02 11.32 5.36
CA ALA A 74 3.24 12.75 5.16
C ALA A 74 2.05 13.40 4.45
N CYS A 75 1.23 12.58 3.80
CA CYS A 75 0.06 13.07 3.09
C CYS A 75 -0.74 14.04 3.95
N GLY A 76 -1.26 15.09 3.33
CA GLY A 76 -2.04 16.07 4.06
C GLY A 76 -3.45 16.20 3.53
N GLU A 77 -3.57 16.50 2.24
CA GLU A 77 -4.88 16.64 1.60
C GLU A 77 -5.30 15.36 0.90
N ARG A 78 -4.42 14.89 0.00
CA ARG A 78 -4.70 13.67 -0.76
C ARG A 78 -3.41 12.90 -1.02
N LEU A 79 -3.56 11.61 -1.33
CA LEU A 79 -2.42 10.76 -1.59
C LEU A 79 -2.53 10.11 -2.97
N SER A 80 -1.59 10.44 -3.85
CA SER A 80 -1.59 9.89 -5.21
C SER A 80 -0.57 8.75 -5.32
N LEU A 81 -1.08 7.54 -5.57
CA LEU A 81 -0.22 6.37 -5.70
C LEU A 81 -0.36 5.76 -7.10
N GLY A 82 0.70 5.11 -7.56
CA GLY A 82 0.69 4.50 -8.87
C GLY A 82 0.97 3.01 -8.81
N LEU A 83 0.02 2.20 -9.28
CA LEU A 83 0.16 0.75 -9.28
C LEU A 83 0.11 0.20 -10.70
N SER A 84 0.58 -1.03 -10.87
CA SER A 84 0.60 -1.68 -12.17
C SER A 84 0.09 -3.11 -12.08
N ARG A 85 -0.21 -3.70 -13.24
CA ARG A 85 -0.71 -5.07 -13.28
C ARG A 85 0.37 -6.06 -12.87
N ALA A 86 0.31 -6.51 -11.62
CA ALA A 86 1.28 -7.47 -11.10
C ALA A 86 1.12 -8.83 -11.76
N GLY A 87 2.18 -9.64 -11.70
CA GLY A 87 2.13 -10.96 -12.31
C GLY A 87 2.02 -12.06 -11.28
N ALA A 88 2.65 -11.87 -10.13
CA ALA A 88 2.62 -12.86 -9.06
C ALA A 88 2.00 -12.27 -7.79
N SER A 89 0.89 -11.56 -7.96
CA SER A 89 0.20 -10.95 -6.83
C SER A 89 -0.10 -11.98 -5.75
N ALA A 90 -0.28 -11.51 -4.52
CA ALA A 90 -0.57 -12.39 -3.40
C ALA A 90 -2.06 -12.35 -3.05
N GLY A 91 -2.42 -12.98 -1.93
CA GLY A 91 -3.81 -13.00 -1.50
C GLY A 91 -3.98 -12.58 -0.06
N ALA A 92 -4.93 -13.21 0.63
CA ALA A 92 -5.19 -12.89 2.02
C ALA A 92 -4.90 -14.08 2.92
N SER A 93 -5.19 -13.94 4.21
CA SER A 93 -4.95 -15.00 5.18
C SER A 93 -6.11 -15.12 6.16
N ALA A 94 -6.44 -16.36 6.53
CA ALA A 94 -7.53 -16.60 7.46
C ALA A 94 -7.04 -16.62 8.90
N GLY A 95 -5.83 -17.15 9.10
CA GLY A 95 -5.26 -17.21 10.43
C GLY A 95 -5.23 -15.86 11.11
N ALA A 96 -5.02 -14.81 10.32
CA ALA A 96 -4.96 -13.45 10.86
C ALA A 96 -6.18 -13.15 11.71
N SER A 97 -7.36 -13.51 11.21
CA SER A 97 -8.61 -13.27 11.92
C SER A 97 -9.15 -14.57 12.52
N ALA A 98 -8.83 -14.80 13.79
CA ALA A 98 -9.28 -16.00 14.49
C ALA A 98 -10.72 -15.85 14.95
N HIS A 99 -11.09 -14.64 15.38
CA HIS A 99 -12.44 -14.36 15.85
C HIS A 99 -13.18 -13.47 14.87
N GLY A 100 -12.42 -12.72 14.06
CA GLY A 100 -13.03 -11.83 13.09
C GLY A 100 -13.56 -10.56 13.72
N ASN A 101 -12.94 -10.15 14.82
CA ASN A 101 -13.35 -8.94 15.52
C ASN A 101 -12.53 -7.73 15.07
N PHE A 102 -11.24 -7.96 14.83
CA PHE A 102 -10.36 -6.89 14.39
C PHE A 102 -9.15 -7.46 13.63
N ALA A 103 -8.28 -6.57 13.18
CA ALA A 103 -7.09 -6.99 12.44
C ALA A 103 -5.91 -6.07 12.73
N PHE A 104 -5.85 -5.58 13.96
CA PHE A 104 -4.77 -4.69 14.37
C PHE A 104 -3.84 -5.37 15.37
N GLU A 105 -2.62 -5.67 14.92
CA GLU A 105 -1.64 -6.34 15.78
C GLU A 105 -0.31 -6.48 15.06
N GLY A 106 0.76 -6.04 15.72
CA GLY A 106 2.09 -6.12 15.13
C GLY A 106 2.24 -5.23 13.92
N ILE A 107 1.42 -4.19 13.85
CA ILE A 107 1.47 -3.26 12.73
C ILE A 107 1.92 -1.87 13.18
N GLY A 108 2.13 -0.99 12.21
CA GLY A 108 2.56 0.37 12.53
C GLY A 108 3.86 0.75 11.84
N ASP A 109 4.73 -0.23 11.66
CA ASP A 109 6.02 0.01 11.01
C ASP A 109 5.83 0.23 9.51
N GLU A 110 4.99 -0.60 8.89
CA GLU A 110 4.73 -0.49 7.47
C GLU A 110 3.28 -0.11 7.20
N ASP A 111 2.41 -0.44 8.16
CA ASP A 111 0.99 -0.13 8.03
C ASP A 111 0.78 1.34 7.65
N LEU A 112 -0.09 1.56 6.67
CA LEU A 112 -0.38 2.92 6.21
C LEU A 112 -1.86 3.26 6.41
N MET A 3 2.61 -5.36 -18.19
CA MET A 3 1.14 -5.34 -18.21
C MET A 3 0.63 -3.90 -18.21
N ASP A 4 -0.69 -3.75 -18.13
CA ASP A 4 -1.32 -2.44 -18.13
C ASP A 4 -1.18 -1.79 -16.75
N SER A 5 -0.56 -0.61 -16.72
CA SER A 5 -0.38 0.11 -15.47
C SER A 5 -1.48 1.15 -15.26
N PHE A 6 -1.63 1.62 -14.03
CA PHE A 6 -2.64 2.61 -13.71
C PHE A 6 -2.28 3.37 -12.44
N LYS A 7 -3.12 4.33 -12.06
CA LYS A 7 -2.89 5.13 -10.87
C LYS A 7 -4.14 5.23 -10.01
N VAL A 8 -3.96 5.53 -8.74
CA VAL A 8 -5.09 5.65 -7.82
C VAL A 8 -4.77 6.64 -6.69
N VAL A 9 -5.53 7.72 -6.63
CA VAL A 9 -5.34 8.75 -5.61
C VAL A 9 -6.43 8.66 -4.53
N LEU A 10 -6.00 8.58 -3.28
CA LEU A 10 -6.94 8.50 -2.17
C LEU A 10 -6.89 9.77 -1.32
N GLU A 11 -7.98 10.54 -1.35
CA GLU A 11 -8.06 11.77 -0.59
C GLU A 11 -9.23 11.74 0.38
N GLY A 12 -8.93 11.92 1.67
CA GLY A 12 -9.97 11.90 2.68
C GLY A 12 -9.49 12.45 4.01
N PRO A 13 -10.44 12.75 4.91
CA PRO A 13 -10.13 13.29 6.24
C PRO A 13 -9.48 12.25 7.14
N ALA A 14 -10.07 11.06 7.20
CA ALA A 14 -9.54 9.98 8.02
C ALA A 14 -8.28 9.39 7.40
N PRO A 15 -7.49 8.67 8.22
CA PRO A 15 -6.25 8.03 7.78
C PRO A 15 -6.50 6.87 6.84
N TRP A 16 -5.42 6.25 6.37
CA TRP A 16 -5.52 5.12 5.45
C TRP A 16 -5.67 3.80 6.22
N GLY A 17 -6.04 2.75 5.51
CA GLY A 17 -6.21 1.46 6.15
C GLY A 17 -5.45 0.35 5.44
N PHE A 18 -4.30 0.70 4.87
CA PHE A 18 -3.48 -0.27 4.15
C PHE A 18 -2.02 -0.18 4.60
N ARG A 19 -1.21 -1.11 4.11
CA ARG A 19 0.21 -1.14 4.47
C ARG A 19 1.08 -1.23 3.22
N LEU A 20 2.40 -1.11 3.41
CA LEU A 20 3.33 -1.19 2.30
C LEU A 20 4.57 -1.99 2.69
N GLN A 21 5.30 -2.48 1.68
CA GLN A 21 6.50 -3.26 1.91
C GLN A 21 7.45 -3.17 0.73
N GLY A 22 8.58 -3.87 0.83
CA GLY A 22 9.56 -3.85 -0.25
C GLY A 22 10.84 -3.15 0.15
N GLY A 23 11.47 -2.49 -0.81
CA GLY A 23 12.72 -1.79 -0.54
C GLY A 23 13.58 -1.62 -1.78
N LYS A 24 13.39 -0.52 -2.49
CA LYS A 24 14.14 -0.24 -3.70
C LYS A 24 15.65 -0.37 -3.44
N ASP A 25 16.11 0.24 -2.36
CA ASP A 25 17.52 0.19 -2.00
C ASP A 25 18.00 -1.25 -1.93
N PHE A 26 17.12 -2.15 -1.52
CA PHE A 26 17.46 -3.57 -1.39
C PHE A 26 17.07 -4.33 -2.67
N ASN A 27 17.08 -3.63 -3.80
CA ASN A 27 16.73 -4.24 -5.07
C ASN A 27 15.41 -4.99 -4.97
N VAL A 28 14.52 -4.51 -4.12
CA VAL A 28 13.21 -5.14 -3.93
C VAL A 28 12.08 -4.19 -4.29
N PRO A 29 11.12 -4.68 -5.07
CA PRO A 29 9.97 -3.89 -5.51
C PRO A 29 9.01 -3.58 -4.37
N LEU A 30 8.33 -2.44 -4.46
CA LEU A 30 7.38 -2.03 -3.42
C LEU A 30 5.98 -2.53 -3.74
N SER A 31 5.25 -2.93 -2.70
CA SER A 31 3.89 -3.43 -2.87
C SER A 31 3.08 -3.27 -1.58
N ILE A 32 1.78 -3.51 -1.68
CA ILE A 32 0.90 -3.39 -0.52
C ILE A 32 0.96 -4.64 0.35
N SER A 33 1.05 -4.44 1.66
CA SER A 33 1.12 -5.55 2.59
C SER A 33 -0.28 -6.01 3.00
N ARG A 34 -1.10 -5.06 3.46
CA ARG A 34 -2.46 -5.36 3.88
C ARG A 34 -3.42 -4.27 3.43
N LEU A 35 -4.68 -4.63 3.22
CA LEU A 35 -5.70 -3.67 2.79
C LEU A 35 -7.07 -4.05 3.36
N THR A 36 -7.60 -3.21 4.25
CA THR A 36 -8.89 -3.46 4.84
C THR A 36 -10.00 -3.44 3.79
N PRO A 37 -11.01 -4.30 3.98
CA PRO A 37 -12.15 -4.40 3.06
C PRO A 37 -13.06 -3.17 3.13
N GLY A 38 -13.30 -2.56 1.98
CA GLY A 38 -14.15 -1.39 1.93
C GLY A 38 -13.54 -0.20 2.66
N GLY A 39 -12.22 -0.25 2.87
CA GLY A 39 -11.55 0.84 3.55
C GLY A 39 -11.24 2.00 2.63
N LYS A 40 -10.56 3.01 3.16
CA LYS A 40 -10.20 4.20 2.38
C LYS A 40 -9.49 3.79 1.09
N ALA A 41 -8.36 3.10 1.23
CA ALA A 41 -7.60 2.66 0.08
C ALA A 41 -8.46 1.86 -0.89
N ALA A 42 -9.40 1.08 -0.35
CA ALA A 42 -10.29 0.28 -1.16
C ALA A 42 -11.19 1.16 -2.01
N GLN A 43 -11.63 2.27 -1.44
CA GLN A 43 -12.52 3.20 -2.15
C GLN A 43 -11.94 3.56 -3.51
N ALA A 44 -10.64 3.86 -3.53
CA ALA A 44 -9.97 4.23 -4.78
C ALA A 44 -9.90 3.04 -5.74
N GLY A 45 -9.87 1.84 -5.18
CA GLY A 45 -9.81 0.64 -5.99
C GLY A 45 -8.48 -0.09 -5.84
N VAL A 46 -7.85 0.06 -4.69
CA VAL A 46 -6.57 -0.58 -4.42
C VAL A 46 -6.76 -1.96 -3.78
N ALA A 47 -5.86 -2.87 -4.07
CA ALA A 47 -5.93 -4.22 -3.52
C ALA A 47 -4.55 -4.73 -3.12
N VAL A 48 -4.46 -5.30 -1.92
CA VAL A 48 -3.19 -5.82 -1.43
C VAL A 48 -2.55 -6.76 -2.44
N GLY A 49 -1.27 -6.52 -2.73
CA GLY A 49 -0.55 -7.36 -3.69
C GLY A 49 -0.05 -6.57 -4.87
N ASP A 50 -0.77 -5.51 -5.23
CA ASP A 50 -0.39 -4.67 -6.36
C ASP A 50 1.07 -4.22 -6.23
N TRP A 51 1.65 -3.81 -7.34
CA TRP A 51 3.03 -3.35 -7.36
C TRP A 51 3.11 -1.83 -7.38
N VAL A 52 3.60 -1.25 -6.30
CA VAL A 52 3.72 0.21 -6.19
C VAL A 52 4.80 0.73 -7.14
N LEU A 53 4.50 1.84 -7.80
CA LEU A 53 5.44 2.46 -8.73
C LEU A 53 5.85 3.85 -8.25
N SER A 54 4.91 4.56 -7.64
CA SER A 54 5.17 5.90 -7.14
C SER A 54 4.24 6.24 -5.98
N ILE A 55 4.65 7.21 -5.17
CA ILE A 55 3.85 7.62 -4.02
C ILE A 55 3.72 9.14 -3.97
N ASP A 56 2.52 9.61 -3.63
CA ASP A 56 2.26 11.04 -3.55
C ASP A 56 2.62 11.74 -4.86
N GLY A 57 2.47 11.02 -5.97
CA GLY A 57 2.77 11.59 -7.26
C GLY A 57 4.26 11.67 -7.53
N GLU A 58 5.04 10.87 -6.80
CA GLU A 58 6.49 10.86 -6.96
C GLU A 58 7.01 9.43 -7.08
N ASN A 59 7.79 9.18 -8.13
CA ASN A 59 8.36 7.86 -8.37
C ASN A 59 9.03 7.33 -7.10
N ALA A 60 8.69 6.11 -6.73
CA ALA A 60 9.26 5.47 -5.55
C ALA A 60 10.43 4.58 -5.91
N GLY A 61 11.08 4.88 -7.04
CA GLY A 61 12.21 4.09 -7.48
C GLY A 61 13.52 4.58 -6.90
N SER A 62 13.46 5.63 -6.09
CA SER A 62 14.65 6.19 -5.48
C SER A 62 14.54 6.16 -3.96
N LEU A 63 13.36 5.85 -3.46
CA LEU A 63 13.12 5.78 -2.02
C LEU A 63 13.12 4.33 -1.54
N THR A 64 13.36 4.15 -0.24
CA THR A 64 13.39 2.81 0.34
C THR A 64 12.07 2.49 1.04
N HIS A 65 12.02 1.35 1.71
CA HIS A 65 10.81 0.93 2.42
C HIS A 65 10.43 1.96 3.48
N ILE A 66 11.34 2.20 4.42
CA ILE A 66 11.08 3.16 5.50
C ILE A 66 10.72 4.52 4.94
N GLU A 67 11.39 4.92 3.85
CA GLU A 67 11.13 6.21 3.23
C GLU A 67 9.74 6.24 2.61
N ALA A 68 9.37 5.15 1.95
CA ALA A 68 8.06 5.04 1.30
C ALA A 68 6.94 5.43 2.28
N GLN A 69 7.09 5.00 3.53
CA GLN A 69 6.09 5.30 4.55
C GLN A 69 5.96 6.81 4.77
N ASN A 70 7.11 7.47 4.98
CA ASN A 70 7.12 8.91 5.19
C ASN A 70 6.45 9.65 4.04
N LYS A 71 6.59 9.09 2.84
CA LYS A 71 6.00 9.71 1.64
C LYS A 71 4.49 9.74 1.75
N ILE A 72 3.91 8.70 2.34
CA ILE A 72 2.47 8.61 2.51
C ILE A 72 1.99 9.48 3.67
N ARG A 73 2.55 9.24 4.85
CA ARG A 73 2.19 10.00 6.04
C ARG A 73 2.37 11.50 5.80
N ALA A 74 3.34 11.85 4.96
CA ALA A 74 3.61 13.25 4.65
C ALA A 74 2.43 13.88 3.93
N CYS A 75 1.58 13.05 3.34
CA CYS A 75 0.41 13.53 2.61
C CYS A 75 -0.36 14.56 3.44
N GLY A 76 -0.85 15.60 2.77
CA GLY A 76 -1.60 16.63 3.47
C GLY A 76 -2.96 16.86 2.86
N GLU A 77 -3.01 17.04 1.55
CA GLU A 77 -4.26 17.27 0.85
C GLU A 77 -4.80 15.97 0.24
N ARG A 78 -3.96 15.29 -0.54
CA ARG A 78 -4.34 14.05 -1.17
C ARG A 78 -3.12 13.18 -1.46
N LEU A 79 -3.33 11.87 -1.52
CA LEU A 79 -2.24 10.93 -1.79
C LEU A 79 -2.45 10.21 -3.11
N SER A 80 -1.49 10.36 -4.02
CA SER A 80 -1.57 9.73 -5.33
C SER A 80 -0.57 8.57 -5.44
N LEU A 81 -1.09 7.36 -5.55
CA LEU A 81 -0.25 6.17 -5.66
C LEU A 81 -0.41 5.52 -7.03
N GLY A 82 0.65 4.85 -7.49
CA GLY A 82 0.62 4.19 -8.78
C GLY A 82 0.83 2.69 -8.67
N LEU A 83 -0.11 1.93 -9.22
CA LEU A 83 -0.02 0.47 -9.18
C LEU A 83 -0.05 -0.12 -10.59
N SER A 84 0.31 -1.38 -10.70
CA SER A 84 0.32 -2.06 -12.00
C SER A 84 -0.28 -3.47 -11.88
N ARG A 85 -0.58 -4.06 -13.03
CA ARG A 85 -1.15 -5.40 -13.05
C ARG A 85 -0.07 -6.46 -12.91
N ALA A 86 0.07 -7.01 -11.71
CA ALA A 86 1.08 -8.03 -11.44
C ALA A 86 0.81 -9.28 -12.27
N GLY A 87 1.89 -9.99 -12.63
CA GLY A 87 1.74 -11.20 -13.41
C GLY A 87 2.03 -12.46 -12.61
N ALA A 88 3.08 -12.40 -11.79
CA ALA A 88 3.46 -13.53 -10.96
C ALA A 88 3.01 -13.34 -9.52
N SER A 89 1.79 -12.86 -9.34
CA SER A 89 1.25 -12.62 -8.01
C SER A 89 0.20 -13.67 -7.64
N ALA A 90 0.40 -14.31 -6.49
CA ALA A 90 -0.52 -15.34 -6.03
C ALA A 90 -0.18 -15.78 -4.61
N GLY A 91 -1.14 -15.66 -3.70
CA GLY A 91 -0.92 -16.05 -2.32
C GLY A 91 -2.00 -15.53 -1.39
N ALA A 92 -2.07 -16.10 -0.19
CA ALA A 92 -3.07 -15.68 0.79
C ALA A 92 -2.49 -15.71 2.20
N SER A 93 -3.09 -14.95 3.10
CA SER A 93 -2.63 -14.88 4.49
C SER A 93 -3.76 -15.25 5.45
N ALA A 94 -3.90 -16.54 5.72
CA ALA A 94 -4.94 -17.01 6.64
C ALA A 94 -4.41 -17.12 8.06
N GLY A 95 -3.18 -17.61 8.19
CA GLY A 95 -2.58 -17.76 9.51
C GLY A 95 -2.64 -16.48 10.31
N ALA A 96 -2.53 -15.34 9.63
CA ALA A 96 -2.56 -14.05 10.30
C ALA A 96 -3.81 -13.90 11.17
N SER A 97 -4.94 -14.39 10.65
CA SER A 97 -6.20 -14.31 11.38
C SER A 97 -6.50 -15.63 12.08
N ALA A 98 -6.63 -15.57 13.40
CA ALA A 98 -6.92 -16.75 14.20
C ALA A 98 -8.42 -16.94 14.39
N HIS A 99 -9.14 -15.83 14.55
CA HIS A 99 -10.59 -15.87 14.74
C HIS A 99 -11.31 -15.35 13.50
N GLY A 100 -10.61 -14.56 12.69
CA GLY A 100 -11.20 -14.02 11.49
C GLY A 100 -12.08 -12.81 11.77
N ASN A 101 -11.76 -12.08 12.83
CA ASN A 101 -12.53 -10.90 13.21
C ASN A 101 -11.80 -9.63 12.80
N PHE A 102 -10.48 -9.64 12.89
CA PHE A 102 -9.67 -8.49 12.52
C PHE A 102 -8.25 -8.91 12.16
N ALA A 103 -7.42 -7.93 11.81
CA ALA A 103 -6.04 -8.21 11.43
C ALA A 103 -5.11 -7.08 11.90
N PHE A 104 -5.44 -6.51 13.06
CA PHE A 104 -4.64 -5.42 13.62
C PHE A 104 -3.93 -5.88 14.88
N GLU A 105 -2.61 -6.03 14.79
CA GLU A 105 -1.81 -6.46 15.92
C GLU A 105 -0.31 -6.46 15.57
N GLY A 106 0.48 -5.81 16.41
CA GLY A 106 1.91 -5.74 16.17
C GLY A 106 2.25 -4.94 14.93
N ILE A 107 1.36 -4.05 14.53
CA ILE A 107 1.57 -3.23 13.35
C ILE A 107 1.71 -1.75 13.72
N GLY A 108 1.96 -0.92 12.72
CA GLY A 108 2.10 0.50 12.96
C GLY A 108 3.32 1.08 12.28
N ASP A 109 4.38 0.28 12.18
CA ASP A 109 5.62 0.73 11.55
C ASP A 109 5.51 0.66 10.03
N GLU A 110 4.80 -0.36 9.54
CA GLU A 110 4.62 -0.54 8.10
C GLU A 110 3.27 0.01 7.65
N ASP A 111 2.32 0.04 8.58
CA ASP A 111 0.98 0.54 8.28
C ASP A 111 1.04 1.94 7.67
N LEU A 112 0.02 2.28 6.90
CA LEU A 112 -0.06 3.59 6.26
C LEU A 112 -1.32 4.34 6.67
N MET A 3 1.72 -5.71 -19.39
CA MET A 3 0.91 -5.41 -18.22
C MET A 3 0.35 -4.00 -18.27
N ASP A 4 -0.93 -3.85 -17.96
CA ASP A 4 -1.58 -2.55 -17.97
C ASP A 4 -1.42 -1.84 -16.64
N SER A 5 -0.79 -0.66 -16.66
CA SER A 5 -0.58 0.11 -15.45
C SER A 5 -1.74 1.07 -15.20
N PHE A 6 -1.80 1.60 -13.97
CA PHE A 6 -2.87 2.52 -13.61
C PHE A 6 -2.50 3.28 -12.34
N LYS A 7 -3.32 4.27 -11.99
CA LYS A 7 -3.09 5.08 -10.80
C LYS A 7 -4.33 5.11 -9.92
N VAL A 8 -4.12 5.38 -8.62
CA VAL A 8 -5.23 5.44 -7.67
C VAL A 8 -4.92 6.41 -6.53
N VAL A 9 -5.71 7.46 -6.41
CA VAL A 9 -5.52 8.45 -5.37
C VAL A 9 -6.56 8.30 -4.27
N LEU A 10 -6.10 8.15 -3.03
CA LEU A 10 -7.00 7.99 -1.90
C LEU A 10 -6.99 9.24 -1.01
N GLU A 11 -8.09 9.97 -1.01
CA GLU A 11 -8.20 11.18 -0.21
C GLU A 11 -9.35 11.07 0.79
N GLY A 12 -9.03 11.22 2.07
CA GLY A 12 -10.04 11.14 3.11
C GLY A 12 -9.55 11.65 4.45
N PRO A 13 -10.49 11.90 5.37
CA PRO A 13 -10.16 12.40 6.72
C PRO A 13 -9.45 11.36 7.57
N ALA A 14 -10.00 10.15 7.59
CA ALA A 14 -9.41 9.06 8.37
C ALA A 14 -8.13 8.54 7.71
N PRO A 15 -7.32 7.83 8.50
CA PRO A 15 -6.05 7.26 8.01
C PRO A 15 -6.27 6.12 7.02
N TRP A 16 -5.17 5.54 6.55
CA TRP A 16 -5.24 4.44 5.59
C TRP A 16 -5.30 3.10 6.32
N GLY A 17 -5.57 2.03 5.57
CA GLY A 17 -5.65 0.71 6.16
C GLY A 17 -4.87 -0.33 5.37
N PHE A 18 -3.72 0.07 4.85
CA PHE A 18 -2.88 -0.83 4.06
C PHE A 18 -1.42 -0.70 4.46
N ARG A 19 -0.61 -1.66 4.05
CA ARG A 19 0.82 -1.66 4.36
C ARG A 19 1.66 -1.73 3.09
N LEU A 20 2.95 -1.44 3.22
CA LEU A 20 3.86 -1.47 2.09
C LEU A 20 5.10 -2.29 2.41
N GLN A 21 5.81 -2.72 1.37
CA GLN A 21 7.03 -3.50 1.54
C GLN A 21 7.96 -3.33 0.35
N GLY A 22 9.10 -4.02 0.40
CA GLY A 22 10.07 -3.93 -0.68
C GLY A 22 11.28 -3.11 -0.30
N GLY A 23 11.84 -2.39 -1.28
CA GLY A 23 13.01 -1.57 -1.02
C GLY A 23 13.83 -1.34 -2.27
N LYS A 24 13.64 -0.18 -2.90
CA LYS A 24 14.37 0.17 -4.11
C LYS A 24 15.88 0.03 -3.89
N ASP A 25 16.37 0.63 -2.80
CA ASP A 25 17.79 0.57 -2.48
C ASP A 25 18.28 -0.87 -2.45
N PHE A 26 17.42 -1.78 -2.02
CA PHE A 26 17.76 -3.19 -1.94
C PHE A 26 17.36 -3.92 -3.22
N ASN A 27 17.34 -3.20 -4.33
CA ASN A 27 16.96 -3.78 -5.61
C ASN A 27 15.66 -4.56 -5.50
N VAL A 28 14.78 -4.10 -4.62
CA VAL A 28 13.49 -4.76 -4.41
C VAL A 28 12.33 -3.82 -4.73
N PRO A 29 11.39 -4.31 -5.55
CA PRO A 29 10.22 -3.53 -5.96
C PRO A 29 9.25 -3.30 -4.80
N LEU A 30 8.64 -2.12 -4.78
CA LEU A 30 7.69 -1.77 -3.73
C LEU A 30 6.30 -2.34 -4.03
N SER A 31 5.61 -2.80 -3.00
CA SER A 31 4.28 -3.38 -3.15
C SER A 31 3.50 -3.31 -1.84
N ILE A 32 2.21 -3.58 -1.91
CA ILE A 32 1.36 -3.56 -0.74
C ILE A 32 1.51 -4.84 0.08
N SER A 33 1.74 -4.69 1.37
CA SER A 33 1.90 -5.83 2.27
C SER A 33 0.55 -6.39 2.69
N ARG A 34 -0.30 -5.50 3.22
CA ARG A 34 -1.63 -5.91 3.67
C ARG A 34 -2.67 -4.84 3.32
N LEU A 35 -3.92 -5.26 3.18
CA LEU A 35 -5.00 -4.34 2.85
C LEU A 35 -6.31 -4.81 3.48
N THR A 36 -6.80 -4.03 4.44
CA THR A 36 -8.05 -4.35 5.12
C THR A 36 -9.22 -4.36 4.15
N PRO A 37 -10.18 -5.27 4.37
CA PRO A 37 -11.37 -5.40 3.52
C PRO A 37 -12.33 -4.22 3.69
N GLY A 38 -12.67 -3.58 2.57
CA GLY A 38 -13.58 -2.45 2.62
C GLY A 38 -12.97 -1.25 3.33
N GLY A 39 -11.65 -1.25 3.46
CA GLY A 39 -10.97 -0.15 4.11
C GLY A 39 -10.87 1.09 3.25
N LYS A 40 -10.03 2.02 3.64
CA LYS A 40 -9.84 3.27 2.90
C LYS A 40 -9.22 2.99 1.54
N ALA A 41 -8.05 2.36 1.54
CA ALA A 41 -7.35 2.02 0.31
C ALA A 41 -8.24 1.23 -0.63
N ALA A 42 -9.08 0.36 -0.07
CA ALA A 42 -9.98 -0.46 -0.85
C ALA A 42 -10.96 0.41 -1.64
N GLN A 43 -11.42 1.49 -1.03
CA GLN A 43 -12.36 2.40 -1.68
C GLN A 43 -11.82 2.85 -3.04
N ALA A 44 -10.54 3.21 -3.08
CA ALA A 44 -9.91 3.65 -4.31
C ALA A 44 -9.81 2.50 -5.33
N GLY A 45 -9.71 1.28 -4.81
CA GLY A 45 -9.61 0.12 -5.68
C GLY A 45 -8.26 -0.55 -5.59
N VAL A 46 -7.60 -0.41 -4.44
CA VAL A 46 -6.29 -1.01 -4.23
C VAL A 46 -6.42 -2.41 -3.64
N ALA A 47 -5.47 -3.28 -3.99
CA ALA A 47 -5.46 -4.65 -3.50
C ALA A 47 -4.06 -5.11 -3.17
N VAL A 48 -3.90 -5.72 -1.99
CA VAL A 48 -2.60 -6.21 -1.55
C VAL A 48 -1.95 -7.08 -2.62
N GLY A 49 -0.69 -6.79 -2.94
CA GLY A 49 0.03 -7.55 -3.95
C GLY A 49 0.46 -6.69 -5.11
N ASP A 50 -0.33 -5.66 -5.43
CA ASP A 50 -0.01 -4.76 -6.53
C ASP A 50 1.42 -4.24 -6.42
N TRP A 51 1.95 -3.78 -7.54
CA TRP A 51 3.31 -3.25 -7.57
C TRP A 51 3.31 -1.72 -7.57
N VAL A 52 3.82 -1.13 -6.50
CA VAL A 52 3.87 0.31 -6.37
C VAL A 52 4.89 0.91 -7.34
N LEU A 53 4.52 2.01 -7.98
CA LEU A 53 5.40 2.69 -8.93
C LEU A 53 5.78 4.08 -8.44
N SER A 54 4.83 4.74 -7.78
CA SER A 54 5.06 6.08 -7.26
C SER A 54 4.16 6.37 -6.07
N ILE A 55 4.56 7.31 -5.23
CA ILE A 55 3.78 7.68 -4.06
C ILE A 55 3.59 9.19 -3.98
N ASP A 56 2.38 9.61 -3.63
CA ASP A 56 2.06 11.03 -3.51
C ASP A 56 2.36 11.76 -4.82
N GLY A 57 2.25 11.04 -5.93
CA GLY A 57 2.51 11.64 -7.23
C GLY A 57 4.00 11.78 -7.52
N GLU A 58 4.81 10.99 -6.81
CA GLU A 58 6.26 11.04 -6.99
C GLU A 58 6.83 9.63 -7.15
N ASN A 59 7.60 9.43 -8.22
CA ASN A 59 8.20 8.13 -8.48
C ASN A 59 8.91 7.59 -7.24
N ALA A 60 8.59 6.34 -6.89
CA ALA A 60 9.20 5.71 -5.72
C ALA A 60 10.42 4.89 -6.12
N GLY A 61 11.04 5.26 -7.24
CA GLY A 61 12.22 4.53 -7.71
C GLY A 61 13.50 5.10 -7.13
N SER A 62 13.37 6.11 -6.30
CA SER A 62 14.54 6.74 -5.68
C SER A 62 14.45 6.68 -4.16
N LEU A 63 13.30 6.24 -3.66
CA LEU A 63 13.09 6.12 -2.22
C LEU A 63 13.14 4.67 -1.77
N THR A 64 13.45 4.46 -0.50
CA THR A 64 13.54 3.12 0.06
C THR A 64 12.26 2.74 0.81
N HIS A 65 12.28 1.59 1.46
CA HIS A 65 11.12 1.13 2.22
C HIS A 65 10.72 2.14 3.28
N ILE A 66 11.61 2.37 4.25
CA ILE A 66 11.35 3.32 5.32
C ILE A 66 10.92 4.67 4.77
N GLU A 67 11.55 5.10 3.69
CA GLU A 67 11.22 6.36 3.06
C GLU A 67 9.81 6.33 2.47
N ALA A 68 9.48 5.23 1.79
CA ALA A 68 8.17 5.07 1.19
C ALA A 68 7.06 5.36 2.18
N GLN A 69 7.23 4.91 3.42
CA GLN A 69 6.25 5.13 4.46
C GLN A 69 6.05 6.61 4.73
N ASN A 70 7.16 7.33 4.92
CA ASN A 70 7.10 8.77 5.18
C ASN A 70 6.41 9.50 4.05
N LYS A 71 6.59 9.01 2.83
CA LYS A 71 5.97 9.62 1.65
C LYS A 71 4.46 9.62 1.77
N ILE A 72 3.91 8.53 2.33
CA ILE A 72 2.47 8.41 2.50
C ILE A 72 1.99 9.22 3.70
N ARG A 73 2.58 8.94 4.85
CA ARG A 73 2.22 9.65 6.08
C ARG A 73 2.33 11.16 5.90
N ALA A 74 3.27 11.58 5.06
CA ALA A 74 3.48 13.00 4.80
C ALA A 74 2.27 13.62 4.11
N CYS A 75 1.44 12.77 3.51
CA CYS A 75 0.25 13.24 2.82
C CYS A 75 -0.54 14.21 3.68
N GLY A 76 -1.08 15.25 3.06
CA GLY A 76 -1.84 16.25 3.80
C GLY A 76 -3.24 16.44 3.23
N GLU A 77 -3.32 16.64 1.91
CA GLU A 77 -4.60 16.83 1.25
C GLU A 77 -5.09 15.54 0.63
N ARG A 78 -4.25 14.91 -0.18
CA ARG A 78 -4.60 13.66 -0.84
C ARG A 78 -3.35 12.85 -1.18
N LEU A 79 -3.51 11.54 -1.26
CA LEU A 79 -2.39 10.65 -1.58
C LEU A 79 -2.61 9.97 -2.92
N SER A 80 -1.70 10.19 -3.86
CA SER A 80 -1.80 9.59 -5.19
C SER A 80 -0.73 8.52 -5.38
N LEU A 81 -1.18 7.27 -5.49
CA LEU A 81 -0.27 6.14 -5.68
C LEU A 81 -0.49 5.47 -7.04
N GLY A 82 0.57 4.89 -7.58
CA GLY A 82 0.47 4.23 -8.87
C GLY A 82 0.79 2.75 -8.78
N LEU A 83 -0.11 1.93 -9.32
CA LEU A 83 0.07 0.48 -9.30
C LEU A 83 0.04 -0.09 -10.72
N SER A 84 0.43 -1.35 -10.85
CA SER A 84 0.45 -2.01 -12.15
C SER A 84 -0.08 -3.44 -12.03
N ARG A 85 -0.39 -4.05 -13.17
CA ARG A 85 -0.91 -5.41 -13.21
C ARG A 85 0.23 -6.42 -13.06
N ALA A 86 0.37 -6.96 -11.86
CA ALA A 86 1.41 -7.94 -11.59
C ALA A 86 1.02 -9.31 -12.11
N GLY A 87 2.02 -10.15 -12.38
CA GLY A 87 1.76 -11.48 -12.90
C GLY A 87 1.76 -12.53 -11.80
N ALA A 88 2.72 -12.42 -10.88
CA ALA A 88 2.82 -13.37 -9.78
C ALA A 88 2.32 -12.76 -8.47
N SER A 89 1.18 -12.09 -8.55
CA SER A 89 0.58 -11.45 -7.38
C SER A 89 0.24 -12.49 -6.31
N ALA A 90 0.17 -12.04 -5.05
CA ALA A 90 -0.15 -12.93 -3.94
C ALA A 90 -1.65 -13.12 -3.82
N GLY A 91 -2.06 -13.92 -2.84
CA GLY A 91 -3.47 -14.17 -2.63
C GLY A 91 -4.01 -13.49 -1.38
N ALA A 92 -4.69 -14.26 -0.54
CA ALA A 92 -5.25 -13.72 0.69
C ALA A 92 -5.07 -14.71 1.85
N SER A 93 -4.52 -14.22 2.95
CA SER A 93 -4.30 -15.05 4.13
C SER A 93 -5.58 -15.20 4.94
N ALA A 94 -5.80 -16.40 5.46
CA ALA A 94 -6.99 -16.68 6.26
C ALA A 94 -6.69 -16.55 7.76
N GLY A 95 -5.49 -16.95 8.16
CA GLY A 95 -5.11 -16.87 9.55
C GLY A 95 -5.25 -15.47 10.11
N ALA A 96 -4.99 -14.47 9.27
CA ALA A 96 -5.09 -13.09 9.69
C ALA A 96 -6.44 -12.80 10.35
N SER A 97 -7.50 -13.39 9.80
CA SER A 97 -8.84 -13.20 10.33
C SER A 97 -9.30 -14.44 11.10
N ALA A 98 -8.94 -14.50 12.38
CA ALA A 98 -9.32 -15.63 13.22
C ALA A 98 -10.77 -15.52 13.66
N HIS A 99 -11.22 -14.30 13.90
CA HIS A 99 -12.60 -14.07 14.33
C HIS A 99 -13.39 -13.35 13.24
N GLY A 100 -12.67 -12.66 12.36
CA GLY A 100 -13.32 -11.94 11.28
C GLY A 100 -13.99 -10.66 11.76
N ASN A 101 -13.45 -10.07 12.82
CA ASN A 101 -14.01 -8.85 13.38
C ASN A 101 -13.13 -7.65 13.01
N PHE A 102 -11.82 -7.83 13.06
CA PHE A 102 -10.87 -6.77 12.75
C PHE A 102 -9.56 -7.34 12.24
N ALA A 103 -8.62 -6.46 11.92
CA ALA A 103 -7.31 -6.88 11.42
C ALA A 103 -6.23 -5.91 11.86
N PHE A 104 -6.38 -5.35 13.06
CA PHE A 104 -5.42 -4.40 13.59
C PHE A 104 -4.67 -4.99 14.78
N GLU A 105 -3.39 -5.30 14.57
CA GLU A 105 -2.56 -5.89 15.62
C GLU A 105 -1.11 -6.01 15.16
N GLY A 106 -0.19 -5.52 15.98
CA GLY A 106 1.21 -5.58 15.64
C GLY A 106 1.56 -4.75 14.42
N ILE A 107 0.74 -3.73 14.15
CA ILE A 107 0.98 -2.86 13.01
C ILE A 107 1.30 -1.43 13.47
N GLY A 108 1.62 -0.57 12.50
CA GLY A 108 1.95 0.80 12.81
C GLY A 108 3.35 1.17 12.39
N ASP A 109 4.28 0.23 12.51
CA ASP A 109 5.68 0.46 12.14
C ASP A 109 5.80 0.65 10.64
N GLU A 110 5.18 -0.25 9.87
CA GLU A 110 5.24 -0.19 8.41
C GLU A 110 3.88 0.19 7.84
N ASP A 111 2.81 -0.09 8.59
CA ASP A 111 1.47 0.22 8.16
C ASP A 111 1.37 1.65 7.64
N LEU A 112 0.39 1.90 6.77
CA LEU A 112 0.20 3.23 6.21
C LEU A 112 -1.11 3.83 6.69
#